data_2ASH
#
_entry.id   2ASH
#
_cell.length_a   169.467
_cell.length_b   99.422
_cell.length_c   124.163
_cell.angle_alpha   90.000
_cell.angle_beta   123.800
_cell.angle_gamma   90.000
#
_symmetry.space_group_name_H-M   'C 1 2 1'
#
loop_
_entity.id
_entity.type
_entity.pdbx_description
1 polymer 'Queuine tRNA-ribosyltransferase'
2 non-polymer 'ZINC ION'
3 non-polymer 'CHLORIDE ION'
4 non-polymer 1,2-ETHANEDIOL
5 water water
#
_entity_poly.entity_id   1
_entity_poly.type   'polypeptide(L)'
_entity_poly.pdbx_seq_one_letter_code
;MGSDKIHHHHHHMEFEVKKTFGKARLGVMKLHHGAVETPVFMPVGTNASVKLLTPRDLEEAGAEIILSNTFHLMLKPGVE
IIKLHRGLHNFMGWKRPILTDSGGFQVFSLPKIRIDDEGVVFRSPIDGSKVFLNPEISMEVQIALGSDICMVFDHCPVPD
ADYEEVKEATERTYRWALRSKKAFKTENQALFGIVQGGIYPDLRRESALQLTSIGFDGYAIGGLSIGEERSLTLEMTEVT
VEFLPEDKPRYFMGGGSPELILELVDRGVDMFDSVFPTRIARHGTALTWNGKLNLKASYNKRSLEPVDERCGCYTCKNFT
RSYIHHLFDRGEVLGQILLTIHNINFMISLMKEVRRSIESGTFKELKSKVVEVYSSGGVNV
;
_entity_poly.pdbx_strand_id   A,B,C,D
#
# COMPACT_ATOMS: atom_id res chain seq x y z
N MET A 13 -6.09 -4.71 46.77
CA MET A 13 -6.11 -3.58 45.79
C MET A 13 -5.03 -2.59 46.22
N GLU A 14 -4.06 -2.34 45.33
CA GLU A 14 -3.00 -1.36 45.58
C GLU A 14 -2.65 -0.74 44.23
N PHE A 15 -2.40 0.56 44.22
CA PHE A 15 -1.94 1.29 43.03
C PHE A 15 -0.77 2.19 43.44
N GLU A 16 0.30 2.21 42.63
CA GLU A 16 1.44 3.10 42.89
C GLU A 16 1.86 3.77 41.58
N VAL A 17 2.09 5.08 41.62
CA VAL A 17 2.74 5.79 40.51
C VAL A 17 4.28 5.80 40.67
N LYS A 18 4.98 5.13 39.76
CA LYS A 18 6.43 4.99 39.85
C LYS A 18 7.20 6.17 39.25
N LYS A 19 6.56 6.91 38.34
CA LYS A 19 7.18 8.03 37.63
C LYS A 19 6.09 8.81 36.93
N THR A 20 6.28 10.11 36.82
CA THR A 20 5.34 10.97 36.14
C THR A 20 6.16 11.79 35.12
N PHE A 21 5.60 12.10 33.98
CA PHE A 21 6.30 12.92 32.99
C PHE A 21 5.29 13.94 32.46
N GLY A 22 5.27 15.09 33.12
CA GLY A 22 4.14 16.04 33.08
C GLY A 22 3.00 15.42 33.85
N LYS A 23 1.83 15.28 33.22
CA LYS A 23 0.71 14.56 33.84
C LYS A 23 0.71 13.02 33.59
N ALA A 24 1.46 12.53 32.60
CA ALA A 24 1.55 11.08 32.34
C ALA A 24 2.12 10.32 33.52
N ARG A 25 1.50 9.22 33.88
CA ARG A 25 1.85 8.43 35.07
C ARG A 25 2.21 6.99 34.71
N LEU A 26 3.38 6.56 35.14
CA LEU A 26 3.76 5.14 35.14
C LEU A 26 3.34 4.57 36.50
N GLY A 27 2.43 3.60 36.50
CA GLY A 27 1.92 2.97 37.73
C GLY A 27 1.77 1.45 37.64
N VAL A 28 1.33 0.84 38.75
CA VAL A 28 1.08 -0.61 38.81
C VAL A 28 -0.08 -0.82 39.75
N MET A 29 -1.06 -1.63 39.33
CA MET A 29 -2.20 -2.08 40.16
C MET A 29 -1.97 -3.53 40.52
N LYS A 30 -2.23 -3.89 41.78
CA LYS A 30 -2.16 -5.27 42.22
C LYS A 30 -3.57 -5.72 42.43
N LEU A 31 -4.03 -6.62 41.57
CA LEU A 31 -5.38 -7.13 41.61
C LEU A 31 -5.32 -8.57 42.02
N HIS A 32 -6.46 -9.14 42.35
CA HIS A 32 -6.50 -10.52 42.84
C HIS A 32 -5.82 -11.55 41.93
N HIS A 33 -5.98 -11.45 40.60
CA HIS A 33 -5.41 -12.42 39.69
C HIS A 33 -4.14 -11.93 39.01
N GLY A 34 -3.53 -10.83 39.45
CA GLY A 34 -2.35 -10.32 38.76
C GLY A 34 -2.04 -8.87 38.96
N ALA A 35 -0.80 -8.50 38.69
CA ALA A 35 -0.35 -7.14 38.63
C ALA A 35 -0.55 -6.60 37.19
N VAL A 36 -0.92 -5.33 37.10
CA VAL A 36 -1.18 -4.68 35.84
C VAL A 36 -0.37 -3.42 35.81
N GLU A 37 0.57 -3.28 34.89
CA GLU A 37 1.28 -1.99 34.81
C GLU A 37 0.38 -1.04 34.01
N THR A 38 0.40 0.22 34.38
CA THR A 38 -0.35 1.27 33.70
C THR A 38 0.59 2.37 33.17
N PRO A 39 0.18 3.10 32.15
CA PRO A 39 -1.08 3.02 31.39
C PRO A 39 -1.31 1.66 30.67
N VAL A 40 -2.58 1.28 30.59
CA VAL A 40 -2.98 -0.05 30.09
C VAL A 40 -4.19 0.09 29.20
N PHE A 41 -4.12 -0.58 28.04
CA PHE A 41 -5.28 -0.81 27.19
C PHE A 41 -5.88 -2.18 27.44
N MET A 42 -7.18 -2.23 27.75
CA MET A 42 -7.92 -3.48 27.97
C MET A 42 -8.73 -3.90 26.73
N PRO A 43 -8.39 -5.05 26.11
CA PRO A 43 -9.27 -5.67 25.09
C PRO A 43 -10.65 -5.93 25.67
N VAL A 44 -11.67 -5.82 24.83
CA VAL A 44 -13.03 -5.86 25.26
C VAL A 44 -13.68 -7.13 24.75
N GLY A 45 -14.29 -7.85 25.68
CA GLY A 45 -15.23 -8.95 25.38
C GLY A 45 -16.64 -8.51 25.72
N THR A 46 -17.61 -9.00 25.05
CA THR A 46 -18.97 -8.68 25.42
C THR A 46 -19.50 -9.93 26.09
N ASN A 47 -19.55 -11.00 25.31
CA ASN A 47 -20.21 -12.23 25.68
C ASN A 47 -19.23 -13.24 26.29
N ALA A 48 -18.41 -12.78 27.25
CA ALA A 48 -17.38 -13.59 27.86
C ALA A 48 -16.40 -14.15 26.82
N SER A 49 -16.10 -13.33 25.82
CA SER A 49 -15.05 -13.62 24.84
C SER A 49 -14.64 -12.35 24.13
N VAL A 50 -13.35 -12.16 23.95
CA VAL A 50 -12.83 -11.16 23.02
C VAL A 50 -12.99 -11.75 21.59
N LYS A 51 -13.78 -11.13 20.72
CA LYS A 51 -14.16 -11.78 19.47
C LYS A 51 -12.98 -12.33 18.62
N LEU A 52 -13.03 -13.63 18.26
CA LEU A 52 -12.05 -14.29 17.40
C LEU A 52 -10.74 -14.68 18.08
N LEU A 53 -10.58 -14.31 19.34
CA LEU A 53 -9.42 -14.64 20.11
C LEU A 53 -9.68 -15.63 21.22
N THR A 54 -8.72 -16.52 21.38
CA THR A 54 -8.59 -17.35 22.57
C THR A 54 -7.80 -16.66 23.69
N PRO A 55 -8.00 -17.10 24.94
CA PRO A 55 -7.18 -16.64 26.01
C PRO A 55 -5.67 -16.81 25.75
N ARG A 56 -5.27 -17.89 25.12
CA ARG A 56 -3.87 -18.04 24.72
C ARG A 56 -3.36 -16.88 23.87
N ASP A 57 -4.14 -16.52 22.85
CA ASP A 57 -3.84 -15.39 21.95
C ASP A 57 -3.64 -14.14 22.78
N LEU A 58 -4.53 -13.94 23.75
CA LEU A 58 -4.42 -12.72 24.61
C LEU A 58 -3.19 -12.76 25.51
N GLU A 59 -2.90 -13.91 26.11
CA GLU A 59 -1.70 -14.04 26.89
C GLU A 59 -0.45 -13.80 26.04
N GLU A 60 -0.42 -14.36 24.82
CA GLU A 60 0.75 -14.21 23.97
C GLU A 60 0.93 -12.78 23.48
N ALA A 61 -0.15 -12.01 23.40
CA ALA A 61 -0.09 -10.60 23.05
C ALA A 61 0.45 -9.78 24.20
N GLY A 62 0.48 -10.36 25.40
CA GLY A 62 0.90 -9.69 26.59
C GLY A 62 -0.19 -8.95 27.31
N ALA A 63 -1.46 -9.30 27.12
CA ALA A 63 -2.55 -8.59 27.82
C ALA A 63 -2.58 -9.01 29.27
N GLU A 64 -2.49 -8.03 30.17
CA GLU A 64 -2.45 -8.30 31.61
C GLU A 64 -3.84 -8.21 32.24
N ILE A 65 -4.79 -7.66 31.49
CA ILE A 65 -6.14 -7.45 31.95
C ILE A 65 -7.03 -7.34 30.71
N ILE A 66 -8.23 -7.88 30.81
CA ILE A 66 -9.26 -7.64 29.82
C ILE A 66 -10.57 -7.05 30.44
N LEU A 67 -11.42 -6.49 29.58
CA LEU A 67 -12.76 -5.99 29.98
C LEU A 67 -13.86 -6.93 29.56
N SER A 68 -14.75 -7.20 30.50
CA SER A 68 -15.94 -7.86 30.15
C SER A 68 -17.18 -7.04 30.38
N ASN A 69 -18.06 -6.99 29.41
CA ASN A 69 -19.34 -6.41 29.75
C ASN A 69 -20.06 -7.50 30.47
N THR A 70 -21.15 -7.14 31.13
CA THR A 70 -21.95 -8.04 31.90
C THR A 70 -23.45 -7.84 31.72
N PHE A 71 -23.80 -6.87 30.91
CA PHE A 71 -25.16 -6.54 30.67
C PHE A 71 -25.65 -7.71 29.89
N HIS A 72 -24.90 -8.07 28.85
CA HIS A 72 -25.29 -9.24 28.10
C HIS A 72 -25.14 -10.54 28.89
N LEU A 73 -24.15 -10.67 29.76
CA LEU A 73 -23.91 -11.92 30.55
C LEU A 73 -24.99 -12.19 31.55
N MET A 74 -25.48 -11.10 32.16
CA MET A 74 -26.62 -11.15 33.02
C MET A 74 -27.82 -11.77 32.29
N LEU A 75 -27.96 -11.44 31.00
CA LEU A 75 -29.05 -11.96 30.19
C LEU A 75 -28.74 -13.40 29.72
N LYS A 76 -27.55 -13.60 29.17
CA LYS A 76 -27.09 -14.90 28.64
C LYS A 76 -25.62 -15.02 28.87
N PRO A 77 -25.18 -16.05 29.57
CA PRO A 77 -25.92 -17.24 30.02
C PRO A 77 -26.63 -17.01 31.38
N GLY A 78 -26.42 -15.88 32.02
CA GLY A 78 -27.03 -15.62 33.28
C GLY A 78 -26.10 -15.99 34.40
N VAL A 79 -26.38 -15.36 35.54
CA VAL A 79 -25.58 -15.51 36.72
C VAL A 79 -25.45 -16.96 37.19
N GLU A 80 -26.53 -17.72 37.14
CA GLU A 80 -26.54 -19.04 37.71
C GLU A 80 -25.58 -19.99 37.00
N ILE A 81 -25.48 -19.91 35.67
CA ILE A 81 -24.53 -20.73 34.92
C ILE A 81 -23.07 -20.34 35.19
N ILE A 82 -22.81 -19.05 35.41
CA ILE A 82 -21.45 -18.60 35.70
C ILE A 82 -21.07 -18.98 37.14
N LYS A 83 -22.04 -18.97 38.07
CA LYS A 83 -21.82 -19.56 39.39
C LYS A 83 -21.41 -21.03 39.33
N LEU A 84 -21.99 -21.82 38.40
CA LEU A 84 -21.67 -23.24 38.29
C LEU A 84 -20.21 -23.40 37.96
N HIS A 85 -19.65 -22.40 37.28
CA HIS A 85 -18.26 -22.41 36.87
C HIS A 85 -17.38 -21.84 37.91
N ARG A 86 -17.98 -21.34 38.97
CA ARG A 86 -17.32 -20.62 40.03
C ARG A 86 -16.66 -19.37 39.53
N GLY A 87 -17.37 -18.61 38.68
CA GLY A 87 -16.89 -17.34 38.19
C GLY A 87 -16.59 -17.21 36.72
N LEU A 88 -16.47 -15.94 36.30
CA LEU A 88 -16.25 -15.59 34.91
C LEU A 88 -14.90 -16.05 34.40
N HIS A 89 -13.90 -16.04 35.28
CA HIS A 89 -12.54 -16.40 34.87
C HIS A 89 -12.51 -17.84 34.41
N ASN A 90 -13.13 -18.73 35.19
CA ASN A 90 -13.27 -20.13 34.84
C ASN A 90 -14.15 -20.34 33.61
N PHE A 91 -15.25 -19.60 33.51
CA PHE A 91 -16.18 -19.75 32.39
C PHE A 91 -15.47 -19.51 31.07
N MET A 92 -14.72 -18.42 30.96
CA MET A 92 -14.08 -18.07 29.71
C MET A 92 -12.62 -18.51 29.58
N GLY A 93 -12.09 -19.25 30.54
CA GLY A 93 -10.72 -19.74 30.47
C GLY A 93 -9.65 -18.66 30.58
N TRP A 94 -9.94 -17.52 31.19
CA TRP A 94 -8.97 -16.44 31.37
C TRP A 94 -8.58 -16.34 32.85
N LYS A 95 -7.32 -16.57 33.14
CA LYS A 95 -6.84 -16.68 34.49
C LYS A 95 -6.16 -15.39 35.04
N ARG A 96 -6.15 -14.30 34.27
CA ARG A 96 -5.57 -13.04 34.68
C ARG A 96 -6.70 -12.09 35.03
N PRO A 97 -6.39 -10.83 35.41
CA PRO A 97 -7.53 -9.98 35.73
C PRO A 97 -8.57 -9.63 34.66
N ILE A 98 -9.78 -9.34 35.17
CA ILE A 98 -10.93 -8.90 34.43
C ILE A 98 -11.52 -7.69 35.15
N LEU A 99 -11.84 -6.67 34.37
CA LEU A 99 -12.68 -5.54 34.81
C LEU A 99 -14.04 -5.76 34.17
N THR A 100 -15.11 -5.67 34.95
CA THR A 100 -16.47 -5.74 34.40
C THR A 100 -17.16 -4.37 34.34
N ASP A 101 -17.64 -4.02 33.16
CA ASP A 101 -18.47 -2.87 32.92
C ASP A 101 -19.82 -3.19 33.53
N SER A 102 -20.45 -2.22 34.16
CA SER A 102 -21.76 -2.43 34.75
C SER A 102 -22.92 -2.24 33.77
N GLY A 103 -22.66 -1.81 32.54
CA GLY A 103 -23.66 -1.83 31.47
C GLY A 103 -24.52 -0.60 31.33
N GLY A 104 -24.14 0.47 32.00
CA GLY A 104 -24.94 1.68 32.02
C GLY A 104 -25.13 2.20 30.62
N PHE A 105 -24.06 2.28 29.85
CA PHE A 105 -24.15 2.80 28.48
C PHE A 105 -25.09 1.95 27.60
N GLN A 106 -24.99 0.63 27.72
CA GLN A 106 -25.83 -0.29 26.96
C GLN A 106 -27.27 -0.15 27.38
N VAL A 107 -27.54 -0.13 28.68
CA VAL A 107 -28.92 -0.13 29.15
C VAL A 107 -29.60 1.17 28.76
N PHE A 108 -28.91 2.27 29.01
CA PHE A 108 -29.57 3.56 28.76
C PHE A 108 -29.59 3.96 27.30
N SER A 109 -28.97 3.15 26.46
CA SER A 109 -29.06 3.30 25.02
C SER A 109 -30.30 2.58 24.44
N LEU A 110 -31.00 1.78 25.24
CA LEU A 110 -32.14 1.00 24.75
C LEU A 110 -33.39 1.86 24.60
N PRO A 111 -34.15 1.66 23.52
CA PRO A 111 -35.40 2.43 23.32
C PRO A 111 -36.51 2.05 24.29
N LYS A 112 -37.33 3.04 24.66
CA LYS A 112 -38.49 2.82 25.51
C LYS A 112 -38.16 2.17 26.87
N ILE A 113 -37.09 2.63 27.53
CA ILE A 113 -36.81 2.18 28.88
C ILE A 113 -37.59 3.06 29.85
N ARG A 114 -37.85 2.54 31.05
CA ARG A 114 -38.57 3.25 32.10
C ARG A 114 -37.53 3.46 33.20
N ILE A 115 -37.17 4.70 33.50
CA ILE A 115 -36.15 5.05 34.48
C ILE A 115 -36.75 5.81 35.66
N ASP A 116 -36.36 5.44 36.87
CA ASP A 116 -36.59 6.29 38.00
C ASP A 116 -35.50 6.05 39.03
N ASP A 117 -35.66 6.59 40.23
CA ASP A 117 -34.65 6.41 41.24
C ASP A 117 -34.47 4.97 41.69
N GLU A 118 -35.53 4.16 41.67
CA GLU A 118 -35.40 2.72 42.05
C GLU A 118 -34.50 1.92 41.07
N GLY A 119 -34.66 2.17 39.77
CA GLY A 119 -33.86 1.48 38.78
C GLY A 119 -34.43 1.71 37.39
N VAL A 120 -34.16 0.77 36.48
CA VAL A 120 -34.58 0.87 35.09
C VAL A 120 -35.26 -0.44 34.63
N VAL A 121 -36.40 -0.35 33.94
CA VAL A 121 -37.03 -1.47 33.26
C VAL A 121 -36.81 -1.28 31.75
N PHE A 122 -36.45 -2.35 31.07
CA PHE A 122 -36.13 -2.31 29.65
C PHE A 122 -36.52 -3.64 29.05
N ARG A 123 -36.66 -3.70 27.73
CA ARG A 123 -36.84 -4.98 27.05
C ARG A 123 -35.51 -5.56 26.70
N SER A 124 -35.33 -6.82 27.05
CA SER A 124 -34.12 -7.53 26.72
C SER A 124 -33.81 -7.45 25.22
N PRO A 125 -32.60 -7.00 24.84
CA PRO A 125 -32.22 -7.03 23.42
C PRO A 125 -32.07 -8.44 22.85
N ILE A 126 -32.12 -9.45 23.70
CA ILE A 126 -31.96 -10.83 23.32
C ILE A 126 -33.31 -11.42 23.02
N ASP A 127 -34.23 -11.33 23.94
CA ASP A 127 -35.52 -11.96 23.71
C ASP A 127 -36.76 -11.10 23.91
N GLY A 128 -36.58 -9.80 24.19
CA GLY A 128 -37.71 -8.90 24.32
C GLY A 128 -38.42 -8.87 25.65
N SER A 129 -38.04 -9.75 26.57
CA SER A 129 -38.73 -9.81 27.85
C SER A 129 -38.35 -8.59 28.73
N LYS A 130 -39.24 -8.22 29.61
CA LYS A 130 -38.97 -7.06 30.46
C LYS A 130 -38.04 -7.47 31.58
N VAL A 131 -36.97 -6.68 31.71
CA VAL A 131 -35.97 -6.84 32.79
C VAL A 131 -35.84 -5.61 33.67
N PHE A 132 -35.60 -5.82 34.97
CA PHE A 132 -35.37 -4.74 35.92
C PHE A 132 -33.91 -4.78 36.33
N LEU A 133 -33.27 -3.62 36.29
CA LEU A 133 -31.91 -3.48 36.71
C LEU A 133 -31.74 -2.23 37.61
N ASN A 134 -30.92 -2.40 38.63
CA ASN A 134 -30.61 -1.36 39.57
C ASN A 134 -29.23 -1.62 40.18
N PRO A 135 -28.73 -0.68 41.03
CA PRO A 135 -27.40 -0.88 41.61
C PRO A 135 -27.23 -2.18 42.41
N GLU A 136 -28.23 -2.51 43.22
CA GLU A 136 -28.14 -3.71 44.04
C GLU A 136 -28.02 -4.96 43.16
N ILE A 137 -28.79 -5.04 42.07
CA ILE A 137 -28.72 -6.17 41.12
C ILE A 137 -27.39 -6.20 40.37
N SER A 138 -26.91 -5.04 39.93
CA SER A 138 -25.64 -4.98 39.22
C SER A 138 -24.51 -5.47 40.10
N MET A 139 -24.49 -5.06 41.38
CA MET A 139 -23.46 -5.54 42.34
C MET A 139 -23.51 -7.05 42.55
N GLU A 140 -24.70 -7.54 42.77
CA GLU A 140 -25.02 -8.96 42.83
C GLU A 140 -24.39 -9.75 41.66
N VAL A 141 -24.65 -9.31 40.43
CA VAL A 141 -24.10 -9.94 39.24
C VAL A 141 -22.56 -9.95 39.26
N GLN A 142 -21.96 -8.80 39.56
CA GLN A 142 -20.52 -8.63 39.47
C GLN A 142 -19.80 -9.41 40.59
N ILE A 143 -20.42 -9.44 41.75
CA ILE A 143 -19.94 -10.28 42.86
C ILE A 143 -19.97 -11.75 42.41
N ALA A 144 -21.07 -12.24 41.86
CA ALA A 144 -21.16 -13.56 41.24
C ALA A 144 -20.14 -13.86 40.13
N LEU A 145 -19.84 -12.88 39.27
CA LEU A 145 -18.84 -13.02 38.24
C LEU A 145 -17.40 -13.09 38.79
N GLY A 146 -17.12 -12.39 39.89
CA GLY A 146 -15.84 -12.39 40.53
C GLY A 146 -14.73 -11.61 39.86
N SER A 147 -15.06 -10.56 39.13
CA SER A 147 -14.07 -9.80 38.43
C SER A 147 -13.19 -9.03 39.42
N ASP A 148 -11.96 -8.78 39.02
CA ASP A 148 -10.96 -8.15 39.87
C ASP A 148 -11.32 -6.70 40.14
N ILE A 149 -11.96 -6.06 39.14
CA ILE A 149 -12.48 -4.67 39.22
C ILE A 149 -13.94 -4.68 38.78
N CYS A 150 -14.81 -4.25 39.70
CA CYS A 150 -16.22 -4.00 39.41
C CYS A 150 -16.47 -2.49 39.30
N MET A 151 -17.41 -2.12 38.43
CA MET A 151 -17.95 -0.78 38.32
C MET A 151 -19.30 -0.65 39.00
N VAL A 152 -19.45 0.49 39.67
CA VAL A 152 -20.76 0.95 40.14
C VAL A 152 -21.74 1.07 38.97
N PHE A 153 -23.04 1.00 39.27
CA PHE A 153 -24.06 1.14 38.28
C PHE A 153 -24.43 2.59 38.22
N ASP A 154 -24.33 3.18 37.03
CA ASP A 154 -24.53 4.61 36.81
C ASP A 154 -25.76 4.83 35.99
N HIS A 155 -26.25 6.07 36.03
CA HIS A 155 -27.19 6.56 35.05
C HIS A 155 -26.39 7.33 34.01
N CYS A 156 -26.15 6.66 32.88
CA CYS A 156 -25.43 7.23 31.79
C CYS A 156 -26.43 7.98 30.91
N PRO A 157 -26.22 9.29 30.69
CA PRO A 157 -27.10 10.03 29.80
C PRO A 157 -27.07 9.42 28.43
N VAL A 158 -28.25 9.25 27.81
CA VAL A 158 -28.36 8.63 26.47
C VAL A 158 -27.95 9.65 25.44
N ALA A 161 -29.07 13.74 24.99
CA ALA A 161 -29.48 14.30 26.29
C ALA A 161 -29.20 15.79 26.31
N ASP A 162 -30.14 16.58 26.86
CA ASP A 162 -29.96 18.05 27.05
C ASP A 162 -29.39 18.29 28.44
N TYR A 163 -29.07 19.53 28.76
CA TYR A 163 -28.42 19.87 30.03
C TYR A 163 -29.17 19.41 31.26
N GLU A 164 -30.49 19.59 31.25
CA GLU A 164 -31.34 19.21 32.38
C GLU A 164 -31.34 17.69 32.55
N GLU A 165 -31.35 16.97 31.43
CA GLU A 165 -31.28 15.50 31.46
C GLU A 165 -29.95 15.03 32.00
N VAL A 166 -28.86 15.64 31.53
CA VAL A 166 -27.52 15.25 31.94
C VAL A 166 -27.41 15.50 33.44
N LYS A 167 -27.98 16.60 33.88
CA LYS A 167 -27.97 16.96 35.29
C LYS A 167 -28.74 15.91 36.14
N GLU A 168 -29.92 15.49 35.70
CA GLU A 168 -30.71 14.48 36.40
C GLU A 168 -29.92 13.19 36.46
N ALA A 169 -29.33 12.77 35.36
CA ALA A 169 -28.59 11.51 35.31
C ALA A 169 -27.31 11.54 36.16
N THR A 170 -26.66 12.69 36.24
CA THR A 170 -25.47 12.88 37.08
C THR A 170 -25.79 12.81 38.56
N GLU A 171 -26.88 13.46 38.97
CA GLU A 171 -27.33 13.39 40.36
C GLU A 171 -27.75 11.98 40.72
N ARG A 172 -28.53 11.36 39.84
CA ARG A 172 -28.93 9.96 40.03
C ARG A 172 -27.73 9.03 40.09
N THR A 173 -26.70 9.31 39.29
CA THR A 173 -25.46 8.56 39.32
C THR A 173 -24.79 8.59 40.70
N TYR A 174 -24.85 9.74 41.36
CA TYR A 174 -24.34 9.85 42.73
C TYR A 174 -25.13 8.95 43.68
N ARG A 175 -26.45 9.06 43.68
CA ARG A 175 -27.29 8.21 44.53
C ARG A 175 -27.13 6.71 44.26
N TRP A 176 -26.93 6.34 42.99
CA TRP A 176 -26.67 4.96 42.65
C TRP A 176 -25.29 4.51 43.02
N ALA A 177 -24.33 5.41 43.06
CA ALA A 177 -22.95 5.09 43.50
C ALA A 177 -22.87 4.69 44.97
N LEU A 178 -23.62 5.41 45.80
CA LEU A 178 -23.81 5.10 47.23
C LEU A 178 -24.44 3.74 47.45
N ARG A 179 -25.53 3.52 46.74
CA ARG A 179 -26.22 2.24 46.76
C ARG A 179 -25.40 1.04 46.27
N SER A 180 -24.58 1.26 45.26
CA SER A 180 -23.71 0.23 44.71
C SER A 180 -22.66 -0.13 45.76
N LYS A 181 -22.03 0.90 46.28
CA LYS A 181 -21.04 0.74 47.34
C LYS A 181 -21.61 0.00 48.55
N LYS A 182 -22.83 0.36 48.98
CA LYS A 182 -23.49 -0.34 50.09
C LYS A 182 -23.81 -1.80 49.85
N ALA A 183 -24.15 -2.14 48.62
CA ALA A 183 -24.46 -3.51 48.24
C ALA A 183 -23.21 -4.29 47.87
N PHE A 184 -22.04 -3.64 47.90
CA PHE A 184 -20.78 -4.30 47.50
C PHE A 184 -20.12 -5.03 48.65
N LYS A 185 -20.63 -6.21 48.97
CA LYS A 185 -20.14 -7.01 50.09
C LYS A 185 -19.44 -8.26 49.59
N THR A 186 -18.13 -8.19 49.50
CA THR A 186 -17.33 -9.25 48.90
C THR A 186 -15.89 -9.16 49.38
N GLU A 187 -15.03 -9.99 48.82
CA GLU A 187 -13.61 -9.91 49.10
C GLU A 187 -12.85 -10.08 47.77
N ASN A 188 -11.70 -9.42 47.68
CA ASN A 188 -10.77 -9.55 46.55
C ASN A 188 -11.22 -8.89 45.25
N GLN A 189 -12.14 -7.93 45.35
CA GLN A 189 -12.68 -7.20 44.22
C GLN A 189 -12.60 -5.71 44.49
N ALA A 190 -12.09 -4.92 43.55
CA ALA A 190 -12.07 -3.45 43.69
C ALA A 190 -13.36 -2.92 43.10
N LEU A 191 -13.76 -1.71 43.53
CA LEU A 191 -14.97 -1.05 43.04
C LEU A 191 -14.59 0.34 42.55
N PHE A 192 -14.89 0.64 41.28
CA PHE A 192 -14.58 1.97 40.69
C PHE A 192 -15.86 2.73 40.57
N GLY A 193 -15.83 4.04 40.85
CA GLY A 193 -16.96 4.91 40.64
C GLY A 193 -16.91 5.46 39.25
N ILE A 194 -18.03 6.00 38.75
CA ILE A 194 -18.05 6.57 37.39
C ILE A 194 -18.47 8.00 37.45
N VAL A 195 -17.60 8.90 37.02
CA VAL A 195 -17.88 10.33 36.96
C VAL A 195 -18.72 10.58 35.71
N GLN A 196 -19.82 11.34 35.87
CA GLN A 196 -20.64 11.77 34.74
C GLN A 196 -20.62 13.29 34.68
N GLY A 197 -21.54 13.89 33.94
CA GLY A 197 -21.58 15.34 33.75
C GLY A 197 -21.57 15.83 32.30
N GLY A 198 -21.56 14.92 31.34
CA GLY A 198 -21.61 15.30 29.92
C GLY A 198 -20.48 16.24 29.54
N ILE A 199 -20.82 17.31 28.83
CA ILE A 199 -19.85 18.32 28.40
C ILE A 199 -19.89 19.59 29.21
N TYR A 200 -20.44 19.50 30.42
CA TYR A 200 -20.67 20.63 31.28
C TYR A 200 -19.69 20.58 32.44
N PRO A 201 -18.70 21.49 32.46
CA PRO A 201 -17.65 21.40 33.48
C PRO A 201 -18.12 21.47 34.92
N ASP A 202 -19.15 22.27 35.20
CA ASP A 202 -19.74 22.39 36.55
C ASP A 202 -20.21 21.04 37.01
N LEU A 203 -20.92 20.34 36.14
CA LEU A 203 -21.47 19.04 36.45
C LEU A 203 -20.37 18.03 36.63
N ARG A 204 -19.35 18.10 35.79
CA ARG A 204 -18.20 17.18 35.86
C ARG A 204 -17.43 17.38 37.15
N ARG A 205 -17.19 18.63 37.53
CA ARG A 205 -16.50 18.96 38.79
C ARG A 205 -17.30 18.46 40.00
N GLU A 206 -18.61 18.68 39.94
CA GLU A 206 -19.52 18.29 41.02
C GLU A 206 -19.57 16.80 41.15
N SER A 207 -19.62 16.09 40.02
CA SER A 207 -19.72 14.64 40.02
C SER A 207 -18.46 14.01 40.57
N ALA A 208 -17.31 14.51 40.14
CA ALA A 208 -16.01 14.06 40.68
C ALA A 208 -15.92 14.30 42.20
N LEU A 209 -16.35 15.46 42.67
CA LEU A 209 -16.31 15.74 44.11
C LEU A 209 -17.29 14.85 44.86
N GLN A 210 -18.46 14.64 44.29
CA GLN A 210 -19.45 13.70 44.89
C GLN A 210 -18.91 12.28 45.10
N LEU A 211 -18.36 11.67 44.06
CA LEU A 211 -17.93 10.27 44.13
C LEU A 211 -16.67 10.08 44.97
N THR A 212 -15.77 11.03 44.81
CA THR A 212 -14.61 11.23 45.66
C THR A 212 -14.88 11.36 47.18
N SER A 213 -15.99 12.03 47.51
CA SER A 213 -16.54 12.04 48.87
C SER A 213 -17.11 10.71 49.35
N ILE A 214 -17.44 9.79 48.44
CA ILE A 214 -17.99 8.50 48.81
C ILE A 214 -16.81 7.61 49.08
N GLY A 215 -15.88 7.61 48.15
CA GLY A 215 -14.63 6.86 48.29
C GLY A 215 -14.63 5.56 47.52
N PHE A 216 -13.78 5.46 46.48
CA PHE A 216 -13.65 4.23 45.71
C PHE A 216 -12.20 3.83 45.46
N ASP A 217 -12.03 2.65 44.89
CA ASP A 217 -10.72 2.13 44.56
C ASP A 217 -10.10 2.79 43.34
N GLY A 218 -10.92 3.43 42.54
CA GLY A 218 -10.49 4.06 41.30
C GLY A 218 -11.68 4.78 40.74
N TYR A 219 -11.43 5.59 39.73
CA TYR A 219 -12.43 6.46 39.18
C TYR A 219 -12.46 6.43 37.67
N ALA A 220 -13.63 6.16 37.12
CA ALA A 220 -13.80 6.16 35.68
C ALA A 220 -14.43 7.51 35.26
N ILE A 221 -14.13 7.86 34.01
CA ILE A 221 -14.67 9.04 33.40
C ILE A 221 -15.67 8.53 32.36
N GLY A 222 -16.93 8.75 32.64
CA GLY A 222 -18.01 8.17 31.86
C GLY A 222 -18.62 9.23 30.97
N GLY A 223 -19.32 8.79 29.96
CA GLY A 223 -20.09 9.75 29.21
C GLY A 223 -19.38 10.56 28.14
N LEU A 224 -18.15 10.17 27.79
CA LEU A 224 -17.39 10.82 26.74
C LEU A 224 -17.04 9.86 25.60
N SER A 225 -16.46 10.42 24.54
CA SER A 225 -16.23 9.71 23.28
C SER A 225 -17.52 8.98 22.78
N ILE A 226 -18.65 9.63 22.96
CA ILE A 226 -19.93 9.09 22.50
C ILE A 226 -20.50 10.00 21.42
N GLY A 227 -19.70 10.93 20.90
CA GLY A 227 -20.17 11.80 19.87
C GLY A 227 -19.76 13.25 19.98
N GLU A 228 -19.45 13.72 21.18
CA GLU A 228 -19.02 15.12 21.33
C GLU A 228 -17.72 15.36 20.56
N GLU A 229 -17.43 16.62 20.26
CA GLU A 229 -16.20 17.00 19.57
C GLU A 229 -14.97 16.58 20.42
N ARG A 230 -13.90 16.16 19.76
CA ARG A 230 -12.67 15.69 20.43
C ARG A 230 -12.11 16.68 21.43
N SER A 231 -12.16 17.95 21.09
CA SER A 231 -11.65 19.01 21.97
C SER A 231 -12.42 19.00 23.28
N LEU A 232 -13.72 18.72 23.21
CA LEU A 232 -14.56 18.60 24.40
C LEU A 232 -14.28 17.37 25.26
N THR A 233 -14.02 16.25 24.58
CA THR A 233 -13.54 15.03 25.21
C THR A 233 -12.29 15.29 26.06
N LEU A 234 -11.34 16.01 25.49
CA LEU A 234 -10.08 16.31 26.15
C LEU A 234 -10.27 17.30 27.27
N GLU A 235 -10.99 18.41 27.03
CA GLU A 235 -11.25 19.41 28.09
C GLU A 235 -12.03 18.85 29.29
N MET A 236 -13.00 17.97 29.04
CA MET A 236 -13.77 17.37 30.12
C MET A 236 -12.97 16.36 30.95
N THR A 237 -12.06 15.62 30.29
CA THR A 237 -11.12 14.76 30.97
C THR A 237 -10.25 15.63 31.91
N GLU A 238 -9.69 16.71 31.42
CA GLU A 238 -8.88 17.62 32.25
C GLU A 238 -9.62 18.15 33.47
N VAL A 239 -10.86 18.57 33.26
CA VAL A 239 -11.69 19.08 34.34
C VAL A 239 -11.90 18.03 35.42
N THR A 240 -12.16 16.78 35.02
CA THR A 240 -12.47 15.69 35.95
C THR A 240 -11.22 15.29 36.69
N VAL A 241 -10.14 15.13 35.93
CA VAL A 241 -8.88 14.64 36.46
C VAL A 241 -8.34 15.63 37.50
N GLU A 242 -8.65 16.91 37.35
CA GLU A 242 -8.34 17.92 38.39
C GLU A 242 -8.93 17.58 39.77
N PHE A 243 -10.05 16.86 39.81
CA PHE A 243 -10.70 16.53 41.08
C PHE A 243 -10.63 15.05 41.50
N LEU A 244 -9.78 14.27 40.81
CA LEU A 244 -9.63 12.86 41.08
C LEU A 244 -8.29 12.64 41.77
N PRO A 245 -8.25 11.81 42.82
CA PRO A 245 -7.01 11.62 43.56
C PRO A 245 -5.89 11.07 42.67
N GLU A 246 -4.67 11.52 42.91
CA GLU A 246 -3.51 11.08 42.16
C GLU A 246 -3.13 9.66 42.58
N ASP A 247 -3.55 9.22 43.76
CA ASP A 247 -3.12 7.89 44.25
C ASP A 247 -4.05 6.73 43.90
N LYS A 248 -5.01 6.99 43.01
CA LYS A 248 -5.95 5.98 42.51
C LYS A 248 -5.89 6.00 40.99
N PRO A 249 -6.23 4.85 40.35
CA PRO A 249 -6.34 4.79 38.90
C PRO A 249 -7.46 5.70 38.35
N ARG A 250 -7.20 6.25 37.16
CA ARG A 250 -8.13 7.02 36.36
C ARG A 250 -8.38 6.18 35.10
N TYR A 251 -9.65 5.92 34.81
CA TYR A 251 -10.04 5.08 33.69
C TYR A 251 -11.01 5.77 32.74
N PHE A 252 -10.57 6.00 31.52
CA PHE A 252 -11.43 6.60 30.54
C PHE A 252 -12.22 5.52 29.87
N MET A 253 -13.54 5.62 29.93
CA MET A 253 -14.35 4.54 29.34
C MET A 253 -14.64 4.75 27.84
N GLY A 254 -14.26 3.75 27.03
CA GLY A 254 -14.55 3.72 25.61
C GLY A 254 -13.54 4.49 24.81
N GLY A 255 -13.78 4.68 23.52
CA GLY A 255 -12.86 5.51 22.69
C GLY A 255 -11.76 4.67 22.07
N GLY A 256 -10.60 4.61 22.75
CA GLY A 256 -9.47 3.68 22.46
C GLY A 256 -8.72 3.75 21.13
N SER A 257 -8.88 4.83 20.36
CA SER A 257 -8.06 5.11 19.20
C SER A 257 -6.66 5.52 19.73
N PRO A 258 -5.56 5.09 19.08
CA PRO A 258 -4.22 5.42 19.54
C PRO A 258 -3.93 6.89 19.83
N GLU A 259 -4.37 7.80 18.98
CA GLU A 259 -4.14 9.22 19.21
C GLU A 259 -5.00 9.75 20.39
N LEU A 260 -6.21 9.25 20.62
CA LEU A 260 -6.97 9.63 21.82
C LEU A 260 -6.32 9.16 23.13
N ILE A 261 -5.88 7.90 23.14
CA ILE A 261 -5.29 7.30 24.31
C ILE A 261 -4.03 8.10 24.70
N LEU A 262 -3.23 8.46 23.69
CA LEU A 262 -2.03 9.28 23.97
C LEU A 262 -2.36 10.65 24.45
N GLU A 263 -3.33 11.33 23.84
CA GLU A 263 -3.78 12.58 24.41
C GLU A 263 -4.26 12.45 25.85
N LEU A 264 -4.94 11.38 26.16
CA LEU A 264 -5.53 11.21 27.50
C LEU A 264 -4.47 10.82 28.54
N VAL A 265 -3.52 9.94 28.17
CA VAL A 265 -2.35 9.66 29.04
C VAL A 265 -1.65 10.94 29.40
N ASP A 266 -1.46 11.82 28.43
CA ASP A 266 -0.81 13.10 28.64
C ASP A 266 -1.60 14.02 29.61
N ARG A 267 -2.84 13.66 29.95
CA ARG A 267 -3.72 14.40 30.84
C ARG A 267 -4.01 13.65 32.13
N GLY A 268 -3.36 12.51 32.33
CA GLY A 268 -3.35 11.82 33.63
C GLY A 268 -4.25 10.60 33.70
N VAL A 269 -4.67 10.07 32.54
CA VAL A 269 -5.47 8.87 32.53
C VAL A 269 -4.59 7.61 32.44
N ASP A 270 -4.99 6.59 33.18
CA ASP A 270 -4.25 5.33 33.40
C ASP A 270 -4.78 4.11 32.62
N MET A 271 -6.11 3.99 32.49
CA MET A 271 -6.75 2.82 31.89
C MET A 271 -7.72 3.21 30.80
N PHE A 272 -7.84 2.32 29.84
CA PHE A 272 -8.55 2.48 28.59
C PHE A 272 -9.13 1.18 28.11
N ASP A 273 -10.22 1.27 27.37
CA ASP A 273 -10.81 0.11 26.71
C ASP A 273 -11.44 0.57 25.42
N SER A 274 -11.50 -0.33 24.46
CA SER A 274 -12.31 -0.12 23.28
C SER A 274 -12.50 -1.40 22.50
N VAL A 275 -13.65 -1.51 21.82
CA VAL A 275 -13.79 -2.54 20.78
C VAL A 275 -13.11 -2.13 19.47
N PHE A 276 -12.61 -0.89 19.37
CA PHE A 276 -12.01 -0.39 18.14
C PHE A 276 -10.99 -1.36 17.51
N PRO A 277 -9.98 -1.85 18.25
CA PRO A 277 -9.00 -2.66 17.49
C PRO A 277 -9.49 -4.02 16.97
N THR A 278 -10.42 -4.62 17.68
CA THR A 278 -10.96 -5.95 17.30
C THR A 278 -11.99 -5.75 16.20
N ARG A 279 -12.87 -4.78 16.39
CA ARG A 279 -13.86 -4.46 15.41
C ARG A 279 -13.25 -4.03 14.08
N ILE A 280 -12.23 -3.15 14.07
CA ILE A 280 -11.70 -2.73 12.76
C ILE A 280 -10.89 -3.83 12.09
N ALA A 281 -10.28 -4.72 12.85
CA ALA A 281 -9.64 -5.94 12.30
C ALA A 281 -10.62 -6.74 11.46
N ARG A 282 -11.84 -6.90 11.93
CA ARG A 282 -12.85 -7.67 11.20
C ARG A 282 -13.32 -7.00 9.95
N HIS A 283 -13.20 -5.70 9.88
CA HIS A 283 -13.43 -4.94 8.67
C HIS A 283 -12.22 -4.87 7.75
N GLY A 284 -11.11 -5.45 8.14
CA GLY A 284 -9.94 -5.54 7.29
C GLY A 284 -8.87 -4.50 7.46
N THR A 285 -8.86 -3.80 8.59
CA THR A 285 -7.89 -2.71 8.86
C THR A 285 -6.99 -3.12 9.98
N ALA A 286 -5.69 -3.02 9.70
CA ALA A 286 -4.67 -3.17 10.69
C ALA A 286 -4.22 -1.86 11.34
N LEU A 287 -3.96 -1.91 12.63
CA LEU A 287 -3.31 -0.80 13.36
C LEU A 287 -1.82 -1.07 13.40
N THR A 288 -1.05 -0.23 12.73
CA THR A 288 0.38 -0.41 12.62
C THR A 288 1.09 0.82 13.21
N TRP A 289 2.39 0.72 13.33
CA TRP A 289 3.16 1.85 13.79
C TRP A 289 3.21 2.97 12.78
N ASN A 290 2.77 2.69 11.56
CA ASN A 290 2.64 3.71 10.54
C ASN A 290 1.25 4.25 10.33
N GLY A 291 0.32 3.90 11.19
CA GLY A 291 -1.06 4.25 11.00
C GLY A 291 -1.87 3.05 10.54
N LYS A 292 -3.12 3.34 10.22
CA LYS A 292 -4.00 2.31 9.72
C LYS A 292 -3.51 1.80 8.34
N LEU A 293 -3.62 0.50 8.14
CA LEU A 293 -3.36 -0.19 6.89
C LEU A 293 -4.62 -0.94 6.53
N ASN A 294 -5.19 -0.59 5.38
CA ASN A 294 -6.38 -1.26 4.87
C ASN A 294 -6.02 -2.43 3.99
N LEU A 295 -6.10 -3.63 4.54
CA LEU A 295 -5.70 -4.84 3.81
C LEU A 295 -6.60 -5.16 2.59
N LYS A 296 -7.81 -4.61 2.56
CA LYS A 296 -8.66 -4.73 1.40
C LYS A 296 -8.24 -3.82 0.26
N ALA A 297 -7.37 -2.83 0.46
CA ALA A 297 -6.93 -1.97 -0.63
C ALA A 297 -6.05 -2.72 -1.60
N SER A 298 -6.08 -2.32 -2.85
CA SER A 298 -5.40 -3.11 -3.89
C SER A 298 -3.89 -2.95 -3.80
N TYR A 299 -3.43 -1.93 -3.10
CA TYR A 299 -2.03 -1.72 -2.79
C TYR A 299 -1.36 -2.85 -1.97
N ASN A 300 -2.13 -3.83 -1.51
CA ASN A 300 -1.63 -5.02 -0.86
C ASN A 300 -1.68 -6.29 -1.69
N LYS A 301 -2.25 -6.26 -2.90
CA LYS A 301 -2.65 -7.49 -3.59
C LYS A 301 -1.42 -8.33 -3.94
N ARG A 302 -0.30 -7.65 -4.20
CA ARG A 302 0.95 -8.31 -4.59
C ARG A 302 2.07 -8.01 -3.60
N SER A 303 1.71 -7.53 -2.40
CA SER A 303 2.72 -7.18 -1.39
C SER A 303 3.33 -8.40 -0.67
N LEU A 304 4.65 -8.50 -0.68
CA LEU A 304 5.29 -9.60 0.03
C LEU A 304 5.72 -9.15 1.45
N GLU A 305 5.25 -8.00 1.90
CA GLU A 305 5.69 -7.43 3.17
C GLU A 305 4.73 -7.95 4.29
N PRO A 306 5.19 -7.98 5.54
CA PRO A 306 4.25 -8.29 6.60
C PRO A 306 3.27 -7.11 6.90
N VAL A 307 2.27 -7.34 7.75
CA VAL A 307 1.41 -6.23 8.15
C VAL A 307 2.19 -5.06 8.76
N ASP A 308 3.11 -5.34 9.69
CA ASP A 308 3.92 -4.28 10.24
C ASP A 308 5.33 -4.82 10.41
N GLU A 309 6.28 -4.17 9.75
CA GLU A 309 7.75 -4.46 9.85
C GLU A 309 8.33 -4.47 11.27
N ARG A 310 7.69 -3.73 12.18
CA ARG A 310 8.14 -3.59 13.56
C ARG A 310 7.34 -4.41 14.53
N CYS A 311 6.58 -5.38 14.03
CA CYS A 311 5.76 -6.18 14.90
C CYS A 311 6.28 -7.61 14.97
N GLY A 312 6.29 -8.15 16.17
CA GLY A 312 6.66 -9.54 16.37
C GLY A 312 5.54 -10.55 16.52
N CYS A 313 4.32 -10.18 16.22
CA CYS A 313 3.18 -11.11 16.37
C CYS A 313 3.19 -12.23 15.36
N TYR A 314 2.39 -13.26 15.66
CA TYR A 314 2.22 -14.44 14.82
C TYR A 314 1.88 -14.08 13.38
N THR A 315 0.97 -13.15 13.21
CA THR A 315 0.58 -12.69 11.89
C THR A 315 1.69 -12.06 11.08
N CYS A 316 2.42 -11.16 11.70
CA CYS A 316 3.53 -10.46 11.02
C CYS A 316 4.76 -11.38 10.78
N LYS A 317 4.93 -12.41 11.61
CA LYS A 317 5.99 -13.39 11.43
C LYS A 317 5.76 -14.32 10.25
N ASN A 318 4.52 -14.65 9.98
CA ASN A 318 4.23 -15.76 9.09
C ASN A 318 3.60 -15.45 7.75
N PHE A 319 3.00 -14.29 7.60
CA PHE A 319 2.09 -13.99 6.47
C PHE A 319 2.43 -12.64 5.82
N THR A 320 2.14 -12.57 4.52
CA THR A 320 2.25 -11.38 3.72
C THR A 320 0.91 -10.63 3.61
N ARG A 321 1.01 -9.32 3.40
CA ARG A 321 -0.12 -8.50 3.05
C ARG A 321 -0.91 -9.07 1.88
N SER A 322 -0.22 -9.63 0.91
CA SER A 322 -0.87 -10.30 -0.22
C SER A 322 -1.80 -11.45 0.19
N TYR A 323 -1.34 -12.29 1.11
CA TYR A 323 -2.11 -13.42 1.53
C TYR A 323 -3.35 -12.96 2.32
N ILE A 324 -3.17 -11.98 3.21
CA ILE A 324 -4.31 -11.45 3.98
C ILE A 324 -5.33 -10.71 3.16
N HIS A 325 -4.90 -9.89 2.22
CA HIS A 325 -5.76 -9.29 1.16
C HIS A 325 -6.60 -10.42 0.46
N HIS A 326 -5.90 -11.46 0.06
CA HIS A 326 -6.56 -12.61 -0.52
C HIS A 326 -7.63 -13.22 0.35
N LEU A 327 -7.36 -13.39 1.63
CA LEU A 327 -8.33 -14.00 2.53
C LEU A 327 -9.58 -13.11 2.67
N PHE A 328 -9.39 -11.80 2.78
CA PHE A 328 -10.53 -10.89 2.77
C PHE A 328 -11.25 -10.87 1.45
N ASP A 329 -10.51 -10.92 0.35
CA ASP A 329 -11.13 -11.03 -1.01
C ASP A 329 -12.09 -12.23 -1.12
N ARG A 330 -11.72 -13.36 -0.54
CA ARG A 330 -12.47 -14.58 -0.60
C ARG A 330 -13.45 -14.76 0.53
N GLY A 331 -13.54 -13.80 1.45
CA GLY A 331 -14.41 -13.97 2.60
C GLY A 331 -13.97 -14.98 3.65
N GLU A 332 -12.65 -15.26 3.77
CA GLU A 332 -12.18 -16.15 4.77
C GLU A 332 -12.12 -15.43 6.11
N VAL A 333 -12.76 -16.01 7.10
CA VAL A 333 -12.72 -15.46 8.47
C VAL A 333 -11.32 -15.51 9.04
N LEU A 334 -10.46 -16.42 8.57
CA LEU A 334 -9.06 -16.40 8.98
C LEU A 334 -8.40 -15.04 8.77
N GLY A 335 -8.77 -14.30 7.75
CA GLY A 335 -8.20 -12.93 7.62
C GLY A 335 -8.54 -12.02 8.80
N GLN A 336 -9.80 -12.09 9.25
CA GLN A 336 -10.29 -11.36 10.42
C GLN A 336 -9.57 -11.83 11.69
N ILE A 337 -9.40 -13.12 11.85
CA ILE A 337 -8.62 -13.65 12.98
C ILE A 337 -7.17 -13.11 13.02
N LEU A 338 -6.50 -13.18 11.88
CA LEU A 338 -5.11 -12.74 11.79
C LEU A 338 -4.92 -11.25 12.08
N LEU A 339 -5.83 -10.41 11.60
CA LEU A 339 -5.80 -9.00 11.92
C LEU A 339 -6.21 -8.72 13.37
N THR A 340 -7.13 -9.50 13.98
CA THR A 340 -7.47 -9.32 15.38
C THR A 340 -6.26 -9.62 16.23
N ILE A 341 -5.58 -10.75 15.94
CA ILE A 341 -4.32 -11.05 16.64
C ILE A 341 -3.30 -9.92 16.50
N HIS A 342 -3.12 -9.39 15.30
CA HIS A 342 -2.16 -8.31 15.10
C HIS A 342 -2.56 -7.03 15.84
N ASN A 343 -3.83 -6.69 15.75
CA ASN A 343 -4.33 -5.43 16.31
C ASN A 343 -4.26 -5.37 17.82
N ILE A 344 -4.54 -6.51 18.48
CA ILE A 344 -4.41 -6.60 19.93
C ILE A 344 -2.94 -6.60 20.33
N ASN A 345 -2.09 -7.35 19.61
CA ASN A 345 -0.63 -7.21 19.80
C ASN A 345 -0.13 -5.76 19.74
N PHE A 346 -0.55 -5.05 18.70
CA PHE A 346 -0.23 -3.65 18.51
C PHE A 346 -0.70 -2.76 19.68
N MET A 347 -1.92 -2.95 20.18
CA MET A 347 -2.41 -2.14 21.32
C MET A 347 -1.62 -2.37 22.57
N ILE A 348 -1.32 -3.64 22.89
CA ILE A 348 -0.54 -3.93 24.05
C ILE A 348 0.86 -3.37 23.84
N SER A 349 1.44 -3.55 22.66
CA SER A 349 2.77 -3.03 22.40
C SER A 349 2.85 -1.47 22.46
N LEU A 350 1.83 -0.77 21.98
CA LEU A 350 1.69 0.70 22.07
C LEU A 350 1.76 1.11 23.54
N MET A 351 1.00 0.44 24.38
CA MET A 351 0.97 0.80 25.79
C MET A 351 2.27 0.51 26.51
N LYS A 352 2.96 -0.57 26.11
CA LYS A 352 4.29 -0.85 26.62
C LYS A 352 5.28 0.22 26.18
N GLU A 353 5.19 0.67 24.93
CA GLU A 353 5.96 1.82 24.45
C GLU A 353 5.70 3.10 25.21
N VAL A 354 4.44 3.37 25.51
CA VAL A 354 4.06 4.51 26.32
C VAL A 354 4.71 4.47 27.72
N ARG A 355 4.59 3.33 28.39
CA ARG A 355 5.21 3.14 29.68
C ARG A 355 6.72 3.34 29.66
N ARG A 356 7.38 2.83 28.63
CA ARG A 356 8.83 2.93 28.45
C ARG A 356 9.23 4.40 28.26
N SER A 357 8.43 5.12 27.48
CA SER A 357 8.67 6.55 27.19
C SER A 357 8.48 7.46 28.41
N ILE A 358 7.60 7.07 29.32
CA ILE A 358 7.40 7.80 30.55
C ILE A 358 8.61 7.55 31.45
N GLU A 359 9.07 6.30 31.55
CA GLU A 359 10.31 5.96 32.31
C GLU A 359 11.57 6.69 31.78
N SER A 360 11.64 6.88 30.47
CA SER A 360 12.76 7.49 29.75
C SER A 360 12.66 9.00 29.56
N GLY A 361 11.49 9.59 29.80
CA GLY A 361 11.28 11.01 29.55
C GLY A 361 11.24 11.29 28.06
N THR A 362 10.88 10.31 27.26
CA THR A 362 10.78 10.53 25.82
C THR A 362 9.30 10.49 25.38
N PHE A 363 8.38 10.65 26.33
CA PHE A 363 6.92 10.51 26.04
C PHE A 363 6.45 11.52 25.00
N LYS A 364 7.00 12.73 25.00
CA LYS A 364 6.54 13.71 24.02
C LYS A 364 6.96 13.33 22.61
N GLU A 365 8.13 12.69 22.50
CA GLU A 365 8.60 12.23 21.21
C GLU A 365 7.66 11.15 20.70
N LEU A 366 7.30 10.21 21.58
CA LEU A 366 6.38 9.14 21.21
C LEU A 366 5.01 9.66 20.80
N LYS A 367 4.48 10.59 21.60
CA LYS A 367 3.17 11.10 21.36
C LYS A 367 3.15 11.81 20.01
N SER A 368 4.18 12.62 19.71
CA SER A 368 4.23 13.27 18.43
C SER A 368 4.21 12.26 17.25
N LYS A 369 4.97 11.19 17.35
CA LYS A 369 4.97 10.20 16.28
C LYS A 369 3.63 9.47 16.11
N VAL A 370 2.98 9.12 17.22
CA VAL A 370 1.64 8.47 17.20
C VAL A 370 0.58 9.40 16.65
N VAL A 371 0.49 10.61 17.20
CA VAL A 371 -0.49 11.58 16.71
C VAL A 371 -0.28 11.89 15.22
N GLU A 372 0.95 11.84 14.75
CA GLU A 372 1.26 12.12 13.36
C GLU A 372 0.62 11.12 12.43
N VAL A 373 0.78 9.84 12.74
CA VAL A 373 0.24 8.77 11.87
C VAL A 373 -1.21 8.36 12.17
N TYR A 374 -1.75 8.75 13.32
CA TYR A 374 -3.14 8.50 13.61
C TYR A 374 -4.02 9.75 13.55
N SER A 375 -3.61 10.72 12.73
CA SER A 375 -4.46 11.89 12.35
C SER A 375 -5.93 11.71 12.74
N GLU B 14 9.17 -41.55 -2.14
CA GLU B 14 9.43 -42.90 -1.53
C GLU B 14 8.28 -43.25 -0.60
N PHE B 15 7.89 -44.54 -0.59
CA PHE B 15 6.82 -45.08 0.28
C PHE B 15 7.16 -46.49 0.71
N GLU B 16 6.93 -46.77 1.99
CA GLU B 16 7.30 -48.06 2.57
C GLU B 16 6.23 -48.52 3.51
N VAL B 17 5.72 -49.73 3.30
CA VAL B 17 4.82 -50.39 4.24
C VAL B 17 5.63 -51.05 5.35
N LYS B 18 5.45 -50.58 6.58
CA LYS B 18 6.20 -51.10 7.72
C LYS B 18 5.57 -52.34 8.31
N LYS B 19 4.24 -52.41 8.29
CA LYS B 19 3.54 -53.54 8.89
C LYS B 19 2.18 -53.65 8.25
N THR B 20 1.64 -54.87 8.19
CA THR B 20 0.26 -55.04 7.80
C THR B 20 -0.47 -55.82 8.90
N PHE B 21 -1.75 -55.56 9.04
CA PHE B 21 -2.63 -56.30 9.90
C PHE B 21 -3.84 -56.61 9.06
N GLY B 22 -3.93 -57.83 8.55
CA GLY B 22 -4.89 -58.13 7.49
C GLY B 22 -4.54 -57.30 6.28
N LYS B 23 -5.48 -56.51 5.77
CA LYS B 23 -5.15 -55.62 4.65
C LYS B 23 -4.72 -54.23 5.11
N ALA B 24 -4.89 -53.91 6.40
CA ALA B 24 -4.52 -52.61 6.93
C ALA B 24 -2.99 -52.47 6.92
N ARG B 25 -2.50 -51.38 6.37
CA ARG B 25 -1.10 -51.12 6.21
C ARG B 25 -0.65 -49.96 7.08
N LEU B 26 0.45 -50.16 7.79
CA LEU B 26 1.19 -49.10 8.43
C LEU B 26 2.34 -48.72 7.53
N GLY B 27 2.39 -47.48 7.07
CA GLY B 27 3.39 -47.02 6.10
C GLY B 27 3.96 -45.64 6.36
N VAL B 28 4.94 -45.24 5.54
CA VAL B 28 5.52 -43.89 5.59
C VAL B 28 5.89 -43.40 4.17
N MET B 29 5.44 -42.20 3.83
CA MET B 29 5.80 -41.46 2.59
C MET B 29 6.85 -40.44 2.91
N LYS B 30 7.85 -40.29 2.07
CA LYS B 30 8.82 -39.25 2.26
C LYS B 30 8.60 -38.26 1.15
N LEU B 31 8.10 -37.09 1.51
CA LEU B 31 7.78 -36.05 0.56
C LEU B 31 8.77 -34.90 0.66
N HIS B 32 8.72 -33.97 -0.28
CA HIS B 32 9.69 -32.91 -0.27
C HIS B 32 9.75 -32.10 1.04
N HIS B 33 8.60 -31.81 1.66
CA HIS B 33 8.55 -30.98 2.85
C HIS B 33 8.38 -31.76 4.14
N GLY B 34 8.52 -33.07 4.06
CA GLY B 34 8.38 -33.90 5.26
C GLY B 34 7.96 -35.32 5.04
N ALA B 35 8.10 -36.12 6.09
CA ALA B 35 7.63 -37.52 6.09
C ALA B 35 6.21 -37.54 6.62
N VAL B 36 5.42 -38.48 6.10
CA VAL B 36 4.04 -38.61 6.44
C VAL B 36 3.75 -40.07 6.77
N GLU B 37 3.40 -40.34 8.02
CA GLU B 37 2.98 -41.68 8.40
C GLU B 37 1.52 -41.95 7.99
N THR B 38 1.26 -43.17 7.57
CA THR B 38 -0.03 -43.60 7.07
C THR B 38 -0.48 -44.86 7.83
N PRO B 39 -1.79 -45.09 7.93
CA PRO B 39 -2.88 -44.24 7.36
C PRO B 39 -3.00 -42.80 7.90
N VAL B 40 -3.40 -41.89 7.01
CA VAL B 40 -3.40 -40.45 7.28
C VAL B 40 -4.71 -39.79 6.77
N PHE B 41 -5.25 -38.92 7.60
CA PHE B 41 -6.34 -38.01 7.24
C PHE B 41 -5.77 -36.65 6.95
N MET B 42 -6.13 -36.11 5.79
CA MET B 42 -5.73 -34.75 5.40
C MET B 42 -6.86 -33.70 5.56
N PRO B 43 -6.64 -32.74 6.47
CA PRO B 43 -7.55 -31.59 6.50
C PRO B 43 -7.58 -30.87 5.16
N VAL B 44 -8.73 -30.35 4.81
CA VAL B 44 -8.97 -29.80 3.51
C VAL B 44 -9.13 -28.28 3.59
N GLY B 45 -8.41 -27.59 2.71
CA GLY B 45 -8.66 -26.17 2.43
C GLY B 45 -9.06 -25.88 1.01
N THR B 46 -9.73 -24.77 0.78
CA THR B 46 -10.11 -24.34 -0.56
C THR B 46 -9.41 -23.06 -1.02
N ASN B 47 -9.27 -22.10 -0.14
CA ASN B 47 -8.73 -20.81 -0.60
C ASN B 47 -7.36 -20.59 0.02
N ALA B 48 -6.49 -21.61 -0.05
CA ALA B 48 -5.17 -21.57 0.56
C ALA B 48 -5.29 -21.34 2.09
N SER B 49 -6.23 -22.05 2.72
CA SER B 49 -6.43 -22.08 4.15
C SER B 49 -7.37 -23.21 4.50
N VAL B 50 -7.16 -23.77 5.68
CA VAL B 50 -8.14 -24.63 6.31
C VAL B 50 -9.01 -23.66 7.13
N LYS B 51 -10.31 -23.57 6.82
CA LYS B 51 -11.14 -22.53 7.39
C LYS B 51 -11.04 -22.45 8.93
N LEU B 52 -10.80 -21.24 9.43
CA LEU B 52 -10.72 -20.89 10.88
C LEU B 52 -9.47 -21.35 11.60
N LEU B 53 -8.59 -22.05 10.91
CA LEU B 53 -7.33 -22.52 11.46
C LEU B 53 -6.08 -21.79 10.91
N THR B 54 -5.14 -21.56 11.79
CA THR B 54 -3.80 -21.18 11.42
C THR B 54 -2.94 -22.40 11.19
N PRO B 55 -1.85 -22.22 10.46
CA PRO B 55 -0.84 -23.25 10.38
C PRO B 55 -0.38 -23.77 11.77
N ARG B 56 -0.27 -22.89 12.76
CA ARG B 56 0.10 -23.33 14.14
C ARG B 56 -0.89 -24.32 14.76
N ASP B 57 -2.20 -24.05 14.63
CA ASP B 57 -3.24 -24.98 15.04
C ASP B 57 -3.12 -26.34 14.36
N LEU B 58 -2.88 -26.33 13.06
CA LEU B 58 -2.66 -27.57 12.29
C LEU B 58 -1.43 -28.35 12.79
N GLU B 59 -0.32 -27.66 13.02
CA GLU B 59 0.87 -28.28 13.54
C GLU B 59 0.63 -28.87 14.92
N GLU B 60 -0.01 -28.11 15.80
CA GLU B 60 -0.26 -28.56 17.14
C GLU B 60 -1.24 -29.73 17.21
N ALA B 61 -2.13 -29.85 16.23
CA ALA B 61 -2.99 -31.02 16.06
C ALA B 61 -2.22 -32.25 15.64
N GLY B 62 -1.02 -32.07 15.08
CA GLY B 62 -0.20 -33.15 14.61
C GLY B 62 -0.40 -33.44 13.13
N ALA B 63 -1.02 -32.51 12.39
CA ALA B 63 -1.23 -32.71 10.95
C ALA B 63 0.13 -32.74 10.22
N GLU B 64 0.45 -33.87 9.60
CA GLU B 64 1.70 -33.99 8.84
C GLU B 64 1.58 -33.61 7.32
N ILE B 65 0.35 -33.31 6.89
CA ILE B 65 0.01 -33.02 5.51
C ILE B 65 -1.42 -32.47 5.53
N ILE B 66 -1.68 -31.55 4.61
CA ILE B 66 -3.04 -31.05 4.33
C ILE B 66 -3.32 -31.14 2.81
N LEU B 67 -4.59 -31.01 2.45
CA LEU B 67 -5.02 -30.99 1.04
C LEU B 67 -5.44 -29.56 0.70
N SER B 68 -5.02 -29.11 -0.45
CA SER B 68 -5.50 -27.90 -1.02
C SER B 68 -6.24 -28.14 -2.29
N ASN B 69 -7.43 -27.60 -2.38
CA ASN B 69 -8.07 -27.52 -3.68
C ASN B 69 -7.36 -26.53 -4.54
N THR B 70 -7.47 -26.66 -5.84
CA THR B 70 -6.78 -25.77 -6.79
C THR B 70 -7.71 -25.01 -7.75
N PHE B 71 -8.96 -25.46 -7.83
CA PHE B 71 -9.96 -24.89 -8.72
C PHE B 71 -10.13 -23.41 -8.44
N HIS B 72 -10.39 -23.07 -7.18
CA HIS B 72 -10.60 -21.67 -6.86
C HIS B 72 -9.30 -20.89 -6.85
N LEU B 73 -8.21 -21.48 -6.36
CA LEU B 73 -6.88 -20.78 -6.38
C LEU B 73 -6.41 -20.36 -7.75
N MET B 74 -6.77 -21.12 -8.77
CA MET B 74 -6.45 -20.80 -10.13
C MET B 74 -7.13 -19.52 -10.59
N LEU B 75 -8.32 -19.27 -10.08
CA LEU B 75 -9.05 -18.05 -10.38
C LEU B 75 -8.67 -16.90 -9.44
N LYS B 76 -8.61 -17.18 -8.14
CA LYS B 76 -8.24 -16.17 -7.13
C LYS B 76 -7.38 -16.84 -6.06
N PRO B 77 -6.12 -16.37 -5.84
CA PRO B 77 -5.45 -15.16 -6.35
C PRO B 77 -4.89 -15.35 -7.77
N GLY B 78 -4.91 -16.58 -8.26
CA GLY B 78 -4.31 -16.91 -9.52
C GLY B 78 -2.88 -17.30 -9.29
N VAL B 79 -2.35 -17.98 -10.29
CA VAL B 79 -1.04 -18.60 -10.23
C VAL B 79 0.11 -17.60 -10.10
N GLU B 80 0.02 -16.46 -10.78
CA GLU B 80 1.13 -15.51 -10.79
C GLU B 80 1.38 -14.97 -9.38
N ILE B 81 0.34 -14.67 -8.61
CA ILE B 81 0.53 -14.19 -7.25
C ILE B 81 1.13 -15.26 -6.30
N ILE B 82 0.74 -16.51 -6.45
CA ILE B 82 1.39 -17.59 -5.68
C ILE B 82 2.88 -17.79 -6.07
N LYS B 83 3.18 -17.73 -7.35
CA LYS B 83 4.56 -17.66 -7.83
C LYS B 83 5.41 -16.54 -7.22
N LEU B 84 4.86 -15.32 -7.05
CA LEU B 84 5.54 -14.25 -6.30
C LEU B 84 5.99 -14.71 -4.93
N HIS B 85 5.25 -15.64 -4.33
CA HIS B 85 5.56 -16.14 -2.99
C HIS B 85 6.51 -17.30 -3.08
N ARG B 86 6.94 -17.66 -4.28
CA ARG B 86 7.63 -18.90 -4.56
C ARG B 86 6.86 -20.11 -4.04
N GLY B 87 5.53 -20.11 -4.24
CA GLY B 87 4.74 -21.29 -4.12
C GLY B 87 3.72 -21.23 -3.01
N LEU B 88 2.89 -22.25 -2.97
CA LEU B 88 1.75 -22.27 -2.10
C LEU B 88 2.12 -22.42 -0.63
N HIS B 89 3.17 -23.20 -0.31
CA HIS B 89 3.56 -23.41 1.10
C HIS B 89 3.87 -22.06 1.73
N ASN B 90 4.68 -21.26 1.03
CA ASN B 90 4.99 -19.89 1.47
C ASN B 90 3.78 -19.00 1.52
N PHE B 91 2.91 -19.05 0.52
CA PHE B 91 1.73 -18.21 0.48
C PHE B 91 0.89 -18.40 1.72
N MET B 92 0.57 -19.64 2.08
CA MET B 92 -0.29 -19.89 3.23
C MET B 92 0.41 -20.11 4.58
N GLY B 93 1.74 -20.03 4.59
CA GLY B 93 2.51 -20.13 5.82
C GLY B 93 2.58 -21.56 6.32
N TRP B 94 2.44 -22.55 5.44
CA TRP B 94 2.43 -23.97 5.83
C TRP B 94 3.72 -24.65 5.33
N LYS B 95 4.52 -25.18 6.22
CA LYS B 95 5.85 -25.63 5.84
C LYS B 95 5.97 -27.16 5.67
N ARG B 96 4.86 -27.87 5.77
CA ARG B 96 4.81 -29.31 5.70
C ARG B 96 4.20 -29.66 4.36
N PRO B 97 4.09 -30.95 4.03
CA PRO B 97 3.50 -31.36 2.78
C PRO B 97 2.04 -30.93 2.51
N ILE B 98 1.78 -30.68 1.22
CA ILE B 98 0.48 -30.40 0.65
C ILE B 98 0.25 -31.32 -0.53
N LEU B 99 -0.93 -31.92 -0.54
CA LEU B 99 -1.50 -32.58 -1.73
C LEU B 99 -2.45 -31.60 -2.35
N THR B 100 -2.32 -31.39 -3.64
CA THR B 100 -3.29 -30.60 -4.37
C THR B 100 -4.18 -31.49 -5.21
N ASP B 101 -5.47 -31.22 -5.13
CA ASP B 101 -6.51 -31.84 -5.88
C ASP B 101 -6.50 -31.18 -7.24
N SER B 102 -6.82 -31.90 -8.31
CA SER B 102 -6.79 -31.33 -9.64
C SER B 102 -8.09 -30.63 -10.05
N GLY B 103 -9.10 -30.67 -9.18
CA GLY B 103 -10.39 -30.01 -9.42
C GLY B 103 -11.49 -30.84 -10.10
N GLY B 104 -11.28 -32.15 -10.27
CA GLY B 104 -12.22 -32.99 -11.02
C GLY B 104 -13.59 -33.11 -10.35
N PHE B 105 -13.61 -33.10 -9.01
CA PHE B 105 -14.89 -33.13 -8.29
C PHE B 105 -15.62 -31.78 -8.32
N GLN B 106 -14.87 -30.68 -8.26
CA GLN B 106 -15.42 -29.32 -8.38
C GLN B 106 -16.07 -29.11 -9.74
N VAL B 107 -15.43 -29.62 -10.78
CA VAL B 107 -15.97 -29.56 -12.16
C VAL B 107 -17.21 -30.48 -12.31
N PHE B 108 -17.11 -31.67 -11.68
CA PHE B 108 -18.26 -32.59 -11.47
C PHE B 108 -19.43 -31.92 -10.69
N SER B 109 -19.11 -31.01 -9.77
CA SER B 109 -20.12 -30.34 -8.96
C SER B 109 -20.76 -29.12 -9.64
N LEU B 110 -20.16 -28.65 -10.75
CA LEU B 110 -20.65 -27.46 -11.46
C LEU B 110 -21.90 -27.77 -12.26
N PRO B 111 -22.81 -26.79 -12.35
CA PRO B 111 -23.90 -26.91 -13.33
C PRO B 111 -23.39 -26.61 -14.74
N LYS B 112 -24.03 -27.24 -15.73
CA LYS B 112 -23.89 -26.84 -17.15
C LYS B 112 -22.44 -26.59 -17.71
N ILE B 113 -21.64 -27.65 -17.76
CA ILE B 113 -20.31 -27.60 -18.38
C ILE B 113 -20.32 -28.30 -19.77
N ARG B 114 -19.39 -27.93 -20.66
CA ARG B 114 -19.18 -28.68 -21.92
C ARG B 114 -17.86 -29.45 -21.83
N ILE B 115 -17.91 -30.78 -21.78
CA ILE B 115 -16.73 -31.65 -21.68
C ILE B 115 -16.52 -32.44 -22.94
N ASP B 116 -15.28 -32.48 -23.42
CA ASP B 116 -14.93 -33.38 -24.51
C ASP B 116 -13.49 -33.84 -24.28
N ASP B 117 -12.86 -34.43 -25.29
CA ASP B 117 -11.48 -34.90 -25.17
C ASP B 117 -10.45 -33.81 -24.97
N GLU B 118 -10.71 -32.62 -25.50
CA GLU B 118 -9.78 -31.54 -25.32
C GLU B 118 -9.75 -31.01 -23.88
N GLY B 119 -10.91 -30.95 -23.24
CA GLY B 119 -11.00 -30.45 -21.89
C GLY B 119 -12.43 -30.14 -21.55
N VAL B 120 -12.58 -29.29 -20.54
CA VAL B 120 -13.87 -28.91 -19.99
C VAL B 120 -14.00 -27.39 -19.98
N VAL B 121 -15.10 -26.88 -20.53
CA VAL B 121 -15.43 -25.46 -20.41
C VAL B 121 -16.54 -25.34 -19.39
N PHE B 122 -16.46 -24.30 -18.57
CA PHE B 122 -17.47 -24.02 -17.55
C PHE B 122 -17.48 -22.52 -17.21
N ARG B 123 -18.47 -22.09 -16.42
CA ARG B 123 -18.63 -20.67 -16.13
C ARG B 123 -17.98 -20.42 -14.76
N SER B 124 -17.21 -19.34 -14.65
CA SER B 124 -16.45 -19.06 -13.43
C SER B 124 -17.38 -18.84 -12.24
N PRO B 125 -17.14 -19.55 -11.14
CA PRO B 125 -17.78 -19.30 -9.86
C PRO B 125 -17.59 -17.90 -9.32
N ILE B 126 -16.62 -17.16 -9.82
CA ILE B 126 -16.38 -15.82 -9.35
C ILE B 126 -17.03 -14.76 -10.22
N ASP B 127 -17.07 -15.05 -11.51
CA ASP B 127 -17.19 -14.07 -12.57
C ASP B 127 -18.39 -14.32 -13.51
N GLY B 128 -18.78 -15.59 -13.63
CA GLY B 128 -19.65 -16.06 -14.73
C GLY B 128 -18.96 -16.24 -16.09
N SER B 129 -17.73 -15.76 -16.22
CA SER B 129 -16.97 -15.86 -17.46
C SER B 129 -16.67 -17.33 -17.81
N LYS B 130 -16.50 -17.62 -19.10
CA LYS B 130 -16.16 -18.99 -19.56
C LYS B 130 -14.70 -19.29 -19.21
N VAL B 131 -14.49 -20.38 -18.48
CA VAL B 131 -13.16 -20.88 -18.12
C VAL B 131 -12.88 -22.23 -18.82
N PHE B 132 -11.68 -22.38 -19.34
CA PHE B 132 -11.29 -23.64 -19.95
C PHE B 132 -10.20 -24.36 -19.13
N LEU B 133 -10.43 -25.63 -18.82
CA LEU B 133 -9.50 -26.43 -18.04
C LEU B 133 -9.23 -27.76 -18.77
N ASN B 134 -7.97 -28.16 -18.81
CA ASN B 134 -7.57 -29.44 -19.38
C ASN B 134 -6.34 -29.97 -18.63
N PRO B 135 -5.88 -31.19 -18.95
CA PRO B 135 -4.75 -31.77 -18.21
C PRO B 135 -3.49 -30.91 -18.18
N GLU B 136 -3.16 -30.33 -19.32
CA GLU B 136 -1.99 -29.48 -19.43
C GLU B 136 -2.05 -28.25 -18.52
N ILE B 137 -3.17 -27.54 -18.52
CA ILE B 137 -3.38 -26.38 -17.66
C ILE B 137 -3.33 -26.78 -16.17
N SER B 138 -3.97 -27.91 -15.85
CA SER B 138 -3.96 -28.40 -14.48
C SER B 138 -2.56 -28.66 -13.98
N MET B 139 -1.73 -29.29 -14.80
CA MET B 139 -0.35 -29.61 -14.42
C MET B 139 0.45 -28.35 -14.27
N GLU B 140 0.28 -27.39 -15.17
CA GLU B 140 0.92 -26.10 -15.06
C GLU B 140 0.56 -25.39 -13.74
N VAL B 141 -0.69 -25.44 -13.32
CA VAL B 141 -1.10 -24.81 -12.08
C VAL B 141 -0.45 -25.49 -10.88
N GLN B 142 -0.49 -26.80 -10.83
CA GLN B 142 0.01 -27.53 -9.67
C GLN B 142 1.52 -27.47 -9.58
N ILE B 143 2.17 -27.50 -10.74
CA ILE B 143 3.60 -27.22 -10.80
C ILE B 143 3.91 -25.84 -10.19
N ALA B 144 3.15 -24.80 -10.55
CA ALA B 144 3.36 -23.44 -10.00
C ALA B 144 3.13 -23.38 -8.51
N LEU B 145 2.18 -24.17 -8.01
CA LEU B 145 1.90 -24.23 -6.60
C LEU B 145 3.01 -24.92 -5.82
N GLY B 146 3.67 -25.90 -6.42
CA GLY B 146 4.75 -26.60 -5.77
C GLY B 146 4.35 -27.59 -4.73
N SER B 147 3.13 -28.10 -4.82
CA SER B 147 2.68 -29.10 -3.85
C SER B 147 3.52 -30.36 -3.93
N ASP B 148 3.62 -31.03 -2.81
CA ASP B 148 4.36 -32.28 -2.67
C ASP B 148 3.76 -33.46 -3.46
N ILE B 149 2.43 -33.53 -3.51
CA ILE B 149 1.69 -34.48 -4.34
C ILE B 149 0.70 -33.72 -5.20
N CYS B 150 0.77 -33.99 -6.50
CA CYS B 150 -0.16 -33.52 -7.48
C CYS B 150 -1.03 -34.64 -7.94
N MET B 151 -2.27 -34.33 -8.29
CA MET B 151 -3.19 -35.25 -8.92
C MET B 151 -3.31 -34.99 -10.40
N VAL B 152 -3.42 -36.10 -11.17
CA VAL B 152 -3.78 -36.03 -12.57
C VAL B 152 -5.16 -35.37 -12.74
N PHE B 153 -5.36 -34.74 -13.88
CA PHE B 153 -6.67 -34.18 -14.21
C PHE B 153 -7.54 -35.30 -14.77
N ASP B 154 -8.69 -35.52 -14.16
CA ASP B 154 -9.55 -36.65 -14.48
C ASP B 154 -10.93 -36.23 -14.93
N HIS B 155 -11.69 -37.18 -15.48
CA HIS B 155 -13.10 -36.98 -15.75
C HIS B 155 -13.93 -37.85 -14.81
N CYS B 156 -14.53 -37.21 -13.82
CA CYS B 156 -15.35 -37.89 -12.81
C CYS B 156 -16.84 -38.00 -13.22
N PRO B 157 -17.35 -39.21 -13.43
CA PRO B 157 -18.75 -39.36 -13.80
C PRO B 157 -19.66 -39.40 -12.58
N VAL B 158 -20.97 -39.38 -12.83
CA VAL B 158 -21.99 -39.56 -11.79
C VAL B 158 -22.21 -41.03 -11.48
N ALA B 161 -24.93 -43.51 -13.07
CA ALA B 161 -25.02 -43.25 -14.50
C ALA B 161 -24.89 -44.56 -15.25
N ASP B 162 -25.37 -44.55 -16.47
CA ASP B 162 -25.40 -45.77 -17.27
C ASP B 162 -24.00 -46.23 -17.54
N TYR B 163 -23.85 -47.54 -17.73
CA TYR B 163 -22.54 -48.13 -17.95
C TYR B 163 -21.82 -47.45 -19.12
N GLU B 164 -22.52 -47.21 -20.22
CA GLU B 164 -21.96 -46.51 -21.39
C GLU B 164 -21.32 -45.15 -21.03
N GLU B 165 -22.04 -44.35 -20.25
CA GLU B 165 -21.58 -43.02 -19.77
C GLU B 165 -20.37 -43.12 -18.81
N VAL B 166 -20.42 -44.10 -17.91
CA VAL B 166 -19.33 -44.27 -16.96
C VAL B 166 -18.07 -44.76 -17.71
N LYS B 167 -18.26 -45.67 -18.66
CA LYS B 167 -17.16 -46.17 -19.46
C LYS B 167 -16.49 -45.09 -20.31
N GLU B 168 -17.25 -44.12 -20.77
CA GLU B 168 -16.72 -43.02 -21.56
C GLU B 168 -15.85 -42.11 -20.72
N ALA B 169 -16.32 -41.83 -19.51
CA ALA B 169 -15.59 -40.96 -18.61
C ALA B 169 -14.33 -41.65 -18.14
N THR B 170 -14.38 -42.96 -17.97
CA THR B 170 -13.25 -43.77 -17.49
C THR B 170 -12.17 -43.87 -18.56
N GLU B 171 -12.60 -44.06 -19.78
CA GLU B 171 -11.72 -44.01 -20.95
C GLU B 171 -11.07 -42.65 -21.12
N ARG B 172 -11.85 -41.58 -21.01
CA ARG B 172 -11.31 -40.22 -21.04
C ARG B 172 -10.30 -39.93 -19.93
N THR B 173 -10.58 -40.42 -18.73
CA THR B 173 -9.68 -40.33 -17.59
C THR B 173 -8.30 -40.95 -17.90
N TYR B 174 -8.30 -42.11 -18.52
CA TYR B 174 -7.03 -42.68 -19.00
C TYR B 174 -6.26 -41.77 -19.94
N ARG B 175 -6.95 -41.24 -20.95
CA ARG B 175 -6.29 -40.38 -21.95
C ARG B 175 -5.77 -39.12 -21.29
N TRP B 176 -6.53 -38.61 -20.33
CA TRP B 176 -6.12 -37.47 -19.57
C TRP B 176 -4.99 -37.75 -18.60
N ALA B 177 -4.93 -38.97 -18.07
CA ALA B 177 -3.83 -39.36 -17.21
C ALA B 177 -2.51 -39.36 -17.99
N LEU B 178 -2.55 -39.86 -19.23
CA LEU B 178 -1.38 -39.83 -20.14
C LEU B 178 -0.92 -38.41 -20.37
N ARG B 179 -1.84 -37.53 -20.72
CA ARG B 179 -1.56 -36.14 -20.98
C ARG B 179 -1.07 -35.40 -19.75
N SER B 180 -1.61 -35.74 -18.58
CA SER B 180 -1.15 -35.18 -17.31
C SER B 180 0.31 -35.55 -17.05
N LYS B 181 0.62 -36.83 -17.23
CA LYS B 181 1.99 -37.30 -17.01
C LYS B 181 2.98 -36.65 -18.00
N LYS B 182 2.60 -36.51 -19.26
CA LYS B 182 3.44 -35.86 -20.25
C LYS B 182 3.69 -34.36 -20.01
N ALA B 183 2.71 -33.66 -19.43
CA ALA B 183 2.85 -32.25 -19.08
C ALA B 183 3.57 -32.08 -17.73
N PHE B 184 3.85 -33.16 -17.02
CA PHE B 184 4.37 -33.05 -15.63
C PHE B 184 5.88 -32.96 -15.59
N LYS B 185 6.39 -31.80 -16.00
CA LYS B 185 7.82 -31.56 -16.11
C LYS B 185 8.21 -30.67 -14.92
N THR B 186 8.71 -31.31 -13.85
CA THR B 186 9.05 -30.63 -12.57
C THR B 186 10.08 -31.43 -11.82
N GLU B 187 10.34 -31.01 -10.60
CA GLU B 187 11.09 -31.81 -9.66
C GLU B 187 10.48 -31.66 -8.28
N ASN B 188 10.73 -32.67 -7.44
CA ASN B 188 10.34 -32.69 -6.03
C ASN B 188 8.82 -32.70 -5.80
N GLN B 189 8.08 -33.19 -6.80
CA GLN B 189 6.63 -33.32 -6.72
C GLN B 189 6.26 -34.71 -7.19
N ALA B 190 5.47 -35.44 -6.39
CA ALA B 190 4.89 -36.69 -6.79
C ALA B 190 3.61 -36.45 -7.62
N LEU B 191 3.24 -37.43 -8.45
CA LEU B 191 2.04 -37.36 -9.25
C LEU B 191 1.26 -38.63 -9.06
N PHE B 192 0.00 -38.50 -8.62
CA PHE B 192 -0.89 -39.64 -8.34
C PHE B 192 -1.90 -39.71 -9.48
N GLY B 193 -2.14 -40.94 -9.94
CA GLY B 193 -3.20 -41.26 -10.90
C GLY B 193 -4.52 -41.49 -10.19
N ILE B 194 -5.63 -41.44 -10.91
CA ILE B 194 -6.98 -41.53 -10.30
C ILE B 194 -7.79 -42.57 -11.00
N VAL B 195 -8.10 -43.66 -10.30
CA VAL B 195 -8.89 -44.73 -10.85
C VAL B 195 -10.37 -44.38 -10.90
N GLN B 196 -11.04 -44.66 -12.03
CA GLN B 196 -12.47 -44.36 -12.13
C GLN B 196 -13.19 -45.66 -12.46
N GLY B 197 -14.41 -45.60 -12.99
CA GLY B 197 -15.17 -46.82 -13.26
C GLY B 197 -16.52 -47.00 -12.58
N GLY B 198 -16.98 -45.98 -11.85
CA GLY B 198 -18.31 -45.96 -11.25
C GLY B 198 -18.49 -47.14 -10.32
N ILE B 199 -19.67 -47.75 -10.36
CA ILE B 199 -19.99 -48.95 -9.58
C ILE B 199 -19.81 -50.24 -10.41
N TYR B 200 -19.01 -50.21 -11.49
CA TYR B 200 -18.86 -51.34 -12.40
C TYR B 200 -17.48 -51.99 -12.27
N PRO B 201 -17.42 -53.19 -11.64
CA PRO B 201 -16.16 -53.85 -11.33
C PRO B 201 -15.23 -54.04 -12.53
N ASP B 202 -15.76 -54.40 -13.69
CA ASP B 202 -14.91 -54.61 -14.85
C ASP B 202 -14.26 -53.29 -15.26
N LEU B 203 -15.02 -52.20 -15.19
CA LEU B 203 -14.45 -50.87 -15.52
C LEU B 203 -13.42 -50.41 -14.51
N ARG B 204 -13.63 -50.72 -13.24
CA ARG B 204 -12.68 -50.41 -12.18
C ARG B 204 -11.37 -51.17 -12.35
N ARG B 205 -11.48 -52.46 -12.63
CA ARG B 205 -10.32 -53.27 -12.88
C ARG B 205 -9.54 -52.71 -14.09
N GLU B 206 -10.24 -52.39 -15.19
CA GLU B 206 -9.55 -51.90 -16.40
C GLU B 206 -8.89 -50.56 -16.18
N SER B 207 -9.56 -49.68 -15.45
CA SER B 207 -9.01 -48.36 -15.12
C SER B 207 -7.74 -48.49 -14.31
N ALA B 208 -7.75 -49.37 -13.31
CA ALA B 208 -6.60 -49.59 -12.43
C ALA B 208 -5.42 -50.15 -13.22
N LEU B 209 -5.71 -51.12 -14.08
CA LEU B 209 -4.71 -51.73 -15.00
C LEU B 209 -4.12 -50.70 -15.99
N GLN B 210 -4.95 -49.84 -16.55
CA GLN B 210 -4.48 -48.76 -17.44
C GLN B 210 -3.58 -47.74 -16.75
N LEU B 211 -3.96 -47.31 -15.55
CA LEU B 211 -3.21 -46.31 -14.85
C LEU B 211 -1.88 -46.86 -14.33
N THR B 212 -1.88 -48.08 -13.81
CA THR B 212 -0.63 -48.72 -13.39
C THR B 212 0.29 -49.05 -14.55
N SER B 213 -0.27 -49.25 -15.75
CA SER B 213 0.53 -49.41 -16.97
C SER B 213 1.24 -48.13 -17.34
N ILE B 214 0.61 -46.97 -17.09
CA ILE B 214 1.28 -45.66 -17.24
C ILE B 214 2.40 -45.52 -16.20
N GLY B 215 2.08 -45.77 -14.92
CA GLY B 215 3.04 -45.62 -13.82
C GLY B 215 2.98 -44.26 -13.12
N PHE B 216 2.47 -44.24 -11.89
CA PHE B 216 2.40 -43.03 -11.09
C PHE B 216 3.06 -43.28 -9.74
N ASP B 217 3.20 -42.23 -8.94
CA ASP B 217 3.77 -42.35 -7.60
C ASP B 217 2.80 -42.86 -6.55
N GLY B 218 1.52 -42.91 -6.90
CA GLY B 218 0.47 -43.31 -6.03
C GLY B 218 -0.81 -43.35 -6.82
N TYR B 219 -1.82 -43.92 -6.21
CA TYR B 219 -3.07 -44.21 -6.89
C TYR B 219 -4.26 -43.84 -6.00
N ALA B 220 -5.09 -42.98 -6.55
CA ALA B 220 -6.31 -42.55 -5.89
C ALA B 220 -7.48 -43.33 -6.44
N ILE B 221 -8.48 -43.55 -5.61
CA ILE B 221 -9.69 -44.22 -5.95
C ILE B 221 -10.74 -43.11 -6.03
N GLY B 222 -11.14 -42.80 -7.27
CA GLY B 222 -12.03 -41.69 -7.49
C GLY B 222 -13.45 -42.09 -7.78
N GLY B 223 -14.32 -41.10 -7.81
CA GLY B 223 -15.71 -41.29 -8.19
C GLY B 223 -16.59 -42.06 -7.20
N LEU B 224 -16.20 -42.15 -5.93
CA LEU B 224 -16.98 -42.91 -4.96
C LEU B 224 -17.30 -42.04 -3.77
N SER B 225 -18.23 -42.53 -2.98
CA SER B 225 -18.84 -41.82 -1.90
C SER B 225 -19.48 -40.48 -2.40
N ILE B 226 -20.07 -40.50 -3.58
CA ILE B 226 -20.73 -39.36 -4.12
C ILE B 226 -22.17 -39.70 -4.45
N GLY B 227 -22.72 -40.75 -3.83
CA GLY B 227 -24.13 -41.06 -3.92
C GLY B 227 -24.52 -42.51 -4.09
N GLU B 228 -23.58 -43.37 -4.45
CA GLU B 228 -23.89 -44.80 -4.57
C GLU B 228 -24.08 -45.41 -3.17
N GLU B 229 -24.68 -46.60 -3.10
CA GLU B 229 -24.86 -47.30 -1.82
C GLU B 229 -23.50 -47.57 -1.17
N ARG B 230 -23.43 -47.49 0.16
CA ARG B 230 -22.20 -47.78 0.91
C ARG B 230 -21.60 -49.13 0.60
N SER B 231 -22.43 -50.14 0.39
CA SER B 231 -21.94 -51.46 0.11
C SER B 231 -21.20 -51.50 -1.23
N LEU B 232 -21.58 -50.63 -2.16
CA LEU B 232 -20.83 -50.55 -3.41
C LEU B 232 -19.56 -49.70 -3.28
N THR B 233 -19.58 -48.64 -2.48
CA THR B 233 -18.33 -47.91 -2.17
C THR B 233 -17.23 -48.87 -1.73
N LEU B 234 -17.62 -49.78 -0.83
CA LEU B 234 -16.70 -50.71 -0.20
C LEU B 234 -16.25 -51.79 -1.17
N GLU B 235 -17.20 -52.44 -1.84
CA GLU B 235 -16.90 -53.40 -2.91
C GLU B 235 -16.05 -52.83 -4.03
N MET B 236 -16.30 -51.62 -4.50
CA MET B 236 -15.51 -51.05 -5.57
C MET B 236 -14.09 -50.76 -5.10
N THR B 237 -13.95 -50.37 -3.84
CA THR B 237 -12.62 -50.18 -3.24
C THR B 237 -11.81 -51.48 -3.23
N GLU B 238 -12.44 -52.57 -2.80
CA GLU B 238 -11.83 -53.88 -2.87
C GLU B 238 -11.38 -54.28 -4.29
N VAL B 239 -12.25 -54.08 -5.28
CA VAL B 239 -11.93 -54.39 -6.67
C VAL B 239 -10.74 -53.59 -7.17
N THR B 240 -10.77 -52.29 -6.95
CA THR B 240 -9.66 -51.39 -7.29
C THR B 240 -8.33 -51.75 -6.61
N VAL B 241 -8.37 -52.01 -5.31
CA VAL B 241 -7.16 -52.23 -4.51
C VAL B 241 -6.46 -53.53 -4.95
N GLU B 242 -7.24 -54.52 -5.38
CA GLU B 242 -6.73 -55.76 -5.96
C GLU B 242 -5.75 -55.53 -7.12
N PHE B 243 -5.99 -54.47 -7.89
CA PHE B 243 -5.16 -54.17 -9.05
C PHE B 243 -4.19 -53.01 -8.85
N LEU B 244 -4.02 -52.55 -7.61
CA LEU B 244 -3.09 -51.46 -7.31
C LEU B 244 -1.87 -51.98 -6.55
N PRO B 245 -0.66 -51.44 -6.86
CA PRO B 245 0.56 -51.93 -6.24
C PRO B 245 0.57 -51.75 -4.73
N GLU B 246 1.03 -52.78 -4.03
CA GLU B 246 1.17 -52.69 -2.61
C GLU B 246 2.31 -51.77 -2.16
N ASP B 247 3.27 -51.48 -3.04
CA ASP B 247 4.42 -50.62 -2.68
C ASP B 247 4.21 -49.15 -2.98
N LYS B 248 2.98 -48.77 -3.34
CA LYS B 248 2.61 -47.37 -3.58
C LYS B 248 1.34 -47.05 -2.78
N PRO B 249 1.18 -45.77 -2.37
CA PRO B 249 0.02 -45.33 -1.59
C PRO B 249 -1.29 -45.44 -2.34
N ARG B 250 -2.33 -45.83 -1.60
CA ARG B 250 -3.72 -45.84 -2.02
C ARG B 250 -4.48 -44.68 -1.34
N TYR B 251 -5.14 -43.83 -2.13
CA TYR B 251 -5.83 -42.63 -1.67
C TYR B 251 -7.29 -42.65 -2.04
N PHE B 252 -8.16 -42.74 -1.04
CA PHE B 252 -9.57 -42.62 -1.28
C PHE B 252 -9.98 -41.18 -1.26
N MET B 253 -10.43 -40.69 -2.40
CA MET B 253 -10.77 -39.28 -2.52
C MET B 253 -12.15 -38.95 -1.90
N GLY B 254 -12.14 -38.05 -0.93
CA GLY B 254 -13.35 -37.55 -0.30
C GLY B 254 -13.99 -38.50 0.71
N GLY B 255 -15.13 -38.07 1.23
CA GLY B 255 -16.01 -38.94 2.03
C GLY B 255 -15.37 -39.49 3.30
N GLY B 256 -14.35 -38.83 3.82
CA GLY B 256 -13.58 -39.33 4.95
C GLY B 256 -14.20 -39.10 6.33
N SER B 257 -15.43 -39.58 6.54
CA SER B 257 -16.03 -39.80 7.86
C SER B 257 -15.45 -41.03 8.62
N PRO B 258 -15.49 -41.01 9.98
CA PRO B 258 -14.74 -41.96 10.75
C PRO B 258 -15.03 -43.41 10.44
N GLU B 259 -16.29 -43.80 10.35
CA GLU B 259 -16.57 -45.22 10.13
C GLU B 259 -16.15 -45.63 8.71
N LEU B 260 -16.33 -44.78 7.70
CA LEU B 260 -15.89 -45.15 6.36
C LEU B 260 -14.35 -45.24 6.27
N ILE B 261 -13.64 -44.27 6.84
CA ILE B 261 -12.19 -44.35 6.90
C ILE B 261 -11.75 -45.70 7.46
N LEU B 262 -12.31 -46.11 8.61
CA LEU B 262 -11.94 -47.42 9.19
C LEU B 262 -12.25 -48.60 8.31
N GLU B 263 -13.42 -48.62 7.68
CA GLU B 263 -13.75 -49.70 6.73
C GLU B 263 -12.78 -49.70 5.57
N LEU B 264 -12.34 -48.54 5.14
CA LEU B 264 -11.42 -48.47 4.00
C LEU B 264 -9.95 -48.81 4.35
N VAL B 265 -9.50 -48.41 5.55
CA VAL B 265 -8.19 -48.83 6.04
C VAL B 265 -8.18 -50.37 6.04
N ASP B 266 -9.27 -50.99 6.44
CA ASP B 266 -9.35 -52.44 6.57
C ASP B 266 -9.30 -53.14 5.20
N ARG B 267 -9.47 -52.37 4.13
CA ARG B 267 -9.42 -52.84 2.76
C ARG B 267 -8.19 -52.36 2.06
N GLY B 268 -7.25 -51.71 2.76
CA GLY B 268 -5.95 -51.44 2.16
C GLY B 268 -5.69 -50.01 1.70
N VAL B 269 -6.54 -49.08 2.11
CA VAL B 269 -6.42 -47.68 1.74
C VAL B 269 -5.59 -46.94 2.80
N ASP B 270 -4.75 -46.03 2.32
CA ASP B 270 -3.75 -45.34 3.12
C ASP B 270 -4.06 -43.86 3.41
N MET B 271 -4.72 -43.17 2.50
CA MET B 271 -4.87 -41.72 2.59
C MET B 271 -6.33 -41.35 2.40
N PHE B 272 -6.74 -40.31 3.12
CA PHE B 272 -8.12 -39.84 3.18
C PHE B 272 -8.20 -38.31 3.31
N ASP B 273 -9.33 -37.76 2.90
CA ASP B 273 -9.59 -36.34 3.07
C ASP B 273 -11.08 -36.13 3.23
N SER B 274 -11.45 -35.04 3.87
CA SER B 274 -12.82 -34.58 3.92
C SER B 274 -12.92 -33.17 4.50
N VAL B 275 -13.86 -32.37 4.00
CA VAL B 275 -14.25 -31.09 4.67
C VAL B 275 -15.18 -31.32 5.85
N PHE B 276 -15.66 -32.55 6.03
CA PHE B 276 -16.64 -32.92 7.11
C PHE B 276 -16.26 -32.38 8.51
N PRO B 277 -15.07 -32.65 9.01
CA PRO B 277 -14.72 -32.17 10.33
C PRO B 277 -14.74 -30.67 10.52
N THR B 278 -14.27 -29.93 9.51
CA THR B 278 -14.27 -28.48 9.65
C THR B 278 -15.69 -27.91 9.43
N ARG B 279 -16.35 -28.30 8.36
CA ARG B 279 -17.68 -27.87 8.11
C ARG B 279 -18.64 -28.14 9.26
N ILE B 280 -18.62 -29.33 9.86
CA ILE B 280 -19.63 -29.63 10.89
C ILE B 280 -19.28 -28.89 12.22
N ALA B 281 -18.01 -28.60 12.44
CA ALA B 281 -17.59 -27.75 13.57
C ALA B 281 -18.26 -26.39 13.49
N ARG B 282 -18.33 -25.84 12.29
CA ARG B 282 -18.95 -24.56 12.10
C ARG B 282 -20.45 -24.59 12.35
N HIS B 283 -21.10 -25.74 12.15
CA HIS B 283 -22.48 -25.93 12.52
C HIS B 283 -22.74 -26.33 13.96
N GLY B 284 -21.72 -26.48 14.78
CA GLY B 284 -21.90 -26.68 16.16
C GLY B 284 -21.71 -28.09 16.63
N THR B 285 -21.16 -28.96 15.77
CA THR B 285 -20.98 -30.36 16.11
C THR B 285 -19.51 -30.77 16.28
N ALA B 286 -19.24 -31.38 17.44
CA ALA B 286 -17.97 -31.94 17.76
C ALA B 286 -17.92 -33.40 17.36
N LEU B 287 -16.77 -33.83 16.86
CA LEU B 287 -16.45 -35.25 16.66
C LEU B 287 -15.68 -35.71 17.86
N THR B 288 -16.26 -36.64 18.61
CA THR B 288 -15.69 -37.17 19.84
C THR B 288 -15.51 -38.68 19.72
N TRP B 289 -14.86 -39.24 20.73
CA TRP B 289 -14.71 -40.69 20.82
C TRP B 289 -16.00 -41.36 21.19
N ASN B 290 -17.05 -40.60 21.49
CA ASN B 290 -18.37 -41.16 21.66
C ASN B 290 -19.33 -40.81 20.53
N GLY B 291 -18.80 -40.44 19.37
CA GLY B 291 -19.63 -39.99 18.27
C GLY B 291 -19.81 -38.47 18.23
N LYS B 292 -20.68 -38.04 17.35
CA LYS B 292 -21.03 -36.62 17.21
C LYS B 292 -21.65 -36.11 18.52
N LEU B 293 -21.31 -34.90 18.89
CA LEU B 293 -21.94 -34.17 19.99
C LEU B 293 -22.38 -32.81 19.41
N ASN B 294 -23.67 -32.53 19.47
CA ASN B 294 -24.19 -31.26 19.07
C ASN B 294 -24.11 -30.27 20.23
N LEU B 295 -23.20 -29.32 20.13
CA LEU B 295 -23.02 -28.35 21.23
C LEU B 295 -24.18 -27.36 21.33
N LYS B 296 -24.97 -27.22 20.27
CA LYS B 296 -26.16 -26.38 20.27
C LYS B 296 -27.35 -26.98 21.02
N ALA B 297 -27.30 -28.27 21.32
CA ALA B 297 -28.36 -28.98 22.04
C ALA B 297 -28.46 -28.45 23.48
N SER B 298 -29.68 -28.23 23.92
CA SER B 298 -29.93 -27.50 25.16
C SER B 298 -29.36 -28.21 26.40
N TYR B 299 -29.14 -29.52 26.29
CA TYR B 299 -28.54 -30.27 27.39
C TYR B 299 -27.08 -29.92 27.69
N ASN B 300 -26.43 -29.17 26.81
CA ASN B 300 -25.09 -28.64 27.09
C ASN B 300 -25.07 -27.37 27.92
N LYS B 301 -26.24 -26.75 28.12
CA LYS B 301 -26.35 -25.38 28.61
C LYS B 301 -25.68 -25.26 29.98
N ARG B 302 -25.82 -26.27 30.84
CA ARG B 302 -25.17 -26.27 32.15
C ARG B 302 -24.05 -27.31 32.33
N SER B 303 -23.58 -27.94 31.26
CA SER B 303 -22.59 -28.99 31.41
C SER B 303 -21.19 -28.44 31.73
N LEU B 304 -20.62 -28.90 32.84
CA LEU B 304 -19.24 -28.51 33.18
C LEU B 304 -18.18 -29.45 32.59
N GLU B 305 -18.57 -30.34 31.72
CA GLU B 305 -17.62 -31.29 31.09
C GLU B 305 -16.93 -30.69 29.86
N PRO B 306 -15.73 -31.18 29.52
CA PRO B 306 -15.13 -30.78 28.26
C PRO B 306 -15.88 -31.44 27.10
N VAL B 307 -15.58 -30.94 25.91
CA VAL B 307 -16.17 -31.53 24.72
C VAL B 307 -15.87 -33.06 24.63
N ASP B 308 -14.65 -33.47 24.98
CA ASP B 308 -14.24 -34.87 24.87
C ASP B 308 -13.34 -35.12 26.06
N GLU B 309 -13.79 -35.92 27.02
CA GLU B 309 -12.94 -36.23 28.16
C GLU B 309 -11.64 -36.97 27.74
N ARG B 310 -11.64 -37.62 26.58
CA ARG B 310 -10.43 -38.33 26.14
C ARG B 310 -9.41 -37.44 25.42
N CYS B 311 -9.73 -36.17 25.19
CA CYS B 311 -8.95 -35.35 24.28
C CYS B 311 -8.07 -34.37 25.00
N GLY B 312 -6.89 -34.11 24.47
CA GLY B 312 -5.98 -33.14 25.05
C GLY B 312 -5.83 -31.84 24.28
N CYS B 313 -6.72 -31.55 23.37
CA CYS B 313 -6.59 -30.29 22.62
C CYS B 313 -6.90 -29.07 23.48
N TYR B 314 -6.48 -27.92 22.96
CA TYR B 314 -6.69 -26.64 23.57
C TYR B 314 -8.11 -26.49 24.09
N THR B 315 -9.07 -26.86 23.26
CA THR B 315 -10.49 -26.69 23.51
C THR B 315 -10.95 -27.55 24.69
N CYS B 316 -10.48 -28.78 24.75
CA CYS B 316 -10.91 -29.73 25.77
C CYS B 316 -10.23 -29.48 27.12
N LYS B 317 -9.02 -28.97 27.04
CA LYS B 317 -8.25 -28.59 28.21
C LYS B 317 -8.74 -27.35 28.95
N ASN B 318 -9.45 -26.44 28.28
CA ASN B 318 -9.72 -25.13 28.82
C ASN B 318 -11.21 -24.73 29.00
N PHE B 319 -12.13 -25.35 28.27
CA PHE B 319 -13.51 -24.89 28.21
C PHE B 319 -14.47 -25.99 28.49
N THR B 320 -15.67 -25.59 28.93
CA THR B 320 -16.76 -26.49 29.18
C THR B 320 -17.75 -26.49 28.02
N ARG B 321 -18.54 -27.55 27.96
CA ARG B 321 -19.65 -27.62 27.00
C ARG B 321 -20.65 -26.44 27.17
N SER B 322 -20.92 -26.06 28.43
CA SER B 322 -21.67 -24.82 28.78
C SER B 322 -21.14 -23.59 28.06
N TYR B 323 -19.84 -23.34 28.11
CA TYR B 323 -19.30 -22.16 27.50
C TYR B 323 -19.39 -22.19 25.96
N ILE B 324 -19.08 -23.35 25.38
CA ILE B 324 -19.15 -23.52 23.92
C ILE B 324 -20.57 -23.36 23.43
N HIS B 325 -21.52 -23.96 24.11
CA HIS B 325 -22.93 -23.82 23.87
C HIS B 325 -23.36 -22.36 23.87
N HIS B 326 -22.88 -21.64 24.86
CA HIS B 326 -23.12 -20.24 25.00
C HIS B 326 -22.54 -19.44 23.83
N LEU B 327 -21.32 -19.76 23.40
CA LEU B 327 -20.72 -19.06 22.28
C LEU B 327 -21.60 -19.22 21.04
N PHE B 328 -22.07 -20.44 20.78
CA PHE B 328 -23.01 -20.64 19.67
C PHE B 328 -24.36 -19.94 19.84
N ASP B 329 -24.89 -19.95 21.05
CA ASP B 329 -26.11 -19.25 21.41
C ASP B 329 -26.04 -17.76 21.06
N ARG B 330 -24.89 -17.18 21.30
CA ARG B 330 -24.65 -15.78 21.06
C ARG B 330 -24.03 -15.45 19.71
N GLY B 331 -23.78 -16.44 18.88
CA GLY B 331 -23.27 -16.17 17.53
C GLY B 331 -21.80 -15.79 17.50
N GLU B 332 -21.06 -16.14 18.56
CA GLU B 332 -19.64 -15.90 18.59
C GLU B 332 -18.93 -16.92 17.68
N VAL B 333 -18.20 -16.42 16.69
CA VAL B 333 -17.40 -17.27 15.81
C VAL B 333 -16.32 -18.03 16.58
N LEU B 334 -15.90 -17.55 17.75
CA LEU B 334 -15.04 -18.33 18.62
C LEU B 334 -15.54 -19.75 18.88
N GLY B 335 -16.86 -19.95 18.98
CA GLY B 335 -17.42 -21.26 19.16
C GLY B 335 -17.04 -22.18 18.02
N GLN B 336 -17.14 -21.64 16.78
CA GLN B 336 -16.77 -22.36 15.56
C GLN B 336 -15.25 -22.64 15.51
N ILE B 337 -14.42 -21.65 15.90
CA ILE B 337 -12.98 -21.81 15.94
C ILE B 337 -12.62 -22.93 16.88
N LEU B 338 -13.19 -22.92 18.09
CA LEU B 338 -12.82 -23.91 19.08
C LEU B 338 -13.21 -25.39 18.70
N LEU B 339 -14.38 -25.57 18.09
CA LEU B 339 -14.84 -26.87 17.64
C LEU B 339 -14.05 -27.30 16.37
N THR B 340 -13.57 -26.37 15.57
CA THR B 340 -12.73 -26.70 14.41
C THR B 340 -11.36 -27.21 14.91
N ILE B 341 -10.73 -26.53 15.87
CA ILE B 341 -9.55 -27.04 16.55
C ILE B 341 -9.76 -28.44 17.13
N HIS B 342 -10.82 -28.66 17.86
CA HIS B 342 -11.09 -29.95 18.42
C HIS B 342 -11.31 -31.02 17.37
N ASN B 343 -12.13 -30.73 16.38
CA ASN B 343 -12.48 -31.73 15.36
C ASN B 343 -11.29 -32.16 14.53
N ILE B 344 -10.38 -31.25 14.18
CA ILE B 344 -9.13 -31.64 13.50
C ILE B 344 -8.19 -32.44 14.40
N ASN B 345 -8.05 -32.02 15.64
CA ASN B 345 -7.36 -32.84 16.63
C ASN B 345 -7.91 -34.25 16.74
N PHE B 346 -9.24 -34.40 16.81
CA PHE B 346 -9.87 -35.67 16.82
C PHE B 346 -9.49 -36.53 15.59
N MET B 347 -9.64 -35.99 14.39
CA MET B 347 -9.28 -36.72 13.17
C MET B 347 -7.81 -37.12 13.13
N ILE B 348 -6.88 -36.23 13.50
CA ILE B 348 -5.45 -36.61 13.48
C ILE B 348 -5.16 -37.72 14.53
N SER B 349 -5.77 -37.57 15.69
CA SER B 349 -5.64 -38.54 16.76
C SER B 349 -6.26 -39.93 16.39
N LEU B 350 -7.45 -39.93 15.78
CA LEU B 350 -8.08 -41.15 15.27
C LEU B 350 -7.08 -41.91 14.39
N MET B 351 -6.44 -41.23 13.45
CA MET B 351 -5.47 -41.85 12.54
C MET B 351 -4.21 -42.33 13.25
N LYS B 352 -3.74 -41.56 14.21
CA LYS B 352 -2.64 -42.00 15.09
C LYS B 352 -2.98 -43.31 15.80
N GLU B 353 -4.19 -43.41 16.32
CA GLU B 353 -4.66 -44.65 16.95
C GLU B 353 -4.84 -45.79 16.00
N VAL B 354 -5.31 -45.51 14.80
CA VAL B 354 -5.34 -46.51 13.74
C VAL B 354 -3.93 -47.09 13.56
N ARG B 355 -2.94 -46.21 13.40
CA ARG B 355 -1.57 -46.66 13.20
C ARG B 355 -1.03 -47.47 14.39
N ARG B 356 -1.31 -47.03 15.60
CA ARG B 356 -0.83 -47.72 16.78
C ARG B 356 -1.48 -49.07 16.86
N SER B 357 -2.75 -49.15 16.45
CA SER B 357 -3.52 -50.41 16.48
C SER B 357 -3.10 -51.43 15.46
N ILE B 358 -2.59 -50.98 14.32
CA ILE B 358 -2.04 -51.90 13.32
C ILE B 358 -0.75 -52.50 13.85
N GLU B 359 0.09 -51.66 14.43
CA GLU B 359 1.33 -52.07 15.07
C GLU B 359 1.13 -53.06 16.20
N SER B 360 0.14 -52.81 17.06
CA SER B 360 -0.12 -53.66 18.20
C SER B 360 -1.09 -54.77 17.92
N GLY B 361 -1.66 -54.83 16.72
CA GLY B 361 -2.59 -55.92 16.36
C GLY B 361 -3.97 -55.78 17.03
N THR B 362 -4.31 -54.58 17.48
CA THR B 362 -5.59 -54.32 18.15
C THR B 362 -6.56 -53.58 17.19
N PHE B 363 -6.29 -53.59 15.89
CA PHE B 363 -7.04 -52.76 14.94
C PHE B 363 -8.53 -53.10 14.94
N LYS B 364 -8.87 -54.37 15.08
CA LYS B 364 -10.27 -54.74 15.08
C LYS B 364 -11.07 -54.22 16.27
N GLU B 365 -10.44 -54.05 17.44
CA GLU B 365 -11.07 -53.42 18.59
C GLU B 365 -11.32 -51.92 18.36
N LEU B 366 -10.35 -51.23 17.77
CA LEU B 366 -10.55 -49.84 17.40
C LEU B 366 -11.67 -49.70 16.42
N LYS B 367 -11.62 -50.50 15.37
CA LYS B 367 -12.64 -50.49 14.34
C LYS B 367 -14.03 -50.69 14.88
N SER B 368 -14.18 -51.68 15.76
CA SER B 368 -15.46 -52.00 16.34
C SER B 368 -16.02 -50.82 17.12
N LYS B 369 -15.17 -50.06 17.80
CA LYS B 369 -15.64 -48.90 18.50
C LYS B 369 -16.09 -47.75 17.61
N VAL B 370 -15.28 -47.45 16.61
CA VAL B 370 -15.59 -46.36 15.68
C VAL B 370 -16.92 -46.65 15.00
N VAL B 371 -17.08 -47.88 14.51
CA VAL B 371 -18.28 -48.31 13.79
C VAL B 371 -19.52 -48.23 14.64
N GLU B 372 -19.35 -48.40 15.94
CA GLU B 372 -20.45 -48.38 16.84
C GLU B 372 -20.94 -46.96 17.03
N VAL B 373 -20.04 -46.02 17.26
CA VAL B 373 -20.48 -44.66 17.60
C VAL B 373 -20.62 -43.74 16.39
N TYR B 374 -20.07 -44.14 15.25
CA TYR B 374 -20.27 -43.40 14.02
C TYR B 374 -21.17 -44.12 13.03
N SER B 375 -21.70 -45.27 13.42
CA SER B 375 -23.03 -45.71 12.94
C SER B 375 -23.68 -44.63 12.05
N MET C 13 -15.65 26.62 -35.53
CA MET C 13 -16.87 26.27 -34.73
C MET C 13 -17.63 25.11 -35.42
N GLU C 14 -17.47 23.91 -34.88
CA GLU C 14 -18.24 22.73 -35.30
C GLU C 14 -18.35 21.80 -34.12
N PHE C 15 -19.56 21.52 -33.64
CA PHE C 15 -19.78 20.51 -32.61
C PHE C 15 -20.92 19.58 -33.03
N GLU C 16 -20.64 18.28 -33.04
CA GLU C 16 -21.68 17.29 -33.36
C GLU C 16 -21.77 16.33 -32.18
N VAL C 17 -22.98 16.05 -31.72
CA VAL C 17 -23.20 14.96 -30.76
C VAL C 17 -23.37 13.68 -31.55
N LYS C 18 -22.58 12.66 -31.23
CA LYS C 18 -22.55 11.44 -32.01
C LYS C 18 -23.44 10.35 -31.40
N LYS C 19 -23.47 10.22 -30.09
CA LYS C 19 -24.35 9.26 -29.41
C LYS C 19 -24.73 9.86 -28.05
N THR C 20 -25.99 9.70 -27.63
CA THR C 20 -26.43 10.20 -26.33
C THR C 20 -27.01 9.04 -25.53
N PHE C 21 -26.31 8.62 -24.48
CA PHE C 21 -26.76 7.59 -23.53
C PHE C 21 -27.29 8.21 -22.20
N GLY C 22 -28.61 8.32 -22.11
CA GLY C 22 -29.24 9.08 -21.02
C GLY C 22 -29.10 10.54 -21.39
N LYS C 23 -28.43 11.32 -20.52
CA LYS C 23 -28.05 12.67 -20.89
C LYS C 23 -26.55 12.70 -21.28
N ALA C 24 -25.80 11.63 -20.97
CA ALA C 24 -24.40 11.49 -21.40
C ALA C 24 -24.25 11.59 -22.94
N ARG C 25 -23.35 12.46 -23.39
CA ARG C 25 -23.14 12.78 -24.78
C ARG C 25 -21.72 12.46 -25.24
N LEU C 26 -21.65 11.92 -26.46
CA LEU C 26 -20.38 11.70 -27.16
C LEU C 26 -20.39 12.72 -28.30
N GLY C 27 -19.37 13.57 -28.36
CA GLY C 27 -19.31 14.65 -29.34
C GLY C 27 -17.91 14.88 -29.90
N VAL C 28 -17.82 15.71 -30.92
CA VAL C 28 -16.54 16.18 -31.42
C VAL C 28 -16.66 17.66 -31.68
N MET C 29 -15.66 18.40 -31.24
CA MET C 29 -15.49 19.79 -31.57
C MET C 29 -14.38 19.85 -32.57
N LYS C 30 -14.57 20.67 -33.60
CA LYS C 30 -13.53 20.95 -34.57
C LYS C 30 -13.11 22.39 -34.33
N LEU C 31 -11.89 22.55 -33.84
CA LEU C 31 -11.27 23.83 -33.50
C LEU C 31 -10.11 24.13 -34.44
N HIS C 32 -9.62 25.34 -34.38
CA HIS C 32 -8.58 25.77 -35.33
C HIS C 32 -7.29 24.94 -35.34
N HIS C 33 -6.88 24.36 -34.21
CA HIS C 33 -5.66 23.55 -34.13
C HIS C 33 -5.95 22.08 -33.89
N GLY C 34 -7.20 21.65 -34.02
CA GLY C 34 -7.49 20.24 -33.91
C GLY C 34 -8.90 19.87 -33.52
N ALA C 35 -9.26 18.62 -33.80
CA ALA C 35 -10.50 18.05 -33.34
C ALA C 35 -10.30 17.65 -31.89
N VAL C 36 -11.35 17.78 -31.11
CA VAL C 36 -11.37 17.37 -29.72
C VAL C 36 -12.55 16.47 -29.53
N GLU C 37 -12.37 15.23 -29.08
CA GLU C 37 -13.51 14.37 -28.79
C GLU C 37 -13.95 14.70 -27.32
N THR C 38 -15.24 14.52 -27.05
CA THR C 38 -15.86 14.87 -25.79
C THR C 38 -16.75 13.70 -25.33
N PRO C 39 -16.94 13.52 -24.01
CA PRO C 39 -16.43 14.33 -22.91
C PRO C 39 -14.89 14.41 -22.81
N VAL C 40 -14.40 15.60 -22.44
CA VAL C 40 -12.97 15.87 -22.34
C VAL C 40 -12.61 16.56 -21.01
N PHE C 41 -11.46 16.15 -20.47
CA PHE C 41 -10.83 16.81 -19.33
C PHE C 41 -9.67 17.62 -19.83
N MET C 42 -9.63 18.89 -19.50
CA MET C 42 -8.51 19.79 -19.81
C MET C 42 -7.52 20.01 -18.64
N PRO C 43 -6.26 19.55 -18.82
CA PRO C 43 -5.13 19.99 -17.99
C PRO C 43 -5.03 21.51 -17.96
N VAL C 44 -4.75 22.02 -16.78
CA VAL C 44 -4.71 23.44 -16.51
C VAL C 44 -3.29 23.98 -16.34
N GLY C 45 -2.97 25.02 -17.10
CA GLY C 45 -1.77 25.83 -16.87
C GLY C 45 -2.13 27.21 -16.41
N THR C 46 -1.20 27.87 -15.73
CA THR C 46 -1.38 29.27 -15.33
C THR C 46 -0.37 30.21 -15.97
N ASN C 47 0.89 29.85 -15.94
CA ASN C 47 1.87 30.77 -16.50
C ASN C 47 2.31 30.27 -17.86
N ALA C 48 1.36 29.94 -18.73
CA ALA C 48 1.65 29.37 -20.06
C ALA C 48 2.45 28.05 -19.95
N SER C 49 2.05 27.22 -19.00
CA SER C 49 2.64 25.90 -18.82
C SER C 49 1.79 25.10 -17.85
N VAL C 50 1.69 23.80 -18.10
CA VAL C 50 1.11 22.86 -17.19
C VAL C 50 2.28 22.44 -16.28
N LYS C 51 2.19 22.79 -14.99
CA LYS C 51 3.35 22.69 -14.12
C LYS C 51 4.02 21.29 -14.19
N LEU C 52 5.32 21.32 -14.45
CA LEU C 52 6.26 20.18 -14.46
C LEU C 52 6.16 19.30 -15.72
N LEU C 53 5.31 19.67 -16.65
CA LEU C 53 5.12 18.99 -17.93
C LEU C 53 5.52 19.81 -19.14
N THR C 54 6.10 19.13 -20.11
CA THR C 54 6.42 19.67 -21.42
C THR C 54 5.25 19.40 -22.33
N PRO C 55 5.14 20.16 -23.41
CA PRO C 55 4.13 19.77 -24.39
C PRO C 55 4.25 18.35 -24.92
N ARG C 56 5.44 17.80 -25.01
CA ARG C 56 5.58 16.42 -25.39
C ARG C 56 4.90 15.43 -24.42
N ASP C 57 5.04 15.67 -23.13
CA ASP C 57 4.39 14.86 -22.08
C ASP C 57 2.87 14.93 -22.27
N LEU C 58 2.35 16.11 -22.58
CA LEU C 58 0.90 16.31 -22.77
C LEU C 58 0.39 15.61 -24.02
N GLU C 59 1.12 15.73 -25.14
CA GLU C 59 0.83 15.01 -26.37
C GLU C 59 0.87 13.50 -26.15
N GLU C 60 1.93 13.02 -25.52
CA GLU C 60 2.07 11.60 -25.25
C GLU C 60 0.97 11.09 -24.33
N ALA C 61 0.52 11.90 -23.39
CA ALA C 61 -0.71 11.57 -22.57
C ALA C 61 -2.00 11.42 -23.36
N GLY C 62 -2.05 12.00 -24.57
CA GLY C 62 -3.23 12.03 -25.39
C GLY C 62 -4.07 13.28 -25.20
N ALA C 63 -3.52 14.33 -24.57
CA ALA C 63 -4.28 15.55 -24.34
C ALA C 63 -4.56 16.21 -25.69
N GLU C 64 -5.84 16.31 -26.02
CA GLU C 64 -6.23 16.93 -27.26
C GLU C 64 -6.46 18.44 -27.10
N ILE C 65 -6.45 18.93 -25.85
CA ILE C 65 -6.73 20.33 -25.57
C ILE C 65 -6.24 20.59 -24.15
N ILE C 66 -5.70 21.77 -23.91
CA ILE C 66 -5.39 22.23 -22.56
C ILE C 66 -6.08 23.59 -22.28
N LEU C 67 -6.22 23.92 -21.01
CA LEU C 67 -6.69 25.20 -20.58
C LEU C 67 -5.56 26.11 -20.15
N SER C 68 -5.59 27.36 -20.56
CA SER C 68 -4.70 28.32 -20.03
C SER C 68 -5.45 29.41 -19.29
N ASN C 69 -5.02 29.69 -18.08
CA ASN C 69 -5.50 30.87 -17.39
C ASN C 69 -4.92 32.08 -18.13
N THR C 70 -5.44 33.26 -17.90
CA THR C 70 -4.92 34.45 -18.58
C THR C 70 -4.78 35.67 -17.69
N PHE C 71 -5.35 35.56 -16.50
CA PHE C 71 -5.26 36.59 -15.49
C PHE C 71 -3.78 36.90 -15.31
N HIS C 72 -3.00 35.86 -15.04
CA HIS C 72 -1.58 36.09 -14.82
C HIS C 72 -0.80 36.41 -16.09
N LEU C 73 -1.11 35.77 -17.21
CA LEU C 73 -0.41 36.04 -18.49
C LEU C 73 -0.53 37.49 -18.92
N MET C 74 -1.71 38.07 -18.69
CA MET C 74 -1.98 39.47 -18.97
C MET C 74 -1.05 40.37 -18.15
N LEU C 75 -0.66 39.95 -16.95
CA LEU C 75 0.26 40.73 -16.11
C LEU C 75 1.73 40.40 -16.44
N LYS C 76 2.06 39.11 -16.53
CA LYS C 76 3.41 38.59 -16.85
C LYS C 76 3.32 37.32 -17.70
N PRO C 77 3.87 37.35 -18.93
CA PRO C 77 4.78 38.29 -19.54
C PRO C 77 4.08 39.48 -20.16
N GLY C 78 2.76 39.45 -20.20
CA GLY C 78 2.04 40.44 -20.92
C GLY C 78 1.87 40.03 -22.35
N VAL C 79 0.84 40.69 -22.86
CA VAL C 79 0.34 40.44 -24.18
C VAL C 79 1.38 40.84 -25.25
N GLU C 80 2.18 41.88 -25.01
CA GLU C 80 3.14 42.37 -26.03
C GLU C 80 4.23 41.34 -26.31
N ILE C 81 4.70 40.62 -25.30
CA ILE C 81 5.69 39.57 -25.52
C ILE C 81 5.07 38.38 -26.21
N ILE C 82 3.84 38.02 -25.86
CA ILE C 82 3.18 36.87 -26.50
C ILE C 82 2.88 37.23 -27.95
N LYS C 83 2.49 38.47 -28.20
CA LYS C 83 2.33 38.95 -29.58
C LYS C 83 3.61 38.77 -30.42
N LEU C 84 4.82 38.98 -29.84
CA LEU C 84 6.08 38.76 -30.56
C LEU C 84 6.22 37.29 -31.00
N HIS C 85 5.64 36.37 -30.22
CA HIS C 85 5.64 34.95 -30.55
C HIS C 85 4.51 34.54 -31.46
N ARG C 86 3.79 35.55 -31.97
CA ARG C 86 2.56 35.34 -32.74
C ARG C 86 1.63 34.37 -32.00
N GLY C 87 1.52 34.53 -30.68
CA GLY C 87 0.45 33.86 -29.94
C GLY C 87 0.94 32.92 -28.89
N LEU C 88 -0.02 32.44 -28.11
CA LEU C 88 0.20 31.58 -26.99
C LEU C 88 0.73 30.21 -27.42
N HIS C 89 0.20 29.64 -28.48
CA HIS C 89 0.56 28.30 -28.93
C HIS C 89 2.06 28.23 -29.19
N ASN C 90 2.57 29.25 -29.88
CA ASN C 90 4.00 29.41 -30.11
C ASN C 90 4.80 29.73 -28.87
N PHE C 91 4.29 30.58 -27.99
CA PHE C 91 5.01 30.96 -26.78
C PHE C 91 5.39 29.70 -25.96
N MET C 92 4.43 28.79 -25.82
CA MET C 92 4.55 27.66 -24.93
C MET C 92 4.80 26.29 -25.59
N GLY C 93 4.88 26.25 -26.91
CA GLY C 93 5.27 25.05 -27.64
C GLY C 93 4.16 24.03 -27.85
N TRP C 94 2.91 24.46 -27.67
CA TRP C 94 1.76 23.58 -27.74
C TRP C 94 0.99 23.85 -29.04
N LYS C 95 0.89 22.86 -29.91
CA LYS C 95 0.40 23.06 -31.25
C LYS C 95 -1.03 22.49 -31.41
N ARG C 96 -1.67 22.12 -30.30
CA ARG C 96 -3.05 21.67 -30.32
C ARG C 96 -3.94 22.77 -29.71
N PRO C 97 -5.25 22.53 -29.60
CA PRO C 97 -6.10 23.56 -29.05
C PRO C 97 -5.83 24.01 -27.61
N ILE C 98 -6.11 25.29 -27.34
CA ILE C 98 -6.06 25.90 -26.06
C ILE C 98 -7.41 26.63 -25.84
N LEU C 99 -7.99 26.37 -24.68
CA LEU C 99 -9.08 27.16 -24.11
C LEU C 99 -8.52 28.16 -23.10
N THR C 100 -8.83 29.43 -23.26
CA THR C 100 -8.43 30.46 -22.33
C THR C 100 -9.56 30.90 -21.39
N ASP C 101 -9.31 30.81 -20.09
CA ASP C 101 -10.22 31.26 -19.06
C ASP C 101 -10.09 32.76 -19.03
N SER C 102 -11.18 33.49 -18.93
CA SER C 102 -11.11 34.97 -18.90
C SER C 102 -10.80 35.58 -17.53
N GLY C 103 -10.69 34.78 -16.48
CA GLY C 103 -10.17 35.29 -15.20
C GLY C 103 -11.19 35.73 -14.14
N GLY C 104 -12.48 35.52 -14.41
CA GLY C 104 -13.53 35.84 -13.42
C GLY C 104 -13.35 35.14 -12.07
N PHE C 105 -13.03 33.84 -12.07
CA PHE C 105 -12.78 33.16 -10.79
C PHE C 105 -11.61 33.84 -10.04
N GLN C 106 -10.52 34.10 -10.73
CA GLN C 106 -9.35 34.77 -10.14
C GLN C 106 -9.66 36.17 -9.65
N VAL C 107 -10.30 36.96 -10.49
CA VAL C 107 -10.47 38.38 -10.21
C VAL C 107 -11.40 38.60 -9.02
N PHE C 108 -12.55 37.94 -8.99
CA PHE C 108 -13.51 38.21 -7.92
C PHE C 108 -13.12 37.43 -6.66
N SER C 109 -12.24 36.45 -6.84
CA SER C 109 -11.49 35.80 -5.74
C SER C 109 -10.28 36.66 -5.17
N LEU C 110 -10.30 37.98 -5.38
CA LEU C 110 -9.24 38.89 -4.90
C LEU C 110 -9.82 39.90 -3.91
N PRO C 111 -9.09 40.18 -2.80
CA PRO C 111 -9.61 41.08 -1.76
C PRO C 111 -9.75 42.56 -2.19
N LYS C 112 -10.71 43.25 -1.58
CA LYS C 112 -10.88 44.70 -1.73
C LYS C 112 -10.95 45.26 -3.18
N ILE C 113 -11.43 44.45 -4.14
CA ILE C 113 -11.62 44.92 -5.52
C ILE C 113 -12.75 45.98 -5.60
N ARG C 114 -12.69 46.91 -6.55
CA ARG C 114 -13.80 47.82 -6.84
C ARG C 114 -14.49 47.34 -8.11
N ILE C 115 -15.76 46.92 -7.99
CA ILE C 115 -16.52 46.38 -9.12
C ILE C 115 -17.67 47.31 -9.45
N ASP C 116 -17.87 47.56 -10.73
CA ASP C 116 -19.09 48.24 -11.15
C ASP C 116 -19.39 47.84 -12.57
N ASP C 117 -20.35 48.49 -13.21
CA ASP C 117 -20.71 48.12 -14.56
C ASP C 117 -19.59 48.31 -15.58
N GLU C 118 -18.71 49.30 -15.39
CA GLU C 118 -17.62 49.54 -16.35
C GLU C 118 -16.56 48.45 -16.30
N GLY C 119 -16.22 47.97 -15.11
CA GLY C 119 -15.27 46.87 -15.00
C GLY C 119 -14.81 46.73 -13.57
N VAL C 120 -13.63 46.13 -13.38
CA VAL C 120 -13.10 45.83 -12.05
C VAL C 120 -11.71 46.46 -11.87
N VAL C 121 -11.47 47.14 -10.75
CA VAL C 121 -10.15 47.59 -10.37
C VAL C 121 -9.66 46.72 -9.20
N PHE C 122 -8.41 46.31 -9.31
CA PHE C 122 -7.79 45.49 -8.29
C PHE C 122 -6.27 45.71 -8.25
N ARG C 123 -5.65 45.25 -7.17
CA ARG C 123 -4.20 45.26 -7.07
C ARG C 123 -3.68 43.99 -7.65
N SER C 124 -2.69 44.11 -8.54
CA SER C 124 -2.00 42.95 -9.09
C SER C 124 -1.49 42.00 -8.00
N PRO C 125 -1.80 40.71 -8.13
CA PRO C 125 -1.18 39.77 -7.21
C PRO C 125 0.35 39.67 -7.36
N ILE C 126 0.91 40.27 -8.39
CA ILE C 126 2.35 40.22 -8.62
C ILE C 126 3.07 41.47 -8.07
N ASP C 127 2.67 42.61 -8.58
CA ASP C 127 3.16 43.95 -8.26
C ASP C 127 2.59 44.62 -7.02
N GLY C 128 1.29 44.41 -6.77
CA GLY C 128 0.49 45.31 -5.94
C GLY C 128 -0.07 46.57 -6.64
N SER C 129 0.28 46.76 -7.90
CA SER C 129 -0.18 47.93 -8.66
C SER C 129 -1.62 47.77 -9.10
N LYS C 130 -2.28 48.90 -9.31
CA LYS C 130 -3.70 48.90 -9.65
C LYS C 130 -3.90 48.46 -11.09
N VAL C 131 -4.71 47.42 -11.30
CA VAL C 131 -5.08 46.92 -12.62
C VAL C 131 -6.57 47.12 -12.92
N PHE C 132 -6.90 47.63 -14.10
CA PHE C 132 -8.27 47.69 -14.58
C PHE C 132 -8.50 46.59 -15.61
N LEU C 133 -9.66 45.94 -15.50
CA LEU C 133 -10.07 44.83 -16.35
C LEU C 133 -11.59 44.99 -16.65
N ASN C 134 -11.98 44.66 -17.89
CA ASN C 134 -13.36 44.69 -18.30
C ASN C 134 -13.55 43.79 -19.54
N PRO C 135 -14.79 43.63 -20.03
CA PRO C 135 -15.03 42.76 -21.19
C PRO C 135 -14.16 43.04 -22.41
N GLU C 136 -13.97 44.31 -22.70
CA GLU C 136 -13.22 44.75 -23.86
C GLU C 136 -11.75 44.40 -23.75
N ILE C 137 -11.10 44.76 -22.63
CA ILE C 137 -9.68 44.40 -22.37
C ILE C 137 -9.48 42.90 -22.40
N SER C 138 -10.39 42.17 -21.77
CA SER C 138 -10.35 40.73 -21.76
C SER C 138 -10.33 40.13 -23.16
N MET C 139 -11.21 40.62 -24.03
CA MET C 139 -11.32 40.11 -25.40
C MET C 139 -10.07 40.46 -26.20
N GLU C 140 -9.55 41.66 -25.99
CA GLU C 140 -8.26 42.07 -26.57
C GLU C 140 -7.12 41.13 -26.18
N VAL C 141 -6.97 40.84 -24.88
CA VAL C 141 -6.01 39.87 -24.43
C VAL C 141 -6.19 38.49 -25.09
N GLN C 142 -7.41 37.97 -25.17
CA GLN C 142 -7.56 36.60 -25.64
C GLN C 142 -7.38 36.51 -27.14
N ILE C 143 -7.76 37.56 -27.84
CA ILE C 143 -7.51 37.66 -29.27
C ILE C 143 -6.02 37.69 -29.55
N ALA C 144 -5.25 38.44 -28.77
CA ALA C 144 -3.79 38.48 -28.87
C ALA C 144 -3.12 37.16 -28.58
N LEU C 145 -3.68 36.40 -27.64
CA LEU C 145 -3.24 35.04 -27.35
C LEU C 145 -3.57 34.05 -28.47
N GLY C 146 -4.72 34.24 -29.14
CA GLY C 146 -5.14 33.40 -30.25
C GLY C 146 -5.53 31.99 -29.88
N SER C 147 -6.10 31.81 -28.70
CA SER C 147 -6.58 30.53 -28.25
C SER C 147 -7.80 30.08 -29.09
N ASP C 148 -7.98 28.77 -29.19
CA ASP C 148 -9.05 28.18 -30.02
C ASP C 148 -10.46 28.41 -29.49
N ILE C 149 -10.63 28.39 -28.17
CA ILE C 149 -11.84 28.83 -27.47
C ILE C 149 -11.48 29.95 -26.49
N CYS C 150 -12.25 31.04 -26.56
CA CYS C 150 -12.17 32.17 -25.64
C CYS C 150 -13.42 32.19 -24.74
N MET C 151 -13.27 32.63 -23.49
CA MET C 151 -14.43 32.82 -22.63
C MET C 151 -14.75 34.31 -22.52
N VAL C 152 -16.03 34.62 -22.50
CA VAL C 152 -16.52 35.98 -22.13
C VAL C 152 -16.07 36.36 -20.72
N PHE C 153 -15.97 37.65 -20.47
CA PHE C 153 -15.64 38.14 -19.15
C PHE C 153 -16.92 38.28 -18.33
N ASP C 154 -16.96 37.55 -17.21
CA ASP C 154 -18.15 37.43 -16.35
C ASP C 154 -17.92 38.06 -15.01
N HIS C 155 -19.02 38.39 -14.32
CA HIS C 155 -18.98 38.72 -12.90
C HIS C 155 -19.33 37.48 -12.06
N CYS C 156 -18.31 36.86 -11.48
CA CYS C 156 -18.52 35.65 -10.71
C CYS C 156 -18.85 35.98 -9.24
N PRO C 157 -20.06 35.62 -8.78
CA PRO C 157 -20.43 35.94 -7.42
C PRO C 157 -19.78 35.00 -6.40
N VAL C 158 -19.56 35.52 -5.18
CA VAL C 158 -18.86 34.80 -4.10
C VAL C 158 -19.65 33.57 -3.67
N ALA C 161 -23.79 34.03 -1.11
CA ALA C 161 -24.17 35.41 -1.36
C ALA C 161 -25.70 35.47 -1.35
N ASP C 162 -26.22 36.56 -0.81
CA ASP C 162 -27.65 36.77 -0.76
C ASP C 162 -28.15 36.63 -2.17
N TYR C 163 -29.43 36.31 -2.31
CA TYR C 163 -30.04 36.22 -3.60
C TYR C 163 -29.80 37.50 -4.43
N GLU C 164 -29.97 38.65 -3.77
CA GLU C 164 -29.81 39.93 -4.43
C GLU C 164 -28.36 40.16 -4.92
N GLU C 165 -27.37 39.66 -4.19
CA GLU C 165 -25.96 39.77 -4.59
C GLU C 165 -25.70 38.91 -5.82
N VAL C 166 -26.21 37.68 -5.79
CA VAL C 166 -26.07 36.76 -6.92
C VAL C 166 -26.78 37.29 -8.16
N LYS C 167 -27.97 37.85 -7.97
CA LYS C 167 -28.71 38.44 -9.07
C LYS C 167 -28.01 39.66 -9.68
N GLU C 168 -27.43 40.53 -8.87
CA GLU C 168 -26.63 41.64 -9.42
C GLU C 168 -25.49 41.14 -10.28
N ALA C 169 -24.69 40.19 -9.77
CA ALA C 169 -23.59 39.60 -10.54
C ALA C 169 -24.09 38.92 -11.82
N THR C 170 -25.19 38.19 -11.71
CA THR C 170 -25.77 37.43 -12.85
C THR C 170 -26.30 38.37 -13.93
N GLU C 171 -26.88 39.48 -13.51
CA GLU C 171 -27.35 40.50 -14.46
C GLU C 171 -26.16 41.23 -15.13
N ARG C 172 -25.12 41.52 -14.36
CA ARG C 172 -23.92 42.13 -14.93
C ARG C 172 -23.19 41.19 -15.88
N THR C 173 -23.18 39.90 -15.54
CA THR C 173 -22.67 38.86 -16.42
C THR C 173 -23.35 38.89 -17.80
N TYR C 174 -24.69 39.00 -17.86
CA TYR C 174 -25.39 39.23 -19.14
C TYR C 174 -24.87 40.45 -19.88
N ARG C 175 -24.77 41.59 -19.21
CA ARG C 175 -24.36 42.85 -19.84
C ARG C 175 -22.92 42.79 -20.35
N TRP C 176 -22.07 42.13 -19.59
CA TRP C 176 -20.69 41.94 -19.98
C TRP C 176 -20.52 40.88 -21.07
N ALA C 177 -21.43 39.92 -21.14
CA ALA C 177 -21.41 38.92 -22.22
C ALA C 177 -21.71 39.59 -23.54
N LEU C 178 -22.64 40.54 -23.50
CA LEU C 178 -23.02 41.33 -24.67
C LEU C 178 -21.84 42.15 -25.14
N ARG C 179 -21.20 42.83 -24.18
CA ARG C 179 -19.98 43.59 -24.44
C ARG C 179 -18.78 42.75 -24.90
N SER C 180 -18.63 41.53 -24.40
CA SER C 180 -17.59 40.62 -24.86
C SER C 180 -17.82 40.21 -26.31
N LYS C 181 -19.05 39.85 -26.65
CA LYS C 181 -19.34 39.45 -28.03
C LYS C 181 -19.09 40.59 -29.04
N LYS C 182 -19.44 41.83 -28.66
CA LYS C 182 -19.29 42.98 -29.53
C LYS C 182 -17.82 43.29 -29.77
N ALA C 183 -17.00 43.08 -28.74
CA ALA C 183 -15.57 43.36 -28.78
C ALA C 183 -14.73 42.27 -29.48
N PHE C 184 -15.35 41.12 -29.72
CA PHE C 184 -14.68 39.92 -30.22
C PHE C 184 -14.57 39.87 -31.75
N LYS C 185 -13.67 40.65 -32.33
CA LYS C 185 -13.49 40.69 -33.79
C LYS C 185 -12.24 39.91 -34.21
N THR C 186 -12.45 38.64 -34.58
CA THR C 186 -11.35 37.72 -34.96
C THR C 186 -11.79 36.65 -35.98
N GLU C 187 -10.86 35.74 -36.28
CA GLU C 187 -11.18 34.53 -37.01
C GLU C 187 -10.58 33.30 -36.29
N ASN C 188 -11.18 32.14 -36.53
CA ASN C 188 -10.68 30.84 -36.04
C ASN C 188 -10.65 30.74 -34.52
N GLN C 189 -11.46 31.54 -33.83
CA GLN C 189 -11.61 31.47 -32.37
C GLN C 189 -13.07 31.29 -32.05
N ALA C 190 -13.38 30.33 -31.20
CA ALA C 190 -14.75 30.15 -30.74
C ALA C 190 -14.90 31.00 -29.49
N LEU C 191 -16.15 31.37 -29.15
CA LEU C 191 -16.44 32.15 -27.92
C LEU C 191 -17.57 31.52 -27.14
N PHE C 192 -17.30 31.21 -25.87
CA PHE C 192 -18.26 30.60 -24.94
C PHE C 192 -18.75 31.63 -23.94
N GLY C 193 -20.08 31.64 -23.69
CA GLY C 193 -20.68 32.42 -22.63
C GLY C 193 -20.66 31.67 -21.32
N ILE C 194 -20.78 32.39 -20.22
CA ILE C 194 -20.73 31.77 -18.88
C ILE C 194 -22.08 31.97 -18.16
N VAL C 195 -22.79 30.88 -17.92
CA VAL C 195 -24.03 30.93 -17.12
C VAL C 195 -23.70 31.06 -15.63
N GLN C 196 -24.34 32.02 -14.97
CA GLN C 196 -24.18 32.24 -13.55
C GLN C 196 -25.55 32.03 -12.85
N GLY C 197 -25.74 32.55 -11.66
CA GLY C 197 -26.98 32.35 -10.87
C GLY C 197 -26.82 31.57 -9.57
N GLY C 198 -25.58 31.28 -9.16
CA GLY C 198 -25.37 30.75 -7.81
C GLY C 198 -26.16 29.47 -7.60
N ILE C 199 -26.73 29.32 -6.41
CA ILE C 199 -27.60 28.19 -6.08
C ILE C 199 -29.09 28.47 -6.24
N TYR C 200 -29.47 29.42 -7.09
CA TYR C 200 -30.85 29.80 -7.28
C TYR C 200 -31.33 29.35 -8.62
N PRO C 201 -32.17 28.30 -8.67
CA PRO C 201 -32.61 27.77 -9.97
C PRO C 201 -33.23 28.84 -10.88
N ASP C 202 -34.00 29.76 -10.32
CA ASP C 202 -34.58 30.81 -11.14
C ASP C 202 -33.53 31.67 -11.85
N LEU C 203 -32.46 32.03 -11.16
CA LEU C 203 -31.34 32.80 -11.78
C LEU C 203 -30.57 31.97 -12.73
N ARG C 204 -30.40 30.68 -12.43
CA ARG C 204 -29.70 29.78 -13.35
C ARG C 204 -30.46 29.69 -14.68
N ARG C 205 -31.79 29.49 -14.61
CA ARG C 205 -32.66 29.45 -15.81
C ARG C 205 -32.64 30.77 -16.61
N GLU C 206 -32.76 31.89 -15.91
CA GLU C 206 -32.76 33.22 -16.57
C GLU C 206 -31.44 33.49 -17.23
N SER C 207 -30.36 33.17 -16.52
CA SER C 207 -29.03 33.41 -17.09
C SER C 207 -28.77 32.57 -18.33
N ALA C 208 -29.20 31.31 -18.33
CA ALA C 208 -29.00 30.45 -19.50
C ALA C 208 -29.87 30.93 -20.69
N LEU C 209 -31.09 31.33 -20.40
CA LEU C 209 -31.96 31.94 -21.41
C LEU C 209 -31.40 33.26 -21.96
N GLN C 210 -30.96 34.15 -21.08
CA GLN C 210 -30.28 35.38 -21.48
C GLN C 210 -29.11 35.12 -22.40
N LEU C 211 -28.20 34.23 -21.99
CA LEU C 211 -27.02 33.97 -22.79
C LEU C 211 -27.36 33.29 -24.10
N THR C 212 -28.22 32.28 -24.08
CA THR C 212 -28.63 31.61 -25.31
C THR C 212 -29.32 32.54 -26.34
N SER C 213 -29.90 33.65 -25.87
CA SER C 213 -30.54 34.66 -26.75
C SER C 213 -29.53 35.56 -27.43
N ILE C 214 -28.37 35.73 -26.80
CA ILE C 214 -27.23 36.43 -27.39
C ILE C 214 -26.56 35.55 -28.44
N GLY C 215 -26.34 34.28 -28.08
CA GLY C 215 -25.76 33.29 -29.01
C GLY C 215 -24.26 33.15 -28.93
N PHE C 216 -23.81 31.98 -28.51
CA PHE C 216 -22.37 31.71 -28.38
C PHE C 216 -22.07 30.38 -29.02
N ASP C 217 -20.78 30.12 -29.18
CA ASP C 217 -20.34 28.84 -29.72
C ASP C 217 -20.42 27.71 -28.73
N GLY C 218 -20.58 28.04 -27.46
CA GLY C 218 -20.64 27.04 -26.41
C GLY C 218 -21.00 27.73 -25.14
N TYR C 219 -21.36 26.95 -24.14
CA TYR C 219 -21.87 27.52 -22.89
C TYR C 219 -21.19 26.89 -21.66
N ALA C 220 -20.63 27.75 -20.83
CA ALA C 220 -20.02 27.33 -19.57
C ALA C 220 -21.00 27.53 -18.42
N ILE C 221 -20.94 26.59 -17.48
CA ILE C 221 -21.64 26.63 -16.22
C ILE C 221 -20.65 27.20 -15.17
N GLY C 222 -20.89 28.44 -14.79
CA GLY C 222 -20.00 29.15 -13.90
C GLY C 222 -20.47 29.10 -12.48
N GLY C 223 -19.61 29.48 -11.57
CA GLY C 223 -20.05 29.77 -10.22
C GLY C 223 -20.33 28.58 -9.30
N LEU C 224 -19.91 27.39 -9.70
CA LEU C 224 -20.17 26.19 -8.94
C LEU C 224 -18.89 25.45 -8.59
N SER C 225 -19.05 24.51 -7.68
CA SER C 225 -17.96 23.75 -7.07
C SER C 225 -16.94 24.73 -6.40
N ILE C 226 -17.50 25.76 -5.76
CA ILE C 226 -16.71 26.75 -5.10
C ILE C 226 -17.19 26.91 -3.65
N GLY C 227 -17.78 25.85 -3.08
CA GLY C 227 -18.15 25.79 -1.68
C GLY C 227 -19.57 25.35 -1.33
N GLU C 228 -20.47 25.37 -2.30
CA GLU C 228 -21.83 24.93 -2.05
C GLU C 228 -21.86 23.41 -1.84
N GLU C 229 -22.95 22.90 -1.30
CA GLU C 229 -23.11 21.45 -1.08
C GLU C 229 -23.14 20.73 -2.45
N ARG C 230 -22.57 19.54 -2.49
CA ARG C 230 -22.50 18.75 -3.73
C ARG C 230 -23.84 18.56 -4.39
N SER C 231 -24.88 18.40 -3.58
CA SER C 231 -26.20 18.15 -4.11
C SER C 231 -26.72 19.37 -4.87
N LEU C 232 -26.36 20.57 -4.42
CA LEU C 232 -26.70 21.81 -5.15
C LEU C 232 -25.81 22.05 -6.39
N THR C 233 -24.57 21.58 -6.37
CA THR C 233 -23.74 21.58 -7.59
C THR C 233 -24.44 20.79 -8.70
N LEU C 234 -24.94 19.62 -8.31
CA LEU C 234 -25.54 18.69 -9.24
C LEU C 234 -26.90 19.21 -9.70
N GLU C 235 -27.75 19.65 -8.77
CA GLU C 235 -29.06 20.23 -9.13
C GLU C 235 -28.96 21.48 -9.98
N MET C 236 -28.00 22.35 -9.71
CA MET C 236 -27.84 23.58 -10.49
C MET C 236 -27.35 23.30 -11.90
N THR C 237 -26.54 22.26 -12.05
CA THR C 237 -26.08 21.81 -13.37
C THR C 237 -27.29 21.30 -14.15
N GLU C 238 -28.15 20.50 -13.51
CA GLU C 238 -29.35 19.99 -14.14
C GLU C 238 -30.30 21.09 -14.63
N VAL C 239 -30.54 22.09 -13.78
CA VAL C 239 -31.38 23.23 -14.15
C VAL C 239 -30.78 24.01 -15.30
N THR C 240 -29.49 24.30 -15.24
CA THR C 240 -28.79 25.02 -16.32
C THR C 240 -28.83 24.28 -17.67
N VAL C 241 -28.46 23.01 -17.68
CA VAL C 241 -28.42 22.20 -18.90
C VAL C 241 -29.82 22.06 -19.55
N GLU C 242 -30.86 22.04 -18.73
CA GLU C 242 -32.26 22.10 -19.25
C GLU C 242 -32.49 23.27 -20.22
N PHE C 243 -31.79 24.39 -20.01
CA PHE C 243 -31.96 25.59 -20.85
C PHE C 243 -30.79 25.91 -21.80
N LEU C 244 -29.89 24.95 -22.02
CA LEU C 244 -28.72 25.15 -22.91
C LEU C 244 -28.86 24.24 -24.13
N PRO C 245 -28.54 24.76 -25.33
CA PRO C 245 -28.67 23.99 -26.58
C PRO C 245 -27.93 22.65 -26.58
N GLU C 246 -28.63 21.59 -26.97
CA GLU C 246 -27.99 20.29 -27.17
C GLU C 246 -26.98 20.27 -28.33
N ASP C 247 -27.02 21.24 -29.24
CA ASP C 247 -26.09 21.19 -30.41
C ASP C 247 -24.79 21.94 -30.14
N LYS C 248 -24.61 22.38 -28.90
CA LYS C 248 -23.43 23.13 -28.54
C LYS C 248 -22.82 22.54 -27.29
N PRO C 249 -21.49 22.71 -27.12
CA PRO C 249 -20.80 22.18 -25.97
C PRO C 249 -21.24 22.79 -24.63
N ARG C 250 -21.33 21.95 -23.59
CA ARG C 250 -21.56 22.36 -22.19
C ARG C 250 -20.25 22.15 -21.42
N TYR C 251 -19.76 23.20 -20.78
CA TYR C 251 -18.49 23.18 -20.08
C TYR C 251 -18.63 23.53 -18.60
N PHE C 252 -18.36 22.57 -17.74
CA PHE C 252 -18.39 22.85 -16.31
C PHE C 252 -17.05 23.38 -15.84
N MET C 253 -17.04 24.60 -15.34
CA MET C 253 -15.79 25.25 -14.96
C MET C 253 -15.30 24.80 -13.59
N GLY C 254 -14.15 24.13 -13.56
CA GLY C 254 -13.45 23.76 -12.35
C GLY C 254 -13.88 22.47 -11.70
N GLY C 255 -13.27 22.18 -10.56
CA GLY C 255 -13.67 21.05 -9.73
C GLY C 255 -13.76 19.70 -10.41
N GLY C 256 -13.09 19.49 -11.55
CA GLY C 256 -13.03 18.19 -12.23
C GLY C 256 -12.21 17.13 -11.49
N SER C 257 -12.69 16.70 -10.32
CA SER C 257 -12.34 15.41 -9.74
C SER C 257 -13.21 14.27 -10.35
N PRO C 258 -12.70 13.02 -10.37
CA PRO C 258 -13.31 11.93 -11.12
C PRO C 258 -14.78 11.58 -10.83
N GLU C 259 -15.14 11.52 -9.55
CA GLU C 259 -16.53 11.35 -9.12
C GLU C 259 -17.45 12.45 -9.68
N LEU C 260 -17.03 13.71 -9.57
CA LEU C 260 -17.85 14.82 -10.01
C LEU C 260 -17.94 14.82 -11.52
N ILE C 261 -16.82 14.67 -12.21
CA ILE C 261 -16.87 14.61 -13.67
C ILE C 261 -17.94 13.60 -14.15
N LEU C 262 -17.94 12.43 -13.53
CA LEU C 262 -18.82 11.35 -14.02
C LEU C 262 -20.30 11.67 -13.72
N GLU C 263 -20.55 12.24 -12.54
CA GLU C 263 -21.86 12.73 -12.18
C GLU C 263 -22.33 13.79 -13.15
N LEU C 264 -21.44 14.67 -13.59
CA LEU C 264 -21.82 15.75 -14.54
C LEU C 264 -21.95 15.32 -16.01
N VAL C 265 -21.08 14.43 -16.48
CA VAL C 265 -21.28 13.81 -17.80
C VAL C 265 -22.70 13.21 -17.86
N ASP C 266 -23.06 12.48 -16.81
CA ASP C 266 -24.39 11.86 -16.69
C ASP C 266 -25.57 12.87 -16.73
N ARG C 267 -25.28 14.17 -16.62
CA ARG C 267 -26.26 15.25 -16.60
C ARG C 267 -26.09 16.14 -17.81
N GLY C 268 -25.19 15.78 -18.72
CA GLY C 268 -25.12 16.42 -20.03
C GLY C 268 -23.94 17.36 -20.23
N VAL C 269 -22.97 17.38 -19.31
CA VAL C 269 -21.79 18.20 -19.52
C VAL C 269 -20.68 17.50 -20.38
N ASP C 270 -20.06 18.30 -21.25
CA ASP C 270 -19.05 17.82 -22.23
C ASP C 270 -17.57 18.12 -21.91
N MET C 271 -17.31 19.24 -21.23
CA MET C 271 -15.99 19.73 -21.01
C MET C 271 -15.76 20.01 -19.51
N PHE C 272 -14.53 19.73 -19.09
CA PHE C 272 -14.07 19.84 -17.69
C PHE C 272 -12.64 20.30 -17.55
N ASP C 273 -12.32 20.94 -16.42
CA ASP C 273 -10.95 21.31 -16.09
C ASP C 273 -10.71 21.28 -14.58
N SER C 274 -9.46 21.04 -14.21
CA SER C 274 -9.06 21.19 -12.82
C SER C 274 -7.56 21.22 -12.69
N VAL C 275 -7.05 22.00 -11.72
CA VAL C 275 -5.67 21.82 -11.27
C VAL C 275 -5.50 20.58 -10.39
N PHE C 276 -6.59 19.91 -9.99
CA PHE C 276 -6.52 18.77 -9.06
C PHE C 276 -5.45 17.67 -9.36
N PRO C 277 -5.41 17.11 -10.58
CA PRO C 277 -4.49 16.03 -10.91
C PRO C 277 -3.00 16.39 -10.81
N THR C 278 -2.66 17.61 -11.25
CA THR C 278 -1.26 18.09 -11.22
C THR C 278 -0.84 18.51 -9.79
N ARG C 279 -1.69 19.31 -9.15
CA ARG C 279 -1.46 19.72 -7.80
C ARG C 279 -1.33 18.55 -6.84
N ILE C 280 -2.20 17.55 -6.92
CA ILE C 280 -2.09 16.46 -5.96
C ILE C 280 -0.89 15.55 -6.26
N ALA C 281 -0.49 15.46 -7.52
CA ALA C 281 0.77 14.79 -7.91
C ALA C 281 1.95 15.38 -7.18
N ARG C 282 2.05 16.70 -7.13
CA ARG C 282 3.13 17.37 -6.44
C ARG C 282 3.16 17.14 -4.92
N HIS C 283 2.00 16.90 -4.35
CA HIS C 283 1.84 16.46 -2.98
C HIS C 283 2.07 14.98 -2.73
N GLY C 284 2.30 14.19 -3.77
CA GLY C 284 2.63 12.78 -3.62
C GLY C 284 1.52 11.76 -3.82
N THR C 285 0.38 12.19 -4.36
CA THR C 285 -0.79 11.31 -4.51
C THR C 285 -0.98 11.06 -5.98
N ALA C 286 -1.12 9.77 -6.31
CA ALA C 286 -1.47 9.33 -7.63
C ALA C 286 -2.97 9.04 -7.72
N LEU C 287 -3.53 9.38 -8.86
CA LEU C 287 -4.88 8.99 -9.26
C LEU C 287 -4.82 7.69 -10.04
N THR C 288 -5.45 6.63 -9.53
CA THR C 288 -5.38 5.33 -10.16
C THR C 288 -6.78 4.79 -10.38
N TRP C 289 -6.87 3.66 -11.08
CA TRP C 289 -8.15 3.06 -11.30
C TRP C 289 -8.70 2.47 -10.02
N ASN C 290 -7.90 2.43 -8.96
CA ASN C 290 -8.36 1.96 -7.67
C ASN C 290 -8.53 3.10 -6.68
N GLY C 291 -8.64 4.31 -7.18
CA GLY C 291 -8.68 5.48 -6.32
C GLY C 291 -7.31 6.13 -6.12
N LYS C 292 -7.28 7.06 -5.18
CA LYS C 292 -6.04 7.78 -4.86
C LYS C 292 -5.06 6.80 -4.21
N LEU C 293 -3.78 6.90 -4.56
CA LEU C 293 -2.66 6.20 -3.95
C LEU C 293 -1.70 7.23 -3.37
N ASN C 294 -1.50 7.17 -2.08
CA ASN C 294 -0.59 8.12 -1.47
C ASN C 294 0.84 7.55 -1.45
N LEU C 295 1.66 7.99 -2.38
CA LEU C 295 3.02 7.42 -2.53
C LEU C 295 3.92 7.70 -1.29
N LYS C 296 3.56 8.68 -0.48
CA LYS C 296 4.31 9.00 0.71
C LYS C 296 4.01 8.02 1.81
N ALA C 297 2.92 7.22 1.70
CA ALA C 297 2.60 6.25 2.74
C ALA C 297 3.62 5.13 2.77
N SER C 298 3.80 4.54 3.91
CA SER C 298 4.89 3.57 4.07
C SER C 298 4.56 2.22 3.44
N TYR C 299 3.32 1.98 3.08
CA TYR C 299 3.00 0.76 2.37
C TYR C 299 3.51 0.74 0.92
N ASN C 300 4.26 1.75 0.54
CA ASN C 300 4.94 1.85 -0.76
C ASN C 300 6.44 1.61 -0.68
N LYS C 301 6.98 1.68 0.54
CA LYS C 301 8.42 1.74 0.75
C LYS C 301 9.18 0.56 0.10
N ARG C 302 8.57 -0.62 0.11
CA ARG C 302 9.22 -1.82 -0.44
C ARG C 302 8.44 -2.44 -1.59
N SER C 303 7.52 -1.68 -2.17
CA SER C 303 6.66 -2.18 -3.21
C SER C 303 7.38 -2.22 -4.58
N LEU C 304 7.34 -3.37 -5.21
CA LEU C 304 7.99 -3.54 -6.53
C LEU C 304 6.93 -3.33 -7.62
N GLU C 305 5.76 -2.82 -7.24
CA GLU C 305 4.65 -2.65 -8.17
C GLU C 305 4.66 -1.24 -8.81
N PRO C 306 4.09 -1.11 -10.02
CA PRO C 306 3.88 0.20 -10.61
C PRO C 306 2.79 1.00 -9.84
N VAL C 307 2.77 2.31 -10.04
CA VAL C 307 1.69 3.16 -9.48
C VAL C 307 0.31 2.56 -9.83
N ASP C 308 0.12 2.20 -11.10
CA ASP C 308 -1.17 1.62 -11.55
C ASP C 308 -0.90 0.43 -12.46
N GLU C 309 -1.33 -0.76 -12.07
CA GLU C 309 -1.17 -1.99 -12.89
C GLU C 309 -1.93 -1.94 -14.24
N ARG C 310 -2.83 -0.99 -14.39
CA ARG C 310 -3.62 -0.85 -15.62
C ARG C 310 -3.25 0.40 -16.41
N CYS C 311 -2.06 0.97 -16.18
CA CYS C 311 -1.66 2.19 -16.83
C CYS C 311 -0.45 1.95 -17.75
N GLY C 312 -0.53 2.46 -18.95
CA GLY C 312 0.57 2.39 -19.87
C GLY C 312 1.59 3.52 -19.85
N CYS C 313 1.51 4.45 -18.92
CA CYS C 313 2.30 5.68 -18.97
C CYS C 313 3.76 5.39 -18.66
N TYR C 314 4.64 6.37 -18.93
CA TYR C 314 6.07 6.24 -18.74
C TYR C 314 6.40 5.86 -17.32
N THR C 315 5.73 6.51 -16.38
CA THR C 315 5.97 6.28 -14.97
C THR C 315 5.69 4.81 -14.59
N CYS C 316 4.59 4.30 -15.07
CA CYS C 316 4.10 2.96 -14.68
C CYS C 316 4.88 1.89 -15.43
N LYS C 317 5.42 2.22 -16.60
CA LYS C 317 6.24 1.27 -17.34
C LYS C 317 7.61 1.09 -16.70
N ASN C 318 8.18 2.13 -16.10
CA ASN C 318 9.58 2.13 -15.79
C ASN C 318 9.97 2.09 -14.30
N PHE C 319 9.03 2.46 -13.43
CA PHE C 319 9.36 2.69 -12.03
C PHE C 319 8.44 1.96 -11.05
N THR C 320 9.00 1.71 -9.89
CA THR C 320 8.24 1.14 -8.81
C THR C 320 7.73 2.16 -7.80
N ARG C 321 6.69 1.78 -7.10
CA ARG C 321 6.19 2.53 -5.93
C ARG C 321 7.25 2.79 -4.87
N SER C 322 8.10 1.78 -4.66
CA SER C 322 9.32 2.00 -3.82
C SER C 322 10.19 3.17 -4.26
N TYR C 323 10.53 3.25 -5.54
CA TYR C 323 11.37 4.26 -6.03
C TYR C 323 10.72 5.63 -5.87
N ILE C 324 9.45 5.70 -6.22
CA ILE C 324 8.71 6.97 -6.16
C ILE C 324 8.59 7.44 -4.73
N HIS C 325 8.27 6.53 -3.84
CA HIS C 325 8.25 6.82 -2.40
C HIS C 325 9.62 7.41 -1.90
N HIS C 326 10.71 6.78 -2.33
CA HIS C 326 12.07 7.25 -2.10
C HIS C 326 12.33 8.67 -2.61
N LEU C 327 11.88 8.96 -3.81
CA LEU C 327 12.04 10.29 -4.36
C LEU C 327 11.35 11.34 -3.51
N PHE C 328 10.11 11.09 -3.10
CA PHE C 328 9.44 12.03 -2.21
C PHE C 328 10.06 12.11 -0.83
N ASP C 329 10.53 10.98 -0.30
CA ASP C 329 11.31 10.95 0.96
C ASP C 329 12.54 11.85 0.91
N ARG C 330 13.19 11.88 -0.24
CA ARG C 330 14.42 12.63 -0.39
C ARG C 330 14.22 14.01 -0.90
N GLY C 331 12.98 14.45 -1.16
CA GLY C 331 12.76 15.80 -1.68
C GLY C 331 13.07 15.99 -3.15
N GLU C 332 13.08 14.94 -3.92
CA GLU C 332 13.46 14.99 -5.32
C GLU C 332 12.24 15.38 -6.13
N VAL C 333 12.35 16.48 -6.84
CA VAL C 333 11.27 16.99 -7.70
C VAL C 333 10.89 16.02 -8.81
N LEU C 334 11.82 15.14 -9.16
CA LEU C 334 11.50 14.06 -10.07
C LEU C 334 10.27 13.23 -9.65
N GLY C 335 10.10 12.98 -8.36
CA GLY C 335 8.95 12.22 -7.91
C GLY C 335 7.66 12.96 -8.29
N GLN C 336 7.65 14.29 -8.14
CA GLN C 336 6.50 15.10 -8.56
C GLN C 336 6.24 15.10 -10.05
N ILE C 337 7.31 15.16 -10.84
CA ILE C 337 7.26 15.09 -12.29
C ILE C 337 6.64 13.76 -12.72
N LEU C 338 7.13 12.68 -12.14
CA LEU C 338 6.63 11.33 -12.42
C LEU C 338 5.12 11.13 -12.16
N LEU C 339 4.66 11.63 -11.03
CA LEU C 339 3.28 11.56 -10.67
C LEU C 339 2.41 12.52 -11.45
N THR C 340 2.94 13.65 -11.90
CA THR C 340 2.21 14.57 -12.77
C THR C 340 1.96 13.91 -14.11
N ILE C 341 3.01 13.29 -14.68
CA ILE C 341 2.88 12.51 -15.92
C ILE C 341 1.80 11.42 -15.76
N HIS C 342 1.87 10.68 -14.67
CA HIS C 342 0.92 9.64 -14.44
C HIS C 342 -0.51 10.17 -14.28
N ASN C 343 -0.69 11.14 -13.41
CA ASN C 343 -2.00 11.73 -13.18
C ASN C 343 -2.68 12.35 -14.39
N ILE C 344 -1.92 13.02 -15.25
CA ILE C 344 -2.50 13.48 -16.51
C ILE C 344 -2.82 12.32 -17.45
N ASN C 345 -1.95 11.32 -17.54
CA ASN C 345 -2.28 10.12 -18.28
C ASN C 345 -3.59 9.48 -17.81
N PHE C 346 -3.76 9.36 -16.49
CA PHE C 346 -4.93 8.78 -15.91
C PHE C 346 -6.20 9.61 -16.31
N MET C 347 -6.17 10.94 -16.18
CA MET C 347 -7.34 11.77 -16.51
C MET C 347 -7.74 11.70 -17.98
N ILE C 348 -6.75 11.73 -18.88
CA ILE C 348 -7.05 11.61 -20.29
C ILE C 348 -7.60 10.21 -20.58
N SER C 349 -7.05 9.23 -19.89
CA SER C 349 -7.50 7.87 -20.02
C SER C 349 -8.94 7.64 -19.53
N LEU C 350 -9.25 8.20 -18.36
CA LEU C 350 -10.58 8.15 -17.78
C LEU C 350 -11.65 8.62 -18.76
N MET C 351 -11.37 9.73 -19.43
CA MET C 351 -12.29 10.34 -20.36
C MET C 351 -12.42 9.55 -21.64
N LYS C 352 -11.34 8.88 -22.03
CA LYS C 352 -11.32 7.96 -23.18
C LYS C 352 -12.28 6.82 -22.86
N GLU C 353 -12.20 6.28 -21.66
CA GLU C 353 -13.11 5.24 -21.18
C GLU C 353 -14.57 5.65 -21.00
N VAL C 354 -14.79 6.88 -20.49
CA VAL C 354 -16.10 7.53 -20.50
C VAL C 354 -16.68 7.54 -21.92
N ARG C 355 -15.89 7.98 -22.89
CA ARG C 355 -16.34 8.02 -24.28
C ARG C 355 -16.65 6.61 -24.82
N ARG C 356 -15.83 5.63 -24.46
CA ARG C 356 -16.09 4.24 -24.83
C ARG C 356 -17.40 3.71 -24.28
N SER C 357 -17.66 4.03 -23.02
CA SER C 357 -18.86 3.72 -22.24
C SER C 357 -20.12 4.21 -22.91
N ILE C 358 -20.07 5.44 -23.40
CA ILE C 358 -21.21 6.04 -24.04
C ILE C 358 -21.47 5.42 -25.43
N GLU C 359 -20.42 5.14 -26.20
CA GLU C 359 -20.57 4.43 -27.51
C GLU C 359 -21.17 3.05 -27.28
N SER C 360 -20.62 2.35 -26.29
CA SER C 360 -20.99 0.96 -25.97
C SER C 360 -22.30 0.86 -25.25
N GLY C 361 -22.69 1.90 -24.49
CA GLY C 361 -23.90 1.83 -23.67
C GLY C 361 -23.60 1.13 -22.34
N THR C 362 -22.36 1.26 -21.87
CA THR C 362 -21.92 0.65 -20.61
C THR C 362 -21.59 1.73 -19.53
N PHE C 363 -21.95 2.98 -19.83
CA PHE C 363 -21.64 4.13 -18.98
C PHE C 363 -22.00 3.98 -17.51
N LYS C 364 -23.13 3.35 -17.22
CA LYS C 364 -23.61 3.26 -15.85
C LYS C 364 -22.81 2.27 -15.04
N GLU C 365 -22.16 1.34 -15.74
CA GLU C 365 -21.24 0.41 -15.11
C GLU C 365 -19.94 1.11 -14.79
N LEU C 366 -19.40 1.87 -15.75
CA LEU C 366 -18.22 2.68 -15.53
C LEU C 366 -18.39 3.66 -14.39
N LYS C 367 -19.42 4.50 -14.48
CA LYS C 367 -19.74 5.47 -13.44
C LYS C 367 -19.77 4.79 -12.08
N SER C 368 -20.41 3.62 -11.98
CA SER C 368 -20.43 2.90 -10.70
C SER C 368 -19.05 2.50 -10.18
N LYS C 369 -18.19 2.10 -11.10
CA LYS C 369 -16.83 1.69 -10.76
C LYS C 369 -16.06 2.89 -10.22
N VAL C 370 -16.20 4.03 -10.90
CA VAL C 370 -15.42 5.21 -10.58
C VAL C 370 -15.89 5.80 -9.26
N VAL C 371 -17.19 5.95 -9.13
CA VAL C 371 -17.79 6.50 -7.93
C VAL C 371 -17.50 5.67 -6.69
N GLU C 372 -17.29 4.37 -6.84
CA GLU C 372 -16.99 3.52 -5.69
C GLU C 372 -15.60 3.77 -5.11
N VAL C 373 -14.64 4.07 -5.97
CA VAL C 373 -13.26 4.27 -5.52
C VAL C 373 -12.92 5.72 -5.32
N TYR C 374 -13.73 6.66 -5.82
CA TYR C 374 -13.49 8.09 -5.63
C TYR C 374 -14.58 8.79 -4.88
N SER C 375 -14.34 10.00 -4.39
CA SER C 375 -15.34 10.69 -3.52
C SER C 375 -14.97 12.14 -3.24
N MET D 13 35.49 -6.65 -18.36
CA MET D 13 35.94 -5.21 -18.42
C MET D 13 37.08 -5.09 -19.42
N GLU D 14 36.93 -4.27 -20.47
CA GLU D 14 38.00 -4.04 -21.47
C GLU D 14 38.04 -2.55 -21.76
N PHE D 15 39.24 -2.03 -22.06
CA PHE D 15 39.44 -0.65 -22.52
C PHE D 15 40.48 -0.61 -23.63
N GLU D 16 40.15 0.01 -24.75
CA GLU D 16 41.13 0.13 -25.83
C GLU D 16 41.25 1.58 -26.26
N VAL D 17 42.49 2.02 -26.48
CA VAL D 17 42.75 3.33 -27.04
C VAL D 17 42.77 3.18 -28.56
N LYS D 18 41.75 3.70 -29.21
CA LYS D 18 41.57 3.54 -30.64
C LYS D 18 42.53 4.49 -31.37
N LYS D 19 42.77 5.66 -30.79
CA LYS D 19 43.59 6.70 -31.41
C LYS D 19 44.09 7.72 -30.40
N THR D 20 45.25 8.29 -30.67
CA THR D 20 45.85 9.30 -29.81
C THR D 20 46.28 10.49 -30.65
N PHE D 21 46.00 11.69 -30.16
CA PHE D 21 46.44 12.93 -30.79
C PHE D 21 47.11 13.83 -29.76
N GLY D 22 48.45 13.82 -29.73
CA GLY D 22 49.19 14.38 -28.60
C GLY D 22 48.98 13.45 -27.41
N LYS D 23 48.61 13.97 -26.24
CA LYS D 23 48.23 13.08 -25.13
C LYS D 23 46.71 12.77 -25.13
N ALA D 24 45.93 13.47 -25.96
CA ALA D 24 44.47 13.20 -26.05
C ALA D 24 44.19 11.83 -26.64
N ARG D 25 43.38 11.02 -25.94
CA ARG D 25 43.10 9.63 -26.32
C ARG D 25 41.64 9.48 -26.72
N LEU D 26 41.42 8.79 -27.83
CA LEU D 26 40.12 8.30 -28.20
C LEU D 26 40.06 6.82 -27.82
N GLY D 27 39.18 6.42 -26.91
CA GLY D 27 39.08 5.03 -26.47
C GLY D 27 37.63 4.52 -26.37
N VAL D 28 37.50 3.24 -26.00
CA VAL D 28 36.21 2.63 -25.77
C VAL D 28 36.36 1.69 -24.57
N MET D 29 35.48 1.82 -23.58
CA MET D 29 35.31 0.86 -22.46
C MET D 29 34.12 -0.05 -22.76
N LYS D 30 34.28 -1.34 -22.54
CA LYS D 30 33.20 -2.28 -22.57
C LYS D 30 32.88 -2.66 -21.15
N LEU D 31 31.70 -2.19 -20.71
CA LEU D 31 31.18 -2.45 -19.37
C LEU D 31 30.00 -3.41 -19.45
N HIS D 32 29.60 -3.93 -18.31
CA HIS D 32 28.53 -4.91 -18.27
C HIS D 32 27.20 -4.47 -18.92
N HIS D 33 26.78 -3.22 -18.73
CA HIS D 33 25.55 -2.75 -19.31
C HIS D 33 25.77 -1.95 -20.59
N GLY D 34 26.99 -1.88 -21.10
CA GLY D 34 27.21 -1.07 -22.29
C GLY D 34 28.63 -0.66 -22.57
N ALA D 35 28.87 -0.27 -23.82
CA ALA D 35 30.12 0.29 -24.24
C ALA D 35 30.03 1.82 -24.13
N VAL D 36 31.16 2.43 -23.80
CA VAL D 36 31.24 3.84 -23.51
C VAL D 36 32.43 4.37 -24.29
N GLU D 37 32.19 5.31 -25.19
CA GLU D 37 33.31 5.92 -25.87
C GLU D 37 33.89 7.02 -25.00
N THR D 38 35.20 7.20 -25.10
CA THR D 38 35.88 8.16 -24.27
C THR D 38 36.73 9.06 -25.18
N PRO D 39 36.97 10.31 -24.77
CA PRO D 39 36.58 10.95 -23.50
C PRO D 39 35.06 11.13 -23.26
N VAL D 40 34.66 10.99 -22.00
CA VAL D 40 33.26 10.95 -21.63
C VAL D 40 33.05 11.83 -20.40
N PHE D 41 31.94 12.57 -20.39
CA PHE D 41 31.44 13.28 -19.20
C PHE D 41 30.25 12.53 -18.61
N MET D 42 30.31 12.23 -17.32
CA MET D 42 29.24 11.55 -16.61
C MET D 42 28.32 12.54 -15.88
N PRO D 43 27.02 12.65 -16.29
CA PRO D 43 26.04 13.32 -15.41
C PRO D 43 26.00 12.70 -14.01
N VAL D 44 25.81 13.53 -13.01
CA VAL D 44 25.88 13.12 -11.65
C VAL D 44 24.47 13.14 -10.99
N GLY D 45 24.16 12.02 -10.30
CA GLY D 45 23.07 11.89 -9.37
C GLY D 45 23.47 11.61 -7.93
N THR D 46 22.61 11.99 -7.01
CA THR D 46 22.83 11.71 -5.60
C THR D 46 21.82 10.75 -4.98
N ASN D 47 20.57 10.91 -5.32
CA ASN D 47 19.58 10.03 -4.66
C ASN D 47 19.00 9.09 -5.71
N ALA D 48 19.89 8.41 -6.44
CA ALA D 48 19.48 7.48 -7.46
C ALA D 48 18.59 8.24 -8.48
N SER D 49 18.97 9.50 -8.77
CA SER D 49 18.44 10.22 -9.91
C SER D 49 19.39 11.32 -10.29
N VAL D 50 19.31 11.75 -11.53
CA VAL D 50 19.92 12.97 -12.02
C VAL D 50 18.82 14.01 -11.88
N LYS D 51 19.04 15.00 -11.02
CA LYS D 51 17.97 15.94 -10.68
C LYS D 51 17.20 16.55 -11.89
N LEU D 52 15.89 16.33 -11.89
CA LEU D 52 14.90 16.92 -12.82
C LEU D 52 14.86 16.16 -14.17
N LEU D 53 15.68 15.14 -14.30
CA LEU D 53 15.80 14.34 -15.52
C LEU D 53 15.27 12.90 -15.35
N THR D 54 14.60 12.39 -16.39
CA THR D 54 14.21 11.00 -16.47
C THR D 54 15.33 10.24 -17.21
N PRO D 55 15.39 8.91 -17.04
CA PRO D 55 16.28 8.11 -17.86
C PRO D 55 16.12 8.36 -19.34
N ARG D 56 14.90 8.59 -19.81
CA ARG D 56 14.64 8.94 -21.20
C ARG D 56 15.33 10.21 -21.68
N ASP D 57 15.23 11.27 -20.90
CA ASP D 57 15.97 12.50 -21.20
C ASP D 57 17.48 12.25 -21.30
N LEU D 58 18.02 11.48 -20.37
CA LEU D 58 19.43 11.10 -20.44
C LEU D 58 19.83 10.27 -21.69
N GLU D 59 18.98 9.31 -22.07
CA GLU D 59 19.21 8.50 -23.25
C GLU D 59 19.11 9.38 -24.51
N GLU D 60 18.10 10.22 -24.58
CA GLU D 60 17.97 11.16 -25.70
C GLU D 60 19.10 12.16 -25.78
N ALA D 61 19.72 12.50 -24.67
CA ALA D 61 20.92 13.33 -24.66
C ALA D 61 22.15 12.60 -25.20
N GLY D 62 22.12 11.26 -25.20
CA GLY D 62 23.24 10.44 -25.67
C GLY D 62 24.17 9.98 -24.58
N ALA D 63 23.72 10.06 -23.33
CA ALA D 63 24.56 9.70 -22.18
C ALA D 63 24.73 8.21 -22.24
N GLU D 64 25.97 7.79 -22.26
CA GLU D 64 26.34 6.38 -22.32
C GLU D 64 26.67 5.80 -20.94
N ILE D 65 26.77 6.66 -19.94
CA ILE D 65 27.14 6.29 -18.59
C ILE D 65 26.72 7.46 -17.69
N ILE D 66 26.31 7.18 -16.48
CA ILE D 66 26.11 8.23 -15.51
C ILE D 66 26.85 7.85 -14.21
N LEU D 67 27.02 8.85 -13.34
CA LEU D 67 27.60 8.69 -11.99
C LEU D 67 26.53 8.74 -10.90
N SER D 68 26.59 7.76 -10.02
CA SER D 68 25.76 7.77 -8.85
C SER D 68 26.60 7.90 -7.64
N ASN D 69 26.25 8.83 -6.77
CA ASN D 69 26.82 8.83 -5.44
C ASN D 69 26.24 7.71 -4.63
N THR D 70 26.95 7.27 -3.62
CA THR D 70 26.49 6.15 -2.78
C THR D 70 26.34 6.42 -1.28
N PHE D 71 26.94 7.52 -0.85
CA PHE D 71 26.90 7.96 0.53
C PHE D 71 25.46 8.04 1.00
N HIS D 72 24.64 8.78 0.28
CA HIS D 72 23.31 9.03 0.73
C HIS D 72 22.43 7.80 0.53
N LEU D 73 22.66 7.08 -0.56
CA LEU D 73 21.91 5.86 -0.87
C LEU D 73 22.01 4.81 0.18
N MET D 74 23.18 4.74 0.80
CA MET D 74 23.47 3.82 1.82
C MET D 74 22.64 4.12 3.05
N LEU D 75 22.28 5.37 3.24
CA LEU D 75 21.43 5.77 4.36
C LEU D 75 19.94 5.69 3.98
N LYS D 76 19.60 6.23 2.82
CA LYS D 76 18.22 6.23 2.31
C LYS D 76 18.29 6.01 0.80
N PRO D 77 17.66 4.94 0.27
CA PRO D 77 16.75 4.01 0.94
C PRO D 77 17.44 2.87 1.69
N GLY D 78 18.76 2.80 1.64
CA GLY D 78 19.49 1.64 2.11
C GLY D 78 19.64 0.56 1.07
N VAL D 79 20.69 -0.23 1.18
CA VAL D 79 21.01 -1.30 0.23
C VAL D 79 19.94 -2.41 0.17
N GLU D 80 19.21 -2.66 1.24
CA GLU D 80 18.22 -3.73 1.21
C GLU D 80 17.11 -3.44 0.24
N ILE D 81 16.61 -2.20 0.23
CA ILE D 81 15.59 -1.81 -0.74
C ILE D 81 16.13 -1.87 -2.17
N ILE D 82 17.36 -1.46 -2.41
CA ILE D 82 17.96 -1.54 -3.74
C ILE D 82 18.16 -3.02 -4.18
N LYS D 83 18.53 -3.88 -3.24
CA LYS D 83 18.64 -5.31 -3.49
C LYS D 83 17.31 -5.95 -3.86
N LEU D 84 16.18 -5.53 -3.26
CA LEU D 84 14.86 -6.00 -3.65
C LEU D 84 14.59 -5.72 -5.12
N HIS D 85 15.22 -4.69 -5.67
CA HIS D 85 15.07 -4.29 -7.08
C HIS D 85 16.07 -5.03 -7.95
N ARG D 86 16.91 -5.84 -7.33
CA ARG D 86 18.00 -6.51 -8.00
C ARG D 86 18.95 -5.46 -8.58
N GLY D 87 19.18 -4.40 -7.82
CA GLY D 87 20.21 -3.46 -8.11
C GLY D 87 19.80 -2.05 -8.46
N LEU D 88 20.79 -1.19 -8.58
CA LEU D 88 20.57 0.21 -8.75
C LEU D 88 20.00 0.56 -10.12
N HIS D 89 20.39 -0.16 -11.15
CA HIS D 89 19.92 0.11 -12.52
C HIS D 89 18.42 -0.06 -12.58
N ASN D 90 17.91 -1.16 -12.03
CA ASN D 90 16.48 -1.38 -11.94
C ASN D 90 15.77 -0.33 -11.09
N PHE D 91 16.34 0.02 -9.95
CA PHE D 91 15.73 0.95 -9.02
C PHE D 91 15.44 2.30 -9.68
N MET D 92 16.38 2.80 -10.47
CA MET D 92 16.24 4.13 -11.06
C MET D 92 15.86 4.13 -12.52
N GLY D 93 15.67 2.95 -13.08
CA GLY D 93 15.19 2.84 -14.43
C GLY D 93 16.24 3.15 -15.48
N TRP D 94 17.51 2.96 -15.14
CA TRP D 94 18.64 3.26 -16.04
C TRP D 94 19.28 1.93 -16.43
N LYS D 95 19.31 1.62 -17.72
CA LYS D 95 19.74 0.32 -18.18
C LYS D 95 21.11 0.36 -18.89
N ARG D 96 21.82 1.48 -18.78
CA ARG D 96 23.16 1.65 -19.27
C ARG D 96 24.14 1.69 -18.11
N PRO D 97 25.46 1.82 -18.37
CA PRO D 97 26.38 1.86 -17.29
C PRO D 97 26.21 2.96 -16.23
N ILE D 98 26.60 2.60 -15.03
CA ILE D 98 26.73 3.44 -13.86
C ILE D 98 28.10 3.26 -13.25
N LEU D 99 28.73 4.39 -12.93
CA LEU D 99 29.88 4.46 -12.04
C LEU D 99 29.43 4.93 -10.68
N THR D 100 29.80 4.18 -9.63
CA THR D 100 29.51 4.58 -8.25
C THR D 100 30.76 5.12 -7.54
N ASP D 101 30.56 6.29 -6.93
CA ASP D 101 31.56 6.99 -6.17
C ASP D 101 31.49 6.35 -4.82
N SER D 102 32.59 6.25 -4.10
CA SER D 102 32.61 5.56 -2.82
C SER D 102 32.37 6.47 -1.60
N GLY D 103 32.17 7.77 -1.82
CA GLY D 103 31.84 8.73 -0.73
C GLY D 103 32.99 9.53 -0.10
N GLY D 104 34.19 9.48 -0.68
CA GLY D 104 35.39 10.13 -0.08
C GLY D 104 35.23 11.64 -0.03
N PHE D 105 34.78 12.23 -1.13
CA PHE D 105 34.52 13.67 -1.15
C PHE D 105 33.38 14.09 -0.17
N GLN D 106 32.38 13.22 0.00
CA GLN D 106 31.24 13.51 0.90
C GLN D 106 31.68 13.47 2.36
N VAL D 107 32.48 12.46 2.67
CA VAL D 107 33.15 12.38 3.97
C VAL D 107 34.10 13.60 4.17
N PHE D 108 34.85 13.95 3.13
CA PHE D 108 35.67 15.20 3.10
C PHE D 108 34.82 16.47 3.39
N SER D 109 33.62 16.55 2.78
CA SER D 109 32.75 17.73 2.90
C SER D 109 32.07 17.88 4.29
N LEU D 110 32.14 16.86 5.14
CA LEU D 110 31.41 16.87 6.41
C LEU D 110 32.16 17.65 7.48
N PRO D 111 31.41 18.35 8.36
CA PRO D 111 32.03 18.80 9.62
C PRO D 111 32.18 17.59 10.54
N LYS D 112 33.27 17.80 11.28
CA LYS D 112 33.53 17.01 12.51
C LYS D 112 33.39 15.46 12.43
N ILE D 113 34.16 14.64 11.70
CA ILE D 113 34.29 13.22 11.47
C ILE D 113 35.38 12.70 12.44
N ARG D 114 35.51 11.39 12.59
CA ARG D 114 36.64 10.77 13.33
C ARG D 114 37.22 9.67 12.44
N ILE D 115 38.47 9.84 12.01
CA ILE D 115 39.07 9.00 10.99
C ILE D 115 40.37 8.41 11.47
N ASP D 116 40.53 7.09 11.30
CA ASP D 116 41.78 6.43 11.57
C ASP D 116 41.88 5.30 10.60
N ASP D 117 42.82 4.38 10.83
CA ASP D 117 43.06 3.27 9.92
C ASP D 117 41.91 2.31 9.81
N GLU D 118 41.11 2.17 10.87
CA GLU D 118 40.00 1.25 10.83
C GLU D 118 38.84 1.74 9.94
N GLY D 119 38.61 3.06 9.91
CA GLY D 119 37.57 3.66 9.10
C GLY D 119 37.28 5.07 9.57
N VAL D 120 36.08 5.54 9.25
CA VAL D 120 35.61 6.89 9.53
C VAL D 120 34.26 6.88 10.26
N VAL D 121 34.13 7.68 11.32
CA VAL D 121 32.84 7.85 11.99
C VAL D 121 32.39 9.27 11.81
N PHE D 122 31.11 9.43 11.49
CA PHE D 122 30.51 10.72 11.22
C PHE D 122 29.03 10.68 11.65
N ARG D 123 28.40 11.84 11.64
CA ARG D 123 27.01 11.92 12.07
C ARG D 123 26.14 11.90 10.85
N SER D 124 25.08 11.11 10.88
CA SER D 124 24.19 11.00 9.71
C SER D 124 23.60 12.34 9.32
N PRO D 125 23.68 12.69 8.04
CA PRO D 125 22.92 13.81 7.50
C PRO D 125 21.42 13.64 7.64
N ILE D 126 20.95 12.40 7.77
CA ILE D 126 19.53 12.15 7.96
C ILE D 126 19.04 12.42 9.35
N ASP D 127 19.64 11.80 10.34
CA ASP D 127 19.12 11.88 11.66
C ASP D 127 20.15 12.18 12.75
N GLY D 128 21.38 12.53 12.36
CA GLY D 128 22.43 12.84 13.32
C GLY D 128 23.05 11.67 14.10
N SER D 129 22.67 10.44 13.79
CA SER D 129 23.26 9.28 14.48
C SER D 129 24.69 8.99 13.98
N LYS D 130 25.52 8.39 14.83
CA LYS D 130 26.87 8.00 14.42
C LYS D 130 26.79 6.91 13.33
N VAL D 131 27.44 7.16 12.22
CA VAL D 131 27.59 6.20 11.14
C VAL D 131 29.07 5.79 11.03
N PHE D 132 29.34 4.50 10.84
CA PHE D 132 30.68 4.00 10.58
C PHE D 132 30.79 3.53 9.12
N LEU D 133 31.85 3.99 8.44
CA LEU D 133 32.18 3.59 7.08
C LEU D 133 33.66 3.16 6.97
N ASN D 134 33.92 2.11 6.18
CA ASN D 134 35.24 1.65 5.90
C ASN D 134 35.27 0.97 4.51
N PRO D 135 36.46 0.54 4.06
CA PRO D 135 36.61 -0.08 2.73
C PRO D 135 35.69 -1.28 2.57
N GLU D 136 35.60 -2.13 3.58
CA GLU D 136 34.76 -3.34 3.51
C GLU D 136 33.28 -3.04 3.33
N ILE D 137 32.73 -2.15 4.17
CA ILE D 137 31.34 -1.67 4.02
C ILE D 137 31.11 -0.98 2.68
N SER D 138 32.05 -0.15 2.25
CA SER D 138 31.90 0.53 0.96
C SER D 138 31.76 -0.46 -0.19
N MET D 139 32.58 -1.51 -0.18
CA MET D 139 32.56 -2.53 -1.25
C MET D 139 31.27 -3.34 -1.22
N GLU D 140 30.88 -3.75 -0.03
CA GLU D 140 29.59 -4.38 0.22
C GLU D 140 28.43 -3.55 -0.34
N VAL D 141 28.43 -2.23 -0.13
CA VAL D 141 27.40 -1.38 -0.67
C VAL D 141 27.43 -1.35 -2.20
N GLN D 142 28.59 -1.11 -2.78
CA GLN D 142 28.71 -1.01 -4.22
C GLN D 142 28.44 -2.35 -4.94
N ILE D 143 28.74 -3.45 -4.29
CA ILE D 143 28.45 -4.77 -4.87
C ILE D 143 26.93 -4.97 -4.88
N ALA D 144 26.25 -4.59 -3.80
CA ALA D 144 24.79 -4.61 -3.75
C ALA D 144 24.14 -3.72 -4.80
N LEU D 145 24.72 -2.57 -5.08
CA LEU D 145 24.18 -1.67 -6.08
C LEU D 145 24.35 -2.22 -7.50
N GLY D 146 25.44 -2.95 -7.74
CA GLY D 146 25.66 -3.62 -9.00
C GLY D 146 26.11 -2.69 -10.12
N SER D 147 26.79 -1.63 -9.74
CA SER D 147 27.28 -0.67 -10.71
C SER D 147 28.40 -1.25 -11.58
N ASP D 148 28.45 -0.79 -12.81
CA ASP D 148 29.45 -1.22 -13.77
C ASP D 148 30.93 -0.88 -13.39
N ILE D 149 31.18 0.27 -12.78
CA ILE D 149 32.46 0.63 -12.20
C ILE D 149 32.23 1.05 -10.76
N CYS D 150 33.04 0.51 -9.84
CA CYS D 150 33.06 0.84 -8.45
C CYS D 150 34.35 1.53 -8.17
N MET D 151 34.36 2.41 -7.16
CA MET D 151 35.56 3.07 -6.76
C MET D 151 35.97 2.52 -5.41
N VAL D 152 37.28 2.36 -5.21
CA VAL D 152 37.81 2.08 -3.88
C VAL D 152 37.49 3.16 -2.86
N PHE D 153 37.51 2.83 -1.58
CA PHE D 153 37.19 3.80 -0.53
C PHE D 153 38.51 4.49 -0.16
N ASP D 154 38.58 5.81 -0.25
CA ASP D 154 39.86 6.53 -0.05
C ASP D 154 39.75 7.49 1.09
N HIS D 155 40.92 8.03 1.47
CA HIS D 155 40.98 9.14 2.36
C HIS D 155 41.36 10.40 1.60
N CYS D 156 40.38 11.25 1.30
CA CYS D 156 40.64 12.53 0.60
C CYS D 156 41.04 13.69 1.57
N PRO D 157 42.27 14.24 1.47
CA PRO D 157 42.63 15.38 2.30
C PRO D 157 42.31 16.73 1.66
N VAL D 158 42.49 17.82 2.41
CA VAL D 158 42.56 19.21 1.85
C VAL D 158 43.77 19.46 0.91
N ALA D 161 46.69 21.36 2.50
CA ALA D 161 47.09 21.00 3.87
C ALA D 161 48.59 20.73 3.92
N ASP D 162 49.12 20.65 5.14
CA ASP D 162 50.55 20.44 5.34
C ASP D 162 50.95 19.11 4.73
N TYR D 163 52.17 19.07 4.24
CA TYR D 163 52.72 17.88 3.63
C TYR D 163 52.49 16.62 4.45
N GLU D 164 52.83 16.66 5.74
CA GLU D 164 52.64 15.53 6.63
C GLU D 164 51.19 15.06 6.69
N GLU D 165 50.23 15.97 6.56
CA GLU D 165 48.82 15.60 6.64
C GLU D 165 48.37 14.97 5.37
N VAL D 166 48.79 15.54 4.24
CA VAL D 166 48.47 14.94 2.93
C VAL D 166 49.11 13.57 2.86
N LYS D 167 50.36 13.48 3.34
CA LYS D 167 51.07 12.23 3.27
C LYS D 167 50.35 11.11 4.05
N GLU D 168 49.88 11.39 5.25
CA GLU D 168 49.13 10.40 6.04
C GLU D 168 47.84 9.96 5.36
N ALA D 169 47.07 10.90 4.83
CA ALA D 169 45.91 10.60 4.04
C ALA D 169 46.25 9.72 2.83
N THR D 170 47.38 9.98 2.17
CA THR D 170 47.73 9.27 0.92
C THR D 170 48.20 7.83 1.22
N GLU D 171 48.88 7.68 2.31
CA GLU D 171 49.28 6.35 2.82
C GLU D 171 48.06 5.54 3.30
N ARG D 172 47.15 6.20 4.03
CA ARG D 172 45.91 5.55 4.39
C ARG D 172 45.12 5.13 3.16
N THR D 173 45.09 5.99 2.16
CA THR D 173 44.45 5.71 0.85
C THR D 173 45.01 4.41 0.24
N TYR D 174 46.33 4.25 0.27
CA TYR D 174 46.94 2.98 -0.15
C TYR D 174 46.46 1.76 0.67
N ARG D 175 46.47 1.85 2.00
CA ARG D 175 46.02 0.70 2.82
C ARG D 175 44.55 0.38 2.62
N TRP D 176 43.74 1.41 2.38
CA TRP D 176 42.34 1.23 2.09
C TRP D 176 42.08 0.71 0.68
N ALA D 177 42.95 1.04 -0.27
CA ALA D 177 42.81 0.51 -1.61
C ALA D 177 43.08 -0.99 -1.60
N LEU D 178 44.03 -1.42 -0.79
CA LEU D 178 44.34 -2.82 -0.56
C LEU D 178 43.15 -3.56 0.03
N ARG D 179 42.55 -3.01 1.08
CA ARG D 179 41.38 -3.62 1.70
C ARG D 179 40.15 -3.61 0.80
N SER D 180 40.05 -2.59 -0.03
CA SER D 180 38.96 -2.48 -0.99
C SER D 180 39.03 -3.60 -2.01
N LYS D 181 40.20 -3.79 -2.60
CA LYS D 181 40.39 -4.86 -3.56
C LYS D 181 40.11 -6.26 -2.93
N LYS D 182 40.57 -6.48 -1.71
CA LYS D 182 40.37 -7.73 -1.02
C LYS D 182 38.89 -8.02 -0.76
N ALA D 183 38.14 -6.99 -0.38
CA ALA D 183 36.71 -7.13 -0.10
C ALA D 183 35.89 -7.19 -1.39
N PHE D 184 36.50 -6.96 -2.55
CA PHE D 184 35.72 -6.78 -3.80
C PHE D 184 35.46 -8.13 -4.47
N LYS D 185 34.53 -8.88 -3.89
CA LYS D 185 34.29 -10.25 -4.29
C LYS D 185 32.99 -10.27 -5.05
N THR D 186 33.10 -10.23 -6.37
CA THR D 186 31.93 -9.96 -7.20
C THR D 186 32.18 -10.39 -8.64
N GLU D 187 31.19 -10.15 -9.49
CA GLU D 187 31.36 -10.40 -10.92
C GLU D 187 30.71 -9.25 -11.71
N ASN D 188 31.26 -8.98 -12.89
CA ASN D 188 30.72 -8.01 -13.84
C ASN D 188 30.86 -6.54 -13.42
N GLN D 189 31.79 -6.27 -12.51
CA GLN D 189 32.00 -4.91 -12.00
C GLN D 189 33.48 -4.60 -12.01
N ALA D 190 33.84 -3.45 -12.58
CA ALA D 190 35.21 -2.97 -12.56
C ALA D 190 35.45 -2.26 -11.24
N LEU D 191 36.70 -2.21 -10.79
CA LEU D 191 37.11 -1.48 -9.58
C LEU D 191 38.22 -0.53 -9.95
N PHE D 192 38.03 0.79 -9.72
CA PHE D 192 39.03 1.80 -10.00
C PHE D 192 39.69 2.24 -8.68
N GLY D 193 41.01 2.38 -8.72
CA GLY D 193 41.78 3.00 -7.66
C GLY D 193 41.77 4.51 -7.75
N ILE D 194 42.11 5.18 -6.65
CA ILE D 194 42.13 6.64 -6.57
C ILE D 194 43.47 7.19 -6.09
N VAL D 195 44.15 7.89 -6.96
CA VAL D 195 45.45 8.48 -6.66
C VAL D 195 45.25 9.76 -5.83
N GLN D 196 45.96 9.85 -4.71
CA GLN D 196 45.93 11.04 -3.90
C GLN D 196 47.32 11.67 -3.86
N GLY D 197 47.62 12.48 -2.87
CA GLY D 197 48.87 13.21 -2.81
C GLY D 197 48.85 14.71 -2.85
N GLY D 198 47.66 15.30 -2.92
CA GLY D 198 47.50 16.76 -2.86
C GLY D 198 48.20 17.50 -3.99
N ILE D 199 48.85 18.60 -3.64
CA ILE D 199 49.65 19.40 -4.56
C ILE D 199 51.14 19.04 -4.52
N TYR D 200 51.47 17.86 -4.00
CA TYR D 200 52.85 17.45 -3.83
C TYR D 200 53.24 16.35 -4.84
N PRO D 201 54.08 16.69 -5.85
CA PRO D 201 54.41 15.74 -6.93
C PRO D 201 55.01 14.43 -6.45
N ASP D 202 55.80 14.46 -5.39
CA ASP D 202 56.39 13.24 -4.90
C ASP D 202 55.37 12.29 -4.32
N LEU D 203 54.39 12.84 -3.56
CA LEU D 203 53.32 12.04 -3.03
C LEU D 203 52.40 11.52 -4.12
N ARG D 204 52.18 12.31 -5.16
CA ARG D 204 51.39 11.94 -6.30
C ARG D 204 52.02 10.79 -7.06
N ARG D 205 53.32 10.91 -7.33
CA ARG D 205 54.11 9.81 -7.88
C ARG D 205 53.97 8.54 -7.05
N GLU D 206 54.21 8.64 -5.74
CA GLU D 206 54.25 7.50 -4.84
C GLU D 206 52.92 6.83 -4.75
N SER D 207 51.87 7.64 -4.66
CA SER D 207 50.51 7.14 -4.72
C SER D 207 50.15 6.39 -6.00
N ALA D 208 50.47 6.97 -7.15
CA ALA D 208 50.16 6.31 -8.44
C ALA D 208 50.93 4.99 -8.60
N LEU D 209 52.17 4.97 -8.15
CA LEU D 209 53.02 3.76 -8.16
C LEU D 209 52.51 2.70 -7.17
N GLN D 210 52.11 3.12 -5.98
CA GLN D 210 51.44 2.22 -5.02
C GLN D 210 50.19 1.54 -5.58
N LEU D 211 49.29 2.34 -6.17
CA LEU D 211 48.07 1.79 -6.69
C LEU D 211 48.24 0.92 -7.93
N THR D 212 49.15 1.29 -8.80
CA THR D 212 49.42 0.52 -10.01
C THR D 212 50.07 -0.83 -9.65
N SER D 213 50.80 -0.87 -8.55
CA SER D 213 51.37 -2.10 -8.02
C SER D 213 50.32 -3.02 -7.49
N ILE D 214 49.18 -2.50 -7.04
CA ILE D 214 48.07 -3.34 -6.61
C ILE D 214 47.39 -3.89 -7.86
N GLY D 215 47.01 -2.99 -8.78
CA GLY D 215 46.36 -3.36 -10.01
C GLY D 215 44.85 -3.15 -9.93
N PHE D 216 44.36 -2.19 -10.70
CA PHE D 216 42.93 -1.90 -10.78
C PHE D 216 42.54 -1.84 -12.24
N ASP D 217 41.24 -1.74 -12.52
CA ASP D 217 40.76 -1.70 -13.87
C ASP D 217 40.84 -0.33 -14.51
N GLY D 218 41.07 0.67 -13.68
CA GLY D 218 41.22 2.04 -14.09
C GLY D 218 41.68 2.84 -12.89
N TYR D 219 42.04 4.09 -13.15
CA TYR D 219 42.64 4.96 -12.16
C TYR D 219 42.07 6.36 -12.18
N ALA D 220 41.66 6.80 -11.00
CA ALA D 220 41.15 8.13 -10.78
C ALA D 220 42.21 9.03 -10.19
N ILE D 221 42.15 10.29 -10.59
CA ILE D 221 42.94 11.33 -10.01
C ILE D 221 42.05 12.05 -8.97
N GLY D 222 42.34 11.83 -7.70
CA GLY D 222 41.51 12.34 -6.66
C GLY D 222 42.12 13.53 -6.00
N GLY D 223 41.30 14.19 -5.19
CA GLY D 223 41.77 15.28 -4.37
C GLY D 223 42.10 16.56 -5.07
N LEU D 224 41.63 16.77 -6.30
CA LEU D 224 41.93 18.02 -6.98
C LEU D 224 40.67 18.74 -7.38
N SER D 225 40.85 19.96 -7.85
CA SER D 225 39.75 20.83 -8.17
C SER D 225 38.86 21.03 -6.94
N ILE D 226 39.48 21.12 -5.77
CA ILE D 226 38.75 21.33 -4.54
C ILE D 226 39.38 22.48 -3.75
N GLY D 227 40.06 23.38 -4.43
CA GLY D 227 40.49 24.63 -3.83
C GLY D 227 41.84 25.09 -4.23
N GLU D 228 42.70 24.19 -4.66
CA GLU D 228 44.05 24.59 -5.08
C GLU D 228 43.98 25.43 -6.36
N GLU D 229 45.06 26.13 -6.64
CA GLU D 229 45.21 26.97 -7.84
C GLU D 229 45.08 26.11 -9.12
N ARG D 230 44.50 26.66 -10.17
CA ARG D 230 44.30 25.91 -11.42
C ARG D 230 45.60 25.38 -11.99
N SER D 231 46.70 26.13 -11.83
CA SER D 231 48.00 25.70 -12.37
C SER D 231 48.45 24.40 -11.71
N LEU D 232 48.16 24.23 -10.41
CA LEU D 232 48.50 22.99 -9.72
C LEU D 232 47.52 21.86 -9.99
N THR D 233 46.26 22.16 -10.31
CA THR D 233 45.33 21.11 -10.79
C THR D 233 45.91 20.43 -12.03
N LEU D 234 46.34 21.26 -12.97
CA LEU D 234 46.88 20.79 -14.24
C LEU D 234 48.23 20.12 -14.05
N GLU D 235 49.14 20.71 -13.27
CA GLU D 235 50.43 20.08 -13.03
C GLU D 235 50.34 18.74 -12.32
N MET D 236 49.47 18.63 -11.33
CA MET D 236 49.34 17.40 -10.58
C MET D 236 48.72 16.26 -11.39
N THR D 237 47.85 16.60 -12.35
CA THR D 237 47.32 15.67 -13.33
C THR D 237 48.42 15.15 -14.26
N GLU D 238 49.25 16.05 -14.77
CA GLU D 238 50.43 15.65 -15.55
C GLU D 238 51.36 14.70 -14.79
N VAL D 239 51.69 15.05 -13.55
CA VAL D 239 52.58 14.23 -12.73
C VAL D 239 51.93 12.83 -12.53
N THR D 240 50.67 12.77 -12.15
CA THR D 240 49.93 11.52 -11.93
C THR D 240 49.90 10.63 -13.19
N VAL D 241 49.58 11.22 -14.35
CA VAL D 241 49.37 10.50 -15.60
C VAL D 241 50.68 9.88 -16.14
N GLU D 242 51.81 10.52 -15.84
CA GLU D 242 53.13 9.91 -16.08
C GLU D 242 53.22 8.50 -15.49
N PHE D 243 52.55 8.25 -14.38
CA PHE D 243 52.63 6.99 -13.66
C PHE D 243 51.44 6.08 -13.80
N LEU D 244 50.47 6.43 -14.64
CA LEU D 244 49.29 5.60 -14.84
C LEU D 244 49.38 4.87 -16.20
N PRO D 245 48.98 3.59 -16.26
CA PRO D 245 49.09 2.86 -17.50
C PRO D 245 48.23 3.43 -18.65
N GLU D 246 48.80 3.43 -19.84
CA GLU D 246 48.09 3.93 -20.99
C GLU D 246 46.97 2.99 -21.42
N ASP D 247 46.98 1.74 -20.99
CA ASP D 247 45.98 0.80 -21.46
C ASP D 247 44.76 0.69 -20.51
N LYS D 248 44.69 1.60 -19.54
CA LYS D 248 43.59 1.66 -18.60
C LYS D 248 43.03 3.08 -18.57
N PRO D 249 41.72 3.24 -18.27
CA PRO D 249 41.19 4.58 -18.23
C PRO D 249 41.75 5.42 -17.11
N ARG D 250 41.83 6.72 -17.36
CA ARG D 250 42.15 7.78 -16.40
C ARG D 250 40.90 8.65 -16.15
N TYR D 251 40.49 8.74 -14.90
CA TYR D 251 39.27 9.43 -14.48
C TYR D 251 39.61 10.59 -13.53
N PHE D 252 39.39 11.82 -13.97
CA PHE D 252 39.55 12.96 -13.12
C PHE D 252 38.25 13.22 -12.35
N MET D 253 38.34 13.12 -11.04
CA MET D 253 37.17 13.23 -10.17
C MET D 253 36.74 14.66 -9.94
N GLY D 254 35.51 14.97 -10.40
CA GLY D 254 34.86 16.26 -10.10
C GLY D 254 35.37 17.34 -11.03
N GLY D 255 35.09 18.60 -10.72
CA GLY D 255 35.56 19.75 -11.52
C GLY D 255 34.56 19.89 -12.65
N GLY D 256 34.91 19.30 -13.80
CA GLY D 256 33.97 19.03 -14.90
C GLY D 256 33.36 20.23 -15.62
N SER D 257 33.98 21.41 -15.50
CA SER D 257 33.64 22.57 -16.33
C SER D 257 34.40 22.49 -17.69
N PRO D 258 33.79 23.01 -18.76
CA PRO D 258 34.29 22.81 -20.11
C PRO D 258 35.77 23.08 -20.36
N GLU D 259 36.27 24.25 -19.98
CA GLU D 259 37.69 24.53 -20.21
C GLU D 259 38.59 23.57 -19.42
N LEU D 260 38.26 23.25 -18.19
CA LEU D 260 39.06 22.27 -17.43
C LEU D 260 39.05 20.88 -18.04
N ILE D 261 37.88 20.40 -18.44
CA ILE D 261 37.80 19.13 -19.14
C ILE D 261 38.72 19.11 -20.35
N LEU D 262 38.71 20.18 -21.14
CA LEU D 262 39.54 20.23 -22.33
C LEU D 262 41.03 20.29 -22.00
N GLU D 263 41.43 21.03 -20.97
CA GLU D 263 42.82 21.04 -20.50
C GLU D 263 43.23 19.65 -20.05
N LEU D 264 42.32 18.96 -19.39
CA LEU D 264 42.58 17.61 -18.87
C LEU D 264 42.62 16.51 -19.97
N VAL D 265 41.70 16.57 -20.94
CA VAL D 265 41.80 15.70 -22.13
C VAL D 265 43.19 15.82 -22.82
N ASP D 266 43.65 17.04 -23.00
CA ASP D 266 44.95 17.34 -23.57
C ASP D 266 46.14 16.79 -22.75
N ARG D 267 45.90 16.35 -21.52
CA ARG D 267 46.93 15.80 -20.65
C ARG D 267 46.72 14.31 -20.38
N GLY D 268 45.74 13.72 -21.05
CA GLY D 268 45.62 12.27 -21.06
C GLY D 268 44.47 11.71 -20.24
N VAL D 269 43.53 12.56 -19.80
CA VAL D 269 42.42 12.12 -18.97
C VAL D 269 41.22 11.70 -19.87
N ASP D 270 40.56 10.61 -19.46
CA ASP D 270 39.50 9.95 -20.21
C ASP D 270 38.07 10.21 -19.73
N MET D 271 37.90 10.35 -18.42
CA MET D 271 36.58 10.36 -17.81
C MET D 271 36.48 11.52 -16.86
N PHE D 272 35.27 12.12 -16.84
CA PHE D 272 34.92 13.31 -16.08
C PHE D 272 33.52 13.25 -15.50
N ASP D 273 33.29 13.95 -14.39
CA ASP D 273 31.95 14.08 -13.78
C ASP D 273 31.83 15.48 -13.16
N SER D 274 30.62 15.98 -13.07
CA SER D 274 30.34 17.20 -12.31
C SER D 274 28.85 17.40 -12.20
N VAL D 275 28.44 17.92 -11.06
CA VAL D 275 27.06 18.45 -10.88
C VAL D 275 26.90 19.80 -11.52
N PHE D 276 27.98 20.40 -12.04
CA PHE D 276 27.97 21.80 -12.55
C PHE D 276 26.83 22.09 -13.54
N PRO D 277 26.71 21.31 -14.62
CA PRO D 277 25.61 21.50 -15.61
C PRO D 277 24.18 21.43 -15.08
N THR D 278 23.87 20.44 -14.25
CA THR D 278 22.54 20.33 -13.67
C THR D 278 22.28 21.41 -12.65
N ARG D 279 23.26 21.67 -11.78
CA ARG D 279 23.03 22.63 -10.73
C ARG D 279 22.92 24.03 -11.31
N ILE D 280 23.75 24.42 -12.27
CA ILE D 280 23.66 25.79 -12.83
C ILE D 280 22.38 26.02 -13.64
N ALA D 281 21.90 24.98 -14.31
CA ALA D 281 20.55 24.96 -14.94
C ALA D 281 19.47 25.38 -13.97
N ARG D 282 19.46 24.83 -12.75
CA ARG D 282 18.45 25.18 -11.78
C ARG D 282 18.54 26.63 -11.33
N HIS D 283 19.71 27.22 -11.42
CA HIS D 283 19.96 28.63 -11.14
C HIS D 283 19.66 29.53 -12.35
N GLY D 284 19.30 28.97 -13.49
CA GLY D 284 18.97 29.76 -14.64
C GLY D 284 20.03 29.97 -15.69
N THR D 285 21.14 29.21 -15.63
CA THR D 285 22.24 29.32 -16.59
C THR D 285 22.32 28.16 -17.54
N ALA D 286 22.40 28.50 -18.82
CA ALA D 286 22.54 27.55 -19.90
C ALA D 286 24.04 27.48 -20.29
N LEU D 287 24.51 26.28 -20.57
CA LEU D 287 25.83 26.06 -21.17
C LEU D 287 25.68 25.93 -22.68
N THR D 288 26.31 26.85 -23.40
CA THR D 288 26.20 26.93 -24.85
C THR D 288 27.63 26.91 -25.50
N TRP D 289 27.64 26.89 -26.82
CA TRP D 289 28.88 26.89 -27.57
C TRP D 289 29.49 28.29 -27.54
N ASN D 290 28.72 29.28 -27.14
CA ASN D 290 29.23 30.61 -26.91
C ASN D 290 29.46 30.96 -25.46
N GLY D 291 29.52 29.99 -24.56
CA GLY D 291 29.64 30.29 -23.13
C GLY D 291 28.35 30.13 -22.33
N LYS D 292 28.42 30.51 -21.07
CA LYS D 292 27.28 30.64 -20.21
C LYS D 292 26.31 31.65 -20.76
N LEU D 293 25.02 31.31 -20.70
CA LEU D 293 23.92 32.22 -21.00
C LEU D 293 23.01 32.30 -19.76
N ASN D 294 22.87 33.48 -19.18
CA ASN D 294 22.00 33.65 -18.01
C ASN D 294 20.59 33.94 -18.49
N LEU D 295 19.72 32.96 -18.43
CA LEU D 295 18.33 33.17 -18.86
C LEU D 295 17.58 34.15 -17.97
N LYS D 296 18.06 34.41 -16.76
CA LYS D 296 17.44 35.36 -15.85
C LYS D 296 17.77 36.83 -16.16
N ALA D 297 18.78 37.06 -17.00
CA ALA D 297 19.16 38.42 -17.41
C ALA D 297 18.03 39.08 -18.20
N SER D 298 17.81 40.38 -17.99
CA SER D 298 16.68 41.05 -18.65
C SER D 298 16.80 41.07 -20.17
N TYR D 299 18.00 41.01 -20.71
CA TYR D 299 18.16 40.93 -22.15
C TYR D 299 17.56 39.71 -22.82
N ASN D 300 17.11 38.73 -22.03
CA ASN D 300 16.42 37.56 -22.56
C ASN D 300 14.92 37.76 -22.68
N LYS D 301 14.38 38.79 -22.02
CA LYS D 301 12.94 39.00 -21.87
C LYS D 301 12.17 38.91 -23.19
N ARG D 302 12.78 39.41 -24.27
CA ARG D 302 12.13 39.42 -25.59
C ARG D 302 12.87 38.63 -26.69
N SER D 303 13.90 37.85 -26.34
CA SER D 303 14.65 37.02 -27.29
C SER D 303 13.69 36.01 -27.83
N LEU D 304 13.47 36.02 -29.13
CA LEU D 304 12.87 34.90 -29.81
C LEU D 304 13.93 33.79 -30.13
N GLU D 305 15.20 34.02 -29.74
CA GLU D 305 16.28 33.10 -30.07
C GLU D 305 16.08 31.79 -29.27
N PRO D 306 16.54 30.63 -29.79
CA PRO D 306 16.66 29.48 -28.88
C PRO D 306 17.83 29.65 -27.95
N VAL D 307 17.93 28.80 -26.95
CA VAL D 307 19.08 28.87 -26.06
C VAL D 307 20.39 28.73 -26.83
N ASP D 308 20.42 27.80 -27.78
CA ASP D 308 21.60 27.62 -28.62
C ASP D 308 21.19 27.19 -30.01
N GLU D 309 21.45 28.09 -30.97
CA GLU D 309 21.24 27.87 -32.40
C GLU D 309 21.88 26.58 -32.93
N ARG D 310 23.01 26.18 -32.34
CA ARG D 310 23.69 24.96 -32.75
C ARG D 310 23.15 23.66 -32.16
N CYS D 311 22.34 23.76 -31.10
CA CYS D 311 21.90 22.59 -30.36
C CYS D 311 20.63 22.01 -30.91
N GLY D 312 20.55 20.69 -30.92
CA GLY D 312 19.37 20.00 -31.33
C GLY D 312 18.45 19.47 -30.23
N CYS D 313 18.67 19.84 -28.99
CA CYS D 313 17.88 19.30 -27.89
C CYS D 313 16.42 19.78 -27.92
N TYR D 314 15.58 19.13 -27.10
CA TYR D 314 14.18 19.41 -27.03
C TYR D 314 13.94 20.89 -26.73
N THR D 315 14.75 21.42 -25.84
CA THR D 315 14.64 22.79 -25.41
C THR D 315 14.89 23.75 -26.52
N CYS D 316 15.98 23.58 -27.23
CA CYS D 316 16.38 24.51 -28.30
C CYS D 316 15.52 24.37 -29.56
N LYS D 317 14.94 23.20 -29.76
CA LYS D 317 14.00 22.97 -30.83
C LYS D 317 12.65 23.70 -30.67
N ASN D 318 12.18 23.86 -29.43
CA ASN D 318 10.81 24.21 -29.19
C ASN D 318 10.51 25.54 -28.50
N PHE D 319 11.51 26.18 -27.89
CA PHE D 319 11.27 27.31 -27.00
C PHE D 319 12.25 28.46 -27.21
N THR D 320 11.80 29.67 -26.89
CA THR D 320 12.62 30.84 -26.92
C THR D 320 13.23 31.21 -25.59
N ARG D 321 14.26 32.05 -25.67
CA ARG D 321 14.88 32.63 -24.49
C ARG D 321 13.90 33.50 -23.69
N SER D 322 13.05 34.22 -24.40
CA SER D 322 11.85 34.85 -23.80
C SER D 322 10.94 33.90 -22.98
N TYR D 323 10.56 32.72 -23.49
CA TYR D 323 9.69 31.83 -22.76
C TYR D 323 10.39 31.31 -21.52
N ILE D 324 11.68 30.97 -21.62
CA ILE D 324 12.38 30.33 -20.51
C ILE D 324 12.66 31.39 -19.44
N HIS D 325 13.03 32.59 -19.87
CA HIS D 325 13.12 33.76 -18.97
C HIS D 325 11.83 34.02 -18.19
N HIS D 326 10.70 33.92 -18.87
CA HIS D 326 9.40 34.04 -18.26
C HIS D 326 9.19 32.97 -17.19
N LEU D 327 9.49 31.73 -17.53
CA LEU D 327 9.32 30.64 -16.60
C LEU D 327 10.09 30.85 -15.29
N PHE D 328 11.35 31.29 -15.38
CA PHE D 328 12.16 31.57 -14.18
C PHE D 328 11.60 32.76 -13.41
N ASP D 329 11.18 33.78 -14.15
CA ASP D 329 10.45 34.92 -13.60
C ASP D 329 9.23 34.54 -12.72
N ARG D 330 8.46 33.55 -13.16
CA ARG D 330 7.27 33.15 -12.49
C ARG D 330 7.48 32.00 -11.51
N GLY D 331 8.73 31.61 -11.28
CA GLY D 331 9.05 30.54 -10.37
C GLY D 331 8.67 29.16 -10.87
N GLU D 332 8.61 28.96 -12.18
CA GLU D 332 8.15 27.72 -12.74
C GLU D 332 9.31 26.76 -12.86
N VAL D 333 9.15 25.59 -12.22
CA VAL D 333 10.17 24.57 -12.18
C VAL D 333 10.42 24.04 -13.58
N LEU D 334 9.44 24.17 -14.48
CA LEU D 334 9.70 23.83 -15.88
C LEU D 334 10.94 24.52 -16.53
N GLY D 335 11.21 25.77 -16.16
CA GLY D 335 12.38 26.47 -16.62
C GLY D 335 13.64 25.71 -16.27
N GLN D 336 13.71 25.21 -15.03
CA GLN D 336 14.84 24.44 -14.56
C GLN D 336 14.98 23.10 -15.29
N ILE D 337 13.86 22.44 -15.55
CA ILE D 337 13.80 21.18 -16.26
C ILE D 337 14.34 21.39 -17.71
N LEU D 338 13.87 22.43 -18.37
CA LEU D 338 14.31 22.71 -19.74
C LEU D 338 15.79 23.04 -19.83
N LEU D 339 16.31 23.84 -18.91
CA LEU D 339 17.72 24.11 -18.91
C LEU D 339 18.58 22.91 -18.50
N THR D 340 18.11 22.06 -17.59
CA THR D 340 18.82 20.83 -17.26
C THR D 340 18.96 19.92 -18.48
N ILE D 341 17.86 19.73 -19.21
CA ILE D 341 17.86 19.02 -20.49
C ILE D 341 18.88 19.58 -21.47
N HIS D 342 18.88 20.88 -21.69
CA HIS D 342 19.81 21.48 -22.58
C HIS D 342 21.27 21.36 -22.11
N ASN D 343 21.56 21.61 -20.84
CA ASN D 343 22.91 21.58 -20.33
C ASN D 343 23.53 20.19 -20.42
N ILE D 344 22.73 19.17 -20.17
CA ILE D 344 23.21 17.80 -20.31
C ILE D 344 23.41 17.44 -21.76
N ASN D 345 22.48 17.85 -22.62
CA ASN D 345 22.71 17.70 -24.07
C ASN D 345 24.04 18.34 -24.50
N PHE D 346 24.31 19.54 -23.99
CA PHE D 346 25.51 20.28 -24.34
C PHE D 346 26.77 19.54 -23.91
N MET D 347 26.78 19.02 -22.69
CA MET D 347 27.93 18.28 -22.18
C MET D 347 28.26 17.01 -22.95
N ILE D 348 27.23 16.22 -23.27
CA ILE D 348 27.42 15.00 -24.05
C ILE D 348 27.87 15.41 -25.47
N SER D 349 27.26 16.45 -26.02
CA SER D 349 27.65 16.96 -27.32
C SER D 349 29.14 17.45 -27.38
N LEU D 350 29.54 18.22 -26.37
CA LEU D 350 30.92 18.71 -26.21
C LEU D 350 31.88 17.53 -26.29
N MET D 351 31.56 16.45 -25.59
CA MET D 351 32.47 15.31 -25.52
C MET D 351 32.50 14.56 -26.82
N LYS D 352 31.38 14.46 -27.54
CA LYS D 352 31.34 13.84 -28.88
C LYS D 352 32.21 14.60 -29.90
N GLU D 353 32.21 15.92 -29.80
CA GLU D 353 33.04 16.78 -30.62
C GLU D 353 34.52 16.66 -30.28
N VAL D 354 34.82 16.52 -29.00
CA VAL D 354 36.16 16.20 -28.55
C VAL D 354 36.64 14.91 -29.20
N ARG D 355 35.82 13.86 -29.12
CA ARG D 355 36.16 12.58 -29.74
C ARG D 355 36.33 12.70 -31.25
N ARG D 356 35.46 13.45 -31.91
CA ARG D 356 35.56 13.65 -33.34
C ARG D 356 36.84 14.38 -33.72
N SER D 357 37.22 15.37 -32.92
CA SER D 357 38.40 16.19 -33.21
C SER D 357 39.73 15.46 -32.98
N ILE D 358 39.73 14.46 -32.10
CA ILE D 358 40.89 13.59 -31.91
C ILE D 358 41.02 12.71 -33.17
N GLU D 359 39.92 12.08 -33.56
CA GLU D 359 39.84 11.31 -34.81
C GLU D 359 40.38 12.11 -36.00
N SER D 360 39.88 13.34 -36.18
CA SER D 360 40.28 14.18 -37.31
C SER D 360 41.54 15.05 -37.12
N GLY D 361 42.06 15.14 -35.90
CA GLY D 361 43.27 15.91 -35.64
C GLY D 361 43.05 17.40 -35.55
N THR D 362 41.79 17.81 -35.36
CA THR D 362 41.44 19.22 -35.16
C THR D 362 41.30 19.56 -33.66
N PHE D 363 41.78 18.69 -32.77
CA PHE D 363 41.51 18.85 -31.33
C PHE D 363 41.99 20.18 -30.76
N LYS D 364 43.17 20.64 -31.16
CA LYS D 364 43.63 21.92 -30.67
C LYS D 364 42.62 23.08 -30.95
N GLU D 365 41.98 23.08 -32.13
CA GLU D 365 41.07 24.14 -32.57
C GLU D 365 39.81 24.10 -31.73
N LEU D 366 39.29 22.90 -31.56
CA LEU D 366 38.18 22.70 -30.63
C LEU D 366 38.58 23.27 -29.29
N LYS D 367 39.74 22.85 -28.77
CA LYS D 367 40.20 23.29 -27.46
C LYS D 367 40.26 24.80 -27.36
N SER D 368 40.81 25.44 -28.40
CA SER D 368 40.95 26.88 -28.42
C SER D 368 39.59 27.59 -28.48
N LYS D 369 38.66 27.03 -29.24
CA LYS D 369 37.28 27.53 -29.32
C LYS D 369 36.55 27.40 -27.97
N VAL D 370 36.73 26.28 -27.26
CA VAL D 370 36.07 26.11 -25.96
C VAL D 370 36.72 26.99 -24.91
N VAL D 371 38.05 26.98 -24.84
CA VAL D 371 38.77 27.81 -23.88
C VAL D 371 38.48 29.32 -24.05
N GLU D 372 38.22 29.75 -25.28
CA GLU D 372 37.86 31.13 -25.57
C GLU D 372 36.54 31.58 -24.92
N VAL D 373 35.55 30.71 -24.81
CA VAL D 373 34.24 31.13 -24.28
C VAL D 373 33.97 30.62 -22.86
N TYR D 374 34.83 29.75 -22.30
CA TYR D 374 34.70 29.32 -20.89
C TYR D 374 35.92 29.67 -20.04
N SER D 375 35.73 29.78 -18.72
CA SER D 375 36.86 30.14 -17.82
C SER D 375 36.68 29.71 -16.35
#